data_9NWQ
#
_entry.id   9NWQ
#
_cell.length_a   1.00
_cell.length_b   1.00
_cell.length_c   1.00
_cell.angle_alpha   90.00
_cell.angle_beta   90.00
_cell.angle_gamma   90.00
#
_symmetry.space_group_name_H-M   'P 1'
#
_entity_poly.entity_id   1
_entity_poly.type   'polypeptide(L)'
_entity_poly.pdbx_seq_one_letter_code
;VVLRVVTVLEEPFVMVSENVLGKPKKYQGFSIDVLDALSNYLGFNYEIYVAPDHKYGSPQEDGTWNGLVGELVFKRADIG
ISALTITPDRENVVDFTTRYMDYSVGVLLRRAEKTVDMFACLAPFDLSLWACIAGTVLLVGLLVYLLNWLNPPRLQMGSM
TSTTLYNSMWFVYGSFVQQGGEVPYTTLATRMMMGAWWLFALIVISSYTANLAAFLTITRIESSIQSLQDLSKQTEIPYG
TVLDSAVYEHVRMKGLNPFERDSMYSQMWRMINRSNGSENNVLESQAGIQKVKYGNYAFVWDAAVLEYVAINDPDCSFYT
IGNTVADRGYGIALQHGSPYRDVFSQRILELQQNGDMDILKHKWWPKNGQCDLYSSVDTKQKGGALDIKSFAGVFCILAA
GIVLSCFIAMLETWWNKRKGSR
;
_entity_poly.pdbx_strand_id   A,B,C,D
#
# COMPACT_ATOMS: atom_id res chain seq x y z
N VAL A 1 5.91 -30.65 55.41
CA VAL A 1 6.48 -29.37 55.03
C VAL A 1 5.38 -28.32 54.95
N VAL A 2 5.67 -27.11 55.46
CA VAL A 2 4.75 -26.00 55.38
C VAL A 2 5.51 -24.78 54.87
N LEU A 3 4.89 -24.07 53.92
CA LEU A 3 5.47 -22.87 53.33
C LEU A 3 4.44 -21.75 53.37
N ARG A 4 4.89 -20.54 53.61
CA ARG A 4 4.01 -19.39 53.78
C ARG A 4 3.94 -18.61 52.47
N VAL A 5 2.73 -18.54 51.89
CA VAL A 5 2.51 -17.91 50.60
C VAL A 5 1.82 -16.58 50.81
N VAL A 6 2.33 -15.53 50.18
CA VAL A 6 1.65 -14.25 50.07
C VAL A 6 1.06 -14.15 48.67
N THR A 7 -0.12 -13.54 48.57
CA THR A 7 -0.81 -13.40 47.30
C THR A 7 -1.48 -12.03 47.22
N VAL A 8 -1.94 -11.69 46.02
CA VAL A 8 -2.75 -10.50 45.79
C VAL A 8 -4.01 -10.92 45.06
N LEU A 9 -5.17 -10.49 45.58
CA LEU A 9 -6.45 -10.85 44.97
C LEU A 9 -6.57 -10.20 43.60
N GLU A 10 -6.68 -11.02 42.57
CA GLU A 10 -6.67 -10.55 41.19
C GLU A 10 -7.53 -11.45 40.34
N GLU A 11 -8.16 -10.88 39.32
CA GLU A 11 -9.02 -11.67 38.44
C GLU A 11 -8.18 -12.79 37.81
N PRO A 12 -8.76 -13.64 36.94
CA PRO A 12 -8.69 -15.09 37.17
C PRO A 12 -7.65 -15.62 38.13
N PHE A 13 -6.42 -15.07 38.14
CA PHE A 13 -5.30 -15.72 38.81
C PHE A 13 -5.62 -16.08 40.26
N VAL A 14 -6.19 -15.14 41.03
CA VAL A 14 -6.50 -15.41 42.43
C VAL A 14 -7.81 -14.75 42.83
N MET A 15 -8.86 -15.55 43.03
CA MET A 15 -10.15 -15.02 43.42
C MET A 15 -10.71 -15.82 44.58
N VAL A 16 -11.68 -15.20 45.28
CA VAL A 16 -12.28 -15.82 46.44
C VAL A 16 -13.12 -17.02 46.02
N SER A 17 -13.13 -18.06 46.86
CA SER A 17 -13.95 -19.25 46.61
C SER A 17 -14.84 -19.65 47.78
N GLU A 18 -14.58 -19.19 48.99
CA GLU A 18 -15.46 -19.47 50.12
C GLU A 18 -15.47 -18.28 51.07
N ASN A 19 -16.63 -18.04 51.70
CA ASN A 19 -16.79 -16.96 52.64
C ASN A 19 -17.43 -17.47 53.93
N VAL A 20 -16.96 -16.96 55.07
CA VAL A 20 -17.54 -17.26 56.37
C VAL A 20 -17.65 -15.96 57.15
N LEU A 21 -18.83 -15.73 57.75
CA LEU A 21 -19.12 -14.50 58.49
C LEU A 21 -18.84 -13.26 57.65
N GLY A 22 -19.07 -13.36 56.34
CA GLY A 22 -18.81 -12.25 55.45
C GLY A 22 -17.36 -12.03 55.07
N LYS A 23 -16.46 -12.91 55.50
CA LYS A 23 -15.05 -12.77 55.22
C LYS A 23 -14.55 -13.94 54.38
N PRO A 24 -13.60 -13.71 53.47
CA PRO A 24 -13.11 -14.80 52.63
C PRO A 24 -12.30 -15.82 53.42
N LYS A 25 -12.45 -17.09 53.04
CA LYS A 25 -11.80 -18.19 53.72
C LYS A 25 -10.90 -19.03 52.82
N LYS A 26 -11.21 -19.09 51.52
CA LYS A 26 -10.42 -19.87 50.57
C LYS A 26 -10.32 -19.08 49.27
N TYR A 27 -9.39 -19.48 48.42
CA TYR A 27 -9.18 -18.82 47.14
C TYR A 27 -9.13 -19.85 46.02
N GLN A 28 -9.43 -19.36 44.81
CA GLN A 28 -9.38 -20.17 43.60
C GLN A 28 -8.80 -19.33 42.48
N GLY A 29 -8.28 -20.00 41.47
CA GLY A 29 -7.74 -19.30 40.32
C GLY A 29 -6.68 -20.13 39.61
N PHE A 30 -6.32 -19.65 38.41
CA PHE A 30 -5.31 -20.35 37.62
C PHE A 30 -3.98 -20.42 38.35
N SER A 31 -3.59 -19.33 39.03
CA SER A 31 -2.38 -19.37 39.83
C SER A 31 -2.56 -20.28 41.03
N ILE A 32 -3.76 -20.32 41.59
CA ILE A 32 -4.07 -21.25 42.68
C ILE A 32 -4.00 -22.68 42.18
N ASP A 33 -4.54 -22.94 40.98
CA ASP A 33 -4.43 -24.26 40.37
C ASP A 33 -2.98 -24.68 40.12
N VAL A 34 -2.12 -23.74 39.70
CA VAL A 34 -0.69 -24.04 39.57
C VAL A 34 -0.06 -24.32 40.93
N LEU A 35 -0.36 -23.48 41.92
CA LEU A 35 0.17 -23.70 43.27
C LEU A 35 -0.23 -25.07 43.82
N ASP A 36 -1.48 -25.47 43.62
CA ASP A 36 -1.93 -26.80 44.03
C ASP A 36 -1.29 -27.92 43.21
N ALA A 37 -1.11 -27.73 41.91
CA ALA A 37 -0.40 -28.71 41.10
C ALA A 37 1.04 -28.90 41.53
N LEU A 38 1.67 -27.84 42.05
CA LEU A 38 2.98 -27.98 42.67
C LEU A 38 2.88 -28.67 44.03
N SER A 39 2.01 -28.18 44.92
CA SER A 39 1.87 -28.71 46.27
C SER A 39 1.57 -30.21 46.28
N ASN A 40 0.68 -30.66 45.38
CA ASN A 40 0.31 -32.07 45.33
C ASN A 40 1.44 -32.96 44.82
N TYR A 41 2.47 -32.40 44.20
CA TYR A 41 3.63 -33.20 43.88
C TYR A 41 4.70 -33.10 44.97
N LEU A 42 4.98 -31.89 45.46
CA LEU A 42 6.04 -31.68 46.43
C LEU A 42 5.60 -31.98 47.85
N GLY A 43 4.30 -32.07 48.12
CA GLY A 43 3.78 -32.49 49.40
C GLY A 43 3.63 -31.39 50.43
N PHE A 44 4.12 -30.19 50.17
CA PHE A 44 4.02 -29.10 51.14
C PHE A 44 2.62 -28.52 51.17
N ASN A 45 2.08 -28.35 52.37
CA ASN A 45 0.92 -27.49 52.58
C ASN A 45 1.37 -26.04 52.68
N TYR A 46 0.38 -25.12 52.69
CA TYR A 46 0.72 -23.71 52.71
C TYR A 46 -0.31 -22.92 53.50
N GLU A 47 0.15 -21.78 54.01
CA GLU A 47 -0.70 -20.65 54.36
C GLU A 47 -0.80 -19.68 53.19
N ILE A 48 -1.96 -19.05 53.03
CA ILE A 48 -2.14 -17.93 52.12
C ILE A 48 -2.67 -16.74 52.91
N TYR A 49 -2.14 -15.55 52.61
CA TYR A 49 -2.74 -14.30 53.04
C TYR A 49 -2.58 -13.26 51.93
N VAL A 50 -3.55 -12.37 51.86
CA VAL A 50 -3.51 -11.24 50.93
C VAL A 50 -2.56 -10.17 51.47
N ALA A 51 -1.74 -9.61 50.59
CA ALA A 51 -0.80 -8.57 50.98
C ALA A 51 -1.55 -7.38 51.59
N PRO A 52 -1.01 -6.76 52.64
CA PRO A 52 -1.81 -5.77 53.40
C PRO A 52 -2.15 -4.52 52.61
N ASP A 53 -1.40 -4.17 51.57
CA ASP A 53 -1.70 -2.99 50.77
C ASP A 53 -2.29 -3.33 49.40
N HIS A 54 -2.59 -4.62 49.15
CA HIS A 54 -3.42 -5.04 48.03
C HIS A 54 -2.82 -4.65 46.68
N LYS A 55 -1.49 -4.52 46.62
CA LYS A 55 -0.81 -4.24 45.36
C LYS A 55 0.48 -5.06 45.29
N TYR A 56 0.96 -5.23 44.05
CA TYR A 56 2.10 -6.11 43.82
C TYR A 56 3.35 -5.58 44.51
N GLY A 57 3.54 -4.27 44.49
CA GLY A 57 4.65 -3.67 45.21
C GLY A 57 5.48 -2.72 44.37
N SER A 58 6.22 -1.84 45.03
CA SER A 58 7.03 -0.84 44.35
C SER A 58 8.14 -0.41 45.30
N PRO A 59 9.24 0.13 44.79
CA PRO A 59 10.31 0.59 45.67
C PRO A 59 9.95 1.90 46.34
N GLN A 60 10.24 1.98 47.63
CA GLN A 60 10.07 3.22 48.38
C GLN A 60 11.23 4.18 48.10
N GLU A 61 11.02 5.44 48.46
CA GLU A 61 12.07 6.45 48.29
C GLU A 61 13.29 6.17 49.14
N ASP A 62 13.13 5.42 50.23
CA ASP A 62 14.26 5.01 51.06
C ASP A 62 14.96 3.75 50.52
N GLY A 63 14.50 3.21 49.40
CA GLY A 63 15.09 2.03 48.81
C GLY A 63 14.52 0.71 49.29
N THR A 64 13.62 0.73 50.28
CA THR A 64 12.86 -0.46 50.62
C THR A 64 11.75 -0.68 49.60
N TRP A 65 11.01 -1.78 49.76
CA TRP A 65 9.95 -2.15 48.85
C TRP A 65 8.66 -2.37 49.63
N ASN A 66 7.54 -1.96 49.04
CA ASN A 66 6.22 -2.20 49.59
C ASN A 66 5.55 -3.36 48.86
N GLY A 67 4.30 -3.62 49.23
CA GLY A 67 3.50 -4.64 48.58
C GLY A 67 3.95 -6.06 48.89
N LEU A 68 3.41 -6.99 48.10
CA LEU A 68 3.85 -8.38 48.15
C LEU A 68 5.35 -8.51 47.98
N VAL A 69 5.94 -7.70 47.08
CA VAL A 69 7.39 -7.71 46.96
C VAL A 69 8.03 -7.31 48.28
N GLY A 70 7.50 -6.27 48.93
CA GLY A 70 7.99 -5.90 50.25
C GLY A 70 7.90 -7.04 51.26
N GLU A 71 6.80 -7.80 51.19
CA GLU A 71 6.59 -8.95 52.08
C GLU A 71 7.58 -10.07 51.79
N LEU A 72 8.10 -10.14 50.56
CA LEU A 72 9.18 -11.08 50.27
C LEU A 72 10.55 -10.55 50.67
N VAL A 73 10.82 -9.27 50.42
CA VAL A 73 12.10 -8.69 50.79
C VAL A 73 12.32 -8.73 52.30
N PHE A 74 11.27 -8.43 53.07
CA PHE A 74 11.36 -8.50 54.53
C PHE A 74 11.21 -9.91 55.07
N LYS A 75 11.19 -10.91 54.19
CA LYS A 75 11.09 -12.32 54.59
C LYS A 75 9.87 -12.60 55.45
N ARG A 76 8.80 -11.84 55.23
CA ARG A 76 7.56 -12.06 55.95
C ARG A 76 6.79 -13.26 55.43
N ALA A 77 7.02 -13.65 54.18
CA ALA A 77 6.43 -14.85 53.59
C ALA A 77 7.51 -15.65 52.88
N ASP A 78 7.23 -16.95 52.71
CA ASP A 78 8.18 -17.82 52.02
C ASP A 78 8.07 -17.68 50.50
N ILE A 79 6.84 -17.60 49.98
CA ILE A 79 6.60 -17.68 48.55
C ILE A 79 5.58 -16.62 48.15
N GLY A 80 5.80 -15.98 47.01
CA GLY A 80 4.84 -15.06 46.44
C GLY A 80 4.30 -15.57 45.12
N ILE A 81 2.98 -15.58 44.95
CA ILE A 81 2.37 -15.95 43.68
C ILE A 81 1.17 -15.06 43.41
N SER A 82 1.12 -14.48 42.21
CA SER A 82 0.04 -13.64 41.74
C SER A 82 0.23 -13.41 40.24
N ALA A 83 -0.46 -12.42 39.67
CA ALA A 83 -0.10 -11.96 38.35
C ALA A 83 1.12 -11.05 38.43
N LEU A 84 2.16 -11.51 39.14
CA LEU A 84 3.39 -10.76 39.35
C LEU A 84 4.24 -10.84 38.10
N THR A 85 4.24 -9.77 37.30
CA THR A 85 5.02 -9.77 36.07
C THR A 85 6.51 -9.72 36.40
N ILE A 86 7.29 -10.55 35.71
CA ILE A 86 8.73 -10.58 35.92
C ILE A 86 9.35 -9.30 35.37
N THR A 87 10.12 -8.62 36.21
CA THR A 87 10.81 -7.39 35.85
C THR A 87 12.18 -7.38 36.50
N PRO A 88 13.17 -6.70 35.88
CA PRO A 88 14.55 -6.80 36.40
C PRO A 88 14.73 -6.17 37.77
N ASP A 89 14.09 -5.03 38.03
CA ASP A 89 14.15 -4.43 39.36
C ASP A 89 13.65 -5.37 40.44
N ARG A 90 12.65 -6.20 40.13
CA ARG A 90 12.21 -7.21 41.09
C ARG A 90 13.23 -8.33 41.23
N GLU A 91 13.80 -8.81 40.12
CA GLU A 91 14.79 -9.88 40.24
C GLU A 91 16.03 -9.43 40.99
N ASN A 92 16.28 -8.12 41.07
CA ASN A 92 17.39 -7.61 41.88
C ASN A 92 17.13 -7.70 43.37
N VAL A 93 15.90 -8.02 43.80
CA VAL A 93 15.60 -8.05 45.23
C VAL A 93 14.93 -9.38 45.62
N VAL A 94 14.42 -10.11 44.63
CA VAL A 94 13.87 -11.45 44.85
C VAL A 94 14.29 -12.34 43.71
N ASP A 95 14.16 -13.65 43.93
CA ASP A 95 14.46 -14.64 42.90
C ASP A 95 13.17 -15.13 42.26
N PHE A 96 13.19 -15.25 40.94
CA PHE A 96 12.03 -15.69 40.16
C PHE A 96 12.23 -17.11 39.64
N THR A 97 11.16 -17.89 39.69
CA THR A 97 11.11 -19.15 38.96
C THR A 97 10.99 -18.89 37.46
N THR A 98 11.27 -19.92 36.68
CA THR A 98 11.06 -19.85 35.25
C THR A 98 9.59 -19.54 34.96
N ARG A 99 9.37 -18.64 34.00
CA ARG A 99 8.02 -18.12 33.76
C ARG A 99 7.09 -19.24 33.29
N TYR A 100 5.89 -19.29 33.90
CA TYR A 100 4.95 -20.36 33.62
C TYR A 100 3.84 -19.95 32.65
N MET A 101 3.62 -18.65 32.45
CA MET A 101 2.62 -18.19 31.51
C MET A 101 3.10 -16.89 30.88
N ASP A 102 2.79 -16.72 29.59
CA ASP A 102 3.29 -15.59 28.83
C ASP A 102 2.43 -14.35 29.07
N TYR A 103 3.10 -13.20 29.17
CA TYR A 103 2.42 -11.92 29.27
C TYR A 103 2.05 -11.42 27.87
N SER A 104 1.07 -10.53 27.83
CA SER A 104 0.66 -9.91 26.57
C SER A 104 -0.24 -8.71 26.79
N VAL A 105 0.08 -7.60 26.14
CA VAL A 105 -0.79 -6.43 26.10
C VAL A 105 -1.86 -6.64 25.05
N GLY A 106 -3.13 -6.61 25.46
CA GLY A 106 -4.25 -6.81 24.56
C GLY A 106 -5.29 -5.71 24.70
N VAL A 107 -6.34 -5.83 23.89
CA VAL A 107 -7.40 -4.84 23.79
C VAL A 107 -8.74 -5.57 23.80
N LEU A 108 -9.73 -4.97 24.46
CA LEU A 108 -11.11 -5.45 24.43
C LEU A 108 -11.95 -4.54 23.55
N LEU A 109 -12.71 -5.15 22.63
CA LEU A 109 -13.49 -4.41 21.65
C LEU A 109 -14.91 -4.96 21.62
N ARG A 110 -15.87 -4.08 21.34
CA ARG A 110 -17.22 -4.50 21.03
C ARG A 110 -17.37 -4.88 19.57
N ARG A 111 -18.17 -5.90 19.31
CA ARG A 111 -18.40 -6.39 17.95
C ARG A 111 -19.19 -5.39 17.12
N ALA A 112 -18.99 -5.44 15.80
CA ALA A 112 -19.71 -4.56 14.90
C ALA A 112 -20.16 -5.24 13.61
N GLU A 113 -20.00 -6.57 13.48
CA GLU A 113 -20.45 -7.36 12.35
C GLU A 113 -19.71 -7.04 11.05
N LYS A 114 -19.56 -8.05 10.19
CA LYS A 114 -19.07 -7.88 8.83
C LYS A 114 -20.17 -7.96 7.78
N THR A 115 -21.43 -8.04 8.20
CA THR A 115 -22.52 -8.30 7.27
C THR A 115 -22.65 -7.17 6.24
N VAL A 116 -22.94 -7.57 5.00
CA VAL A 116 -23.12 -6.61 3.92
C VAL A 116 -24.39 -5.80 4.14
N ASP A 117 -24.41 -4.58 3.61
CA ASP A 117 -25.59 -3.74 3.67
C ASP A 117 -26.78 -4.41 2.98
N MET A 118 -27.97 -4.13 3.49
CA MET A 118 -29.20 -4.69 2.92
C MET A 118 -29.39 -4.28 1.46
N PHE A 119 -28.99 -3.06 1.11
CA PHE A 119 -29.35 -2.45 -0.17
C PHE A 119 -28.12 -2.01 -0.94
N ALA A 120 -27.13 -2.89 -1.05
CA ALA A 120 -25.85 -2.53 -1.66
C ALA A 120 -25.98 -2.09 -3.11
N CYS A 121 -27.07 -2.42 -3.79
CA CYS A 121 -27.28 -1.95 -5.15
C CYS A 121 -27.52 -0.46 -5.24
N LEU A 122 -27.97 0.17 -4.16
CA LEU A 122 -28.23 1.60 -4.18
C LEU A 122 -26.97 2.44 -4.14
N ALA A 123 -25.86 1.87 -3.68
CA ALA A 123 -24.64 2.60 -3.37
C ALA A 123 -24.10 3.48 -4.50
N PRO A 124 -24.10 3.05 -5.77
CA PRO A 124 -23.43 3.87 -6.80
C PRO A 124 -24.01 5.26 -6.96
N PHE A 125 -25.32 5.45 -6.76
CA PHE A 125 -25.97 6.73 -6.94
C PHE A 125 -26.64 7.15 -5.65
N ASP A 126 -26.57 8.45 -5.35
CA ASP A 126 -27.23 8.98 -4.17
C ASP A 126 -28.75 8.84 -4.32
N LEU A 127 -29.42 8.70 -3.18
CA LEU A 127 -30.88 8.52 -3.19
C LEU A 127 -31.59 9.71 -3.83
N SER A 128 -30.96 10.88 -3.79
CA SER A 128 -31.48 12.05 -4.50
C SER A 128 -31.21 11.97 -5.99
N LEU A 129 -30.13 11.31 -6.39
CA LEU A 129 -29.83 11.19 -7.81
C LEU A 129 -30.74 10.18 -8.48
N TRP A 130 -31.10 9.10 -7.81
CA TRP A 130 -32.10 8.18 -8.36
C TRP A 130 -33.42 8.89 -8.61
N ALA A 131 -33.82 9.79 -7.69
CA ALA A 131 -35.01 10.60 -7.87
C ALA A 131 -34.88 11.56 -9.04
N CYS A 132 -33.69 12.15 -9.22
CA CYS A 132 -33.48 13.04 -10.35
C CYS A 132 -33.52 12.28 -11.67
N ILE A 133 -32.96 11.06 -11.70
CA ILE A 133 -33.01 10.26 -12.92
C ILE A 133 -34.46 9.89 -13.24
N ALA A 134 -35.21 9.39 -12.24
CA ALA A 134 -36.60 9.03 -12.50
C ALA A 134 -37.40 10.23 -13.01
N GLY A 135 -37.18 11.40 -12.41
CA GLY A 135 -37.87 12.59 -12.89
C GLY A 135 -37.44 12.96 -14.30
N THR A 136 -36.17 12.70 -14.63
CA THR A 136 -35.70 13.00 -15.97
C THR A 136 -36.34 12.08 -16.99
N VAL A 137 -36.56 10.82 -16.61
CA VAL A 137 -37.31 9.91 -17.47
C VAL A 137 -38.71 10.44 -17.71
N LEU A 138 -39.37 10.88 -16.63
CA LEU A 138 -40.76 11.30 -16.77
C LEU A 138 -40.87 12.58 -17.60
N LEU A 139 -39.87 13.45 -17.46
CA LEU A 139 -39.80 14.65 -18.28
C LEU A 139 -39.62 14.30 -19.75
N VAL A 140 -38.62 13.49 -20.08
CA VAL A 140 -38.39 13.15 -21.48
C VAL A 140 -39.61 12.47 -22.07
N GLY A 141 -40.30 11.62 -21.28
CA GLY A 141 -41.52 10.98 -21.74
C GLY A 141 -42.68 11.92 -21.97
N LEU A 142 -42.70 13.07 -21.31
CA LEU A 142 -43.74 14.07 -21.54
C LEU A 142 -43.37 15.00 -22.71
N LEU A 143 -42.12 15.46 -22.69
CA LEU A 143 -41.58 16.27 -23.78
C LEU A 143 -41.72 15.58 -25.13
N VAL A 144 -41.39 14.29 -25.22
CA VAL A 144 -41.55 13.58 -26.48
C VAL A 144 -42.97 13.69 -27.05
N TYR A 145 -43.98 13.75 -26.19
CA TYR A 145 -45.35 13.92 -26.70
C TYR A 145 -45.66 15.37 -27.06
N LEU A 146 -45.17 16.32 -26.28
CA LEU A 146 -45.39 17.71 -26.68
C LEU A 146 -44.62 18.05 -27.96
N LEU A 147 -43.44 17.46 -28.14
CA LEU A 147 -42.72 17.55 -29.40
C LEU A 147 -43.50 16.91 -30.54
N ASN A 148 -44.08 15.73 -30.31
CA ASN A 148 -44.82 15.09 -31.39
C ASN A 148 -46.15 15.77 -31.70
N TRP A 149 -46.58 16.74 -30.89
CA TRP A 149 -47.84 17.39 -31.24
C TRP A 149 -47.65 18.35 -32.41
N LEU A 150 -46.62 19.19 -32.35
CA LEU A 150 -46.34 20.14 -33.43
C LEU A 150 -45.93 19.46 -34.72
N ASN A 151 -45.25 18.32 -34.65
CA ASN A 151 -44.54 17.75 -35.80
C ASN A 151 -45.05 16.35 -36.09
N PRO A 152 -46.22 16.22 -36.69
CA PRO A 152 -46.68 14.92 -37.15
C PRO A 152 -45.98 14.53 -38.44
N PRO A 153 -45.39 13.33 -38.49
CA PRO A 153 -45.00 12.77 -39.78
C PRO A 153 -46.23 12.49 -40.63
N ARG A 154 -46.03 12.46 -41.95
CA ARG A 154 -47.14 12.11 -42.83
C ARG A 154 -47.45 10.63 -42.69
N LEU A 155 -48.04 10.27 -41.56
CA LEU A 155 -48.33 8.88 -41.22
C LEU A 155 -49.45 8.32 -42.10
N GLN A 156 -49.53 6.99 -42.14
CA GLN A 156 -50.67 6.33 -42.74
C GLN A 156 -51.91 6.55 -41.89
N MET A 157 -53.03 6.83 -42.55
CA MET A 157 -54.26 7.21 -41.86
C MET A 157 -54.72 6.10 -40.93
N GLY A 158 -54.91 6.44 -39.65
CA GLY A 158 -55.43 5.52 -38.66
C GLY A 158 -54.51 4.39 -38.28
N SER A 159 -53.25 4.42 -38.70
CA SER A 159 -52.33 3.32 -38.42
C SER A 159 -52.07 3.21 -36.92
N MET A 160 -51.99 1.98 -36.43
CA MET A 160 -51.62 1.75 -35.03
C MET A 160 -50.22 2.24 -34.72
N THR A 161 -49.35 2.34 -35.73
CA THR A 161 -47.99 2.83 -35.55
C THR A 161 -47.94 4.31 -35.21
N SER A 162 -49.08 5.00 -35.17
CA SER A 162 -49.09 6.41 -34.81
C SER A 162 -48.59 6.60 -33.38
N THR A 163 -48.02 7.77 -33.13
CA THR A 163 -47.39 8.09 -31.84
C THR A 163 -48.48 8.41 -30.83
N THR A 164 -48.92 7.38 -30.10
CA THR A 164 -49.94 7.56 -29.08
C THR A 164 -49.37 8.22 -27.84
N LEU A 165 -50.27 8.82 -27.06
CA LEU A 165 -49.89 9.43 -25.79
C LEU A 165 -49.22 8.43 -24.85
N TYR A 166 -49.63 7.17 -24.92
CA TYR A 166 -49.20 6.17 -23.97
C TYR A 166 -47.85 5.57 -24.35
N ASN A 167 -47.75 5.04 -25.57
CA ASN A 167 -46.52 4.41 -26.05
C ASN A 167 -45.32 5.36 -26.04
N SER A 168 -45.56 6.66 -26.11
CA SER A 168 -44.46 7.63 -26.00
C SER A 168 -43.65 7.42 -24.72
N MET A 169 -44.31 7.09 -23.61
CA MET A 169 -43.54 6.78 -22.41
C MET A 169 -42.80 5.47 -22.57
N TRP A 170 -43.45 4.48 -23.18
CA TRP A 170 -42.93 3.12 -23.19
C TRP A 170 -41.67 3.01 -24.03
N PHE A 171 -41.60 3.75 -25.14
CA PHE A 171 -40.37 3.81 -25.93
C PHE A 171 -39.23 4.47 -25.17
N VAL A 172 -39.47 5.57 -24.49
CA VAL A 172 -38.41 6.27 -23.76
C VAL A 172 -37.90 5.43 -22.59
N TYR A 173 -38.79 4.71 -21.91
CA TYR A 173 -38.35 3.79 -20.88
C TYR A 173 -37.59 2.61 -21.47
N GLY A 174 -38.17 1.89 -22.44
CA GLY A 174 -37.54 0.69 -22.93
C GLY A 174 -36.22 0.98 -23.63
N SER A 175 -36.10 2.17 -24.21
CA SER A 175 -34.81 2.61 -24.73
C SER A 175 -33.82 2.88 -23.62
N PHE A 176 -34.25 3.55 -22.55
CA PHE A 176 -33.32 3.82 -21.45
C PHE A 176 -32.78 2.53 -20.85
N VAL A 177 -33.64 1.53 -20.64
CA VAL A 177 -33.22 0.27 -20.03
C VAL A 177 -32.63 -0.67 -21.08
N GLN A 178 -32.32 -0.13 -22.27
CA GLN A 178 -31.56 -0.82 -23.30
C GLN A 178 -32.32 -1.97 -23.94
N GLN A 179 -33.65 -1.94 -23.90
CA GLN A 179 -34.46 -3.07 -24.36
C GLN A 179 -35.49 -2.70 -25.42
N GLY A 180 -35.67 -1.42 -25.73
CA GLY A 180 -36.86 -0.97 -26.43
C GLY A 180 -36.99 -1.45 -27.86
N GLY A 181 -35.89 -1.89 -28.48
CA GLY A 181 -35.99 -2.18 -29.89
C GLY A 181 -36.10 -0.92 -30.73
N GLU A 182 -36.70 -1.09 -31.91
CA GLU A 182 -36.91 0.04 -32.82
C GLU A 182 -37.88 1.05 -32.22
N VAL A 183 -37.64 2.32 -32.52
CA VAL A 183 -38.52 3.42 -32.14
C VAL A 183 -39.12 4.01 -33.40
N PRO A 184 -40.45 4.13 -33.50
CA PRO A 184 -41.07 4.51 -34.77
C PRO A 184 -41.08 6.01 -35.02
N TYR A 185 -39.98 6.70 -34.76
CA TYR A 185 -39.88 8.14 -34.99
C TYR A 185 -39.03 8.40 -36.22
N THR A 186 -39.52 9.24 -37.11
CA THR A 186 -38.85 9.53 -38.38
C THR A 186 -38.56 11.01 -38.61
N THR A 187 -39.31 11.92 -38.00
CA THR A 187 -39.02 13.34 -38.13
C THR A 187 -37.70 13.67 -37.45
N LEU A 188 -37.07 14.77 -37.91
CA LEU A 188 -35.73 15.10 -37.42
C LEU A 188 -35.75 15.41 -35.93
N ALA A 189 -36.76 16.15 -35.47
CA ALA A 189 -36.76 16.60 -34.07
C ALA A 189 -36.67 15.43 -33.11
N THR A 190 -37.31 14.32 -33.46
CA THR A 190 -37.46 13.22 -32.52
C THR A 190 -36.45 12.10 -32.72
N ARG A 191 -35.89 11.96 -33.91
CA ARG A 191 -34.66 11.19 -34.03
C ARG A 191 -33.51 11.90 -33.32
N MET A 192 -33.45 13.23 -33.39
CA MET A 192 -32.49 13.98 -32.58
C MET A 192 -32.71 13.73 -31.10
N MET A 193 -33.97 13.83 -30.66
CA MET A 193 -34.28 13.68 -29.25
C MET A 193 -33.90 12.29 -28.76
N MET A 194 -34.38 11.25 -29.44
CA MET A 194 -34.07 9.90 -29.00
C MET A 194 -32.58 9.61 -29.09
N GLY A 195 -31.86 10.16 -30.07
CA GLY A 195 -30.43 9.95 -30.14
C GLY A 195 -29.71 10.53 -28.94
N ALA A 196 -30.15 11.71 -28.49
CA ALA A 196 -29.53 12.30 -27.31
C ALA A 196 -29.93 11.56 -26.05
N TRP A 197 -31.14 11.02 -26.03
CA TRP A 197 -31.57 10.22 -24.89
C TRP A 197 -30.78 8.91 -24.82
N TRP A 198 -30.49 8.30 -25.97
CA TRP A 198 -29.66 7.11 -26.00
C TRP A 198 -28.23 7.38 -25.55
N LEU A 199 -27.69 8.54 -25.91
CA LEU A 199 -26.39 8.95 -25.37
C LEU A 199 -26.44 9.10 -23.85
N PHE A 200 -27.46 9.80 -23.35
CA PHE A 200 -27.60 9.97 -21.91
C PHE A 200 -27.75 8.63 -21.20
N ALA A 201 -28.59 7.75 -21.74
CA ALA A 201 -28.81 6.45 -21.13
C ALA A 201 -27.52 5.64 -21.07
N LEU A 202 -26.79 5.58 -22.18
CA LEU A 202 -25.55 4.81 -22.21
C LEU A 202 -24.52 5.37 -21.21
N ILE A 203 -24.44 6.69 -21.08
CA ILE A 203 -23.51 7.28 -20.13
C ILE A 203 -23.93 6.99 -18.69
N VAL A 204 -25.23 7.09 -18.40
CA VAL A 204 -25.71 6.77 -17.05
C VAL A 204 -25.42 5.32 -16.70
N ILE A 205 -25.77 4.39 -17.59
CA ILE A 205 -25.56 2.96 -17.33
C ILE A 205 -24.07 2.66 -17.16
N SER A 206 -23.21 3.30 -17.96
CA SER A 206 -21.78 3.05 -17.79
C SER A 206 -21.31 3.57 -16.45
N SER A 207 -21.79 4.74 -16.05
CA SER A 207 -21.34 5.29 -14.78
C SER A 207 -21.85 4.48 -13.59
N TYR A 208 -23.07 3.91 -13.70
CA TYR A 208 -23.55 2.97 -12.68
C TYR A 208 -22.66 1.74 -12.59
N THR A 209 -22.38 1.11 -13.72
CA THR A 209 -21.52 -0.07 -13.71
C THR A 209 -20.14 0.25 -13.14
N ALA A 210 -19.61 1.42 -13.48
CA ALA A 210 -18.28 1.79 -13.02
C ALA A 210 -18.25 2.08 -11.53
N ASN A 211 -19.25 2.78 -10.99
CA ASN A 211 -19.14 3.13 -9.59
C ASN A 211 -19.68 2.05 -8.66
N LEU A 212 -20.48 1.11 -9.16
CA LEU A 212 -20.65 -0.16 -8.48
C LEU A 212 -19.34 -0.94 -8.44
N ALA A 213 -18.62 -0.97 -9.55
CA ALA A 213 -17.37 -1.72 -9.59
C ALA A 213 -16.33 -1.11 -8.65
N ALA A 214 -16.30 0.21 -8.55
CA ALA A 214 -15.39 0.86 -7.60
C ALA A 214 -15.83 0.67 -6.16
N PHE A 215 -17.14 0.68 -5.89
CA PHE A 215 -17.59 0.45 -4.52
C PHE A 215 -17.31 -0.97 -4.06
N LEU A 216 -17.42 -1.94 -4.96
CA LEU A 216 -16.96 -3.30 -4.68
C LEU A 216 -15.45 -3.37 -4.52
N THR A 217 -14.68 -2.81 -5.46
CA THR A 217 -13.23 -2.94 -5.42
C THR A 217 -12.59 -2.20 -4.25
N ILE A 218 -13.28 -1.24 -3.63
CA ILE A 218 -12.75 -0.62 -2.42
C ILE A 218 -12.59 -1.61 -1.28
N THR A 219 -13.15 -2.82 -1.41
CA THR A 219 -13.12 -3.78 -0.30
C THR A 219 -11.71 -4.21 0.03
N ARG A 220 -11.17 -3.62 1.10
CA ARG A 220 -10.00 -4.11 1.81
C ARG A 220 -10.24 -3.93 3.30
N ILE A 221 -11.17 -3.03 3.62
CA ILE A 221 -11.35 -2.46 4.95
C ILE A 221 -11.77 -3.49 6.00
N GLU A 222 -12.33 -4.62 5.59
CA GLU A 222 -12.65 -5.69 6.53
C GLU A 222 -11.43 -6.17 7.32
N SER A 223 -10.23 -6.00 6.78
CA SER A 223 -9.00 -6.38 7.46
C SER A 223 -8.42 -5.28 8.34
N SER A 224 -9.12 -4.14 8.48
CA SER A 224 -8.49 -2.96 9.06
C SER A 224 -8.28 -3.05 10.57
N ILE A 225 -9.02 -3.93 11.27
CA ILE A 225 -8.83 -4.06 12.70
C ILE A 225 -8.75 -5.53 13.11
N GLN A 226 -7.54 -6.09 13.11
CA GLN A 226 -7.31 -7.44 13.59
C GLN A 226 -6.07 -7.59 14.46
N SER A 227 -5.33 -6.50 14.71
CA SER A 227 -4.15 -6.56 15.56
C SER A 227 -3.80 -5.14 15.99
N LEU A 228 -2.92 -5.05 16.99
CA LEU A 228 -2.46 -3.74 17.46
C LEU A 228 -1.75 -2.97 16.36
N GLN A 229 -1.04 -3.66 15.47
CA GLN A 229 -0.42 -3.00 14.33
C GLN A 229 -1.45 -2.40 13.39
N ASP A 230 -2.71 -2.83 13.48
CA ASP A 230 -3.79 -2.25 12.71
C ASP A 230 -4.64 -1.28 13.54
N LEU A 231 -4.92 -1.62 14.79
CA LEU A 231 -5.66 -0.72 15.66
C LEU A 231 -4.92 0.60 15.86
N SER A 232 -3.59 0.58 15.79
CA SER A 232 -2.80 1.80 15.92
C SER A 232 -2.87 2.71 14.70
N LYS A 233 -3.48 2.24 13.61
CA LYS A 233 -3.61 3.04 12.40
C LYS A 233 -4.96 3.74 12.28
N GLN A 234 -6.04 3.09 12.71
CA GLN A 234 -7.35 3.73 12.67
C GLN A 234 -7.44 4.85 13.70
N THR A 235 -8.46 5.70 13.52
CA THR A 235 -8.71 6.80 14.44
C THR A 235 -10.17 6.93 14.84
N GLU A 236 -11.06 6.09 14.32
CA GLU A 236 -12.48 6.22 14.65
C GLU A 236 -12.76 5.81 16.09
N ILE A 237 -12.02 4.86 16.62
CA ILE A 237 -12.23 4.34 17.97
C ILE A 237 -11.06 4.77 18.85
N PRO A 238 -11.29 5.59 19.88
CA PRO A 238 -10.20 5.95 20.79
C PRO A 238 -9.90 4.83 21.78
N TYR A 239 -8.62 4.65 22.08
CA TYR A 239 -8.17 3.61 22.99
C TYR A 239 -7.37 4.21 24.14
N GLY A 240 -7.42 3.54 25.29
CA GLY A 240 -6.68 3.99 26.46
C GLY A 240 -6.56 2.84 27.45
N THR A 241 -5.92 3.15 28.58
CA THR A 241 -5.61 2.15 29.59
C THR A 241 -5.79 2.76 30.98
N VAL A 242 -5.52 1.95 32.00
CA VAL A 242 -5.59 2.42 33.38
C VAL A 242 -4.40 3.33 33.66
N LEU A 243 -4.67 4.49 34.25
CA LEU A 243 -3.62 5.43 34.61
C LEU A 243 -2.67 4.80 35.62
N ASP A 244 -1.41 5.24 35.58
CA ASP A 244 -0.34 4.81 36.48
C ASP A 244 -0.08 3.31 36.43
N SER A 245 -0.59 2.62 35.42
CA SER A 245 -0.40 1.17 35.32
C SER A 245 0.93 0.84 34.65
N ALA A 246 1.40 -0.37 34.90
CA ALA A 246 2.57 -0.88 34.19
C ALA A 246 2.33 -0.97 32.68
N VAL A 247 1.08 -1.12 32.27
CA VAL A 247 0.74 -1.09 30.86
C VAL A 247 0.95 0.29 30.27
N TYR A 248 0.46 1.32 30.97
CA TYR A 248 0.73 2.70 30.56
C TYR A 248 2.22 2.99 30.49
N GLU A 249 2.97 2.59 31.51
CA GLU A 249 4.42 2.81 31.50
C GLU A 249 5.10 2.04 30.37
N HIS A 250 4.62 0.84 30.05
CA HIS A 250 5.18 0.10 28.92
C HIS A 250 4.89 0.78 27.58
N VAL A 251 3.66 1.26 27.39
CA VAL A 251 3.34 2.02 26.19
C VAL A 251 4.20 3.28 26.09
N ARG A 252 4.40 3.96 27.21
CA ARG A 252 5.30 5.13 27.25
C ARG A 252 6.73 4.75 26.84
N MET A 253 7.26 3.69 27.43
CA MET A 253 8.63 3.27 27.17
C MET A 253 8.84 2.88 25.71
N LYS A 254 7.99 2.01 25.17
CA LYS A 254 8.14 1.65 23.76
C LYS A 254 7.80 2.81 22.82
N GLY A 255 6.92 3.73 23.22
CA GLY A 255 6.59 4.85 22.36
C GLY A 255 7.69 5.88 22.29
N LEU A 256 8.48 6.01 23.35
CA LEU A 256 9.61 6.93 23.38
C LEU A 256 10.90 6.30 22.89
N ASN A 257 10.84 5.08 22.35
CA ASN A 257 12.03 4.45 21.81
C ASN A 257 12.51 5.22 20.58
N PRO A 258 13.76 5.69 20.56
CA PRO A 258 14.23 6.49 19.42
C PRO A 258 14.34 5.72 18.12
N PHE A 259 14.43 4.39 18.17
CA PHE A 259 14.87 3.62 17.02
C PHE A 259 13.94 2.48 16.62
N GLU A 260 12.93 2.16 17.42
CA GLU A 260 11.99 1.10 17.05
C GLU A 260 11.26 1.45 15.76
N ARG A 261 11.38 0.56 14.77
CA ARG A 261 10.69 0.76 13.49
C ARG A 261 9.19 0.54 13.62
N ASP A 262 8.74 -0.20 14.63
CA ASP A 262 7.32 -0.45 14.86
C ASP A 262 6.68 0.82 15.41
N SER A 263 6.30 1.71 14.50
CA SER A 263 5.72 3.00 14.88
C SER A 263 4.38 2.84 15.59
N MET A 264 3.77 1.66 15.52
CA MET A 264 2.58 1.31 16.29
C MET A 264 2.56 1.92 17.69
N TYR A 265 3.63 1.68 18.46
CA TYR A 265 3.68 2.19 19.84
C TYR A 265 3.67 3.72 19.88
N SER A 266 4.36 4.36 18.95
CA SER A 266 4.34 5.82 18.87
C SER A 266 2.94 6.34 18.54
N GLN A 267 2.22 5.67 17.64
CA GLN A 267 0.86 6.10 17.31
C GLN A 267 -0.11 5.81 18.45
N MET A 268 0.15 4.77 19.24
CA MET A 268 -0.58 4.57 20.49
C MET A 268 -0.34 5.73 21.46
N TRP A 269 0.93 6.06 21.70
CA TRP A 269 1.27 7.11 22.65
C TRP A 269 0.72 8.47 22.22
N ARG A 270 0.74 8.75 20.91
CA ARG A 270 0.21 10.01 20.38
C ARG A 270 -1.27 10.21 20.68
N MET A 271 -2.03 9.14 20.92
CA MET A 271 -3.40 9.27 21.42
C MET A 271 -3.51 9.14 22.93
N ILE A 272 -2.73 8.26 23.55
CA ILE A 272 -2.87 8.01 24.98
C ILE A 272 -2.35 9.19 25.79
N ASN A 273 -1.37 9.92 25.27
CA ASN A 273 -0.77 11.03 25.99
C ASN A 273 -1.61 12.30 25.95
N ARG A 274 -2.69 12.32 25.17
CA ARG A 274 -3.47 13.54 24.99
C ARG A 274 -3.98 14.09 26.31
N SER A 275 -3.85 15.39 26.50
CA SER A 275 -4.25 16.11 27.71
C SER A 275 -3.68 15.44 28.96
N ASN A 276 -2.36 15.23 28.94
CA ASN A 276 -1.64 14.56 30.03
C ASN A 276 -2.25 13.20 30.35
N GLY A 277 -2.75 12.53 29.31
CA GLY A 277 -3.40 11.24 29.48
C GLY A 277 -4.79 11.28 30.06
N SER A 278 -5.32 12.44 30.41
CA SER A 278 -6.63 12.54 31.04
C SER A 278 -7.77 12.43 30.04
N GLU A 279 -7.50 12.51 28.75
CA GLU A 279 -8.57 12.48 27.76
C GLU A 279 -9.20 11.10 27.66
N ASN A 280 -8.37 10.05 27.55
CA ASN A 280 -8.85 8.74 27.14
C ASN A 280 -8.67 7.65 28.19
N ASN A 281 -7.99 7.92 29.29
CA ASN A 281 -7.67 6.88 30.26
C ASN A 281 -8.71 6.83 31.38
N VAL A 282 -8.64 5.75 32.17
CA VAL A 282 -9.59 5.49 33.23
C VAL A 282 -8.85 5.06 34.48
N LEU A 283 -9.54 5.12 35.62
CA LEU A 283 -8.97 4.71 36.89
C LEU A 283 -9.30 3.27 37.28
N GLU A 284 -10.27 2.65 36.62
CA GLU A 284 -10.71 1.31 36.99
C GLU A 284 -10.85 0.44 35.74
N SER A 285 -10.42 -0.82 35.86
CA SER A 285 -10.54 -1.76 34.76
C SER A 285 -12.00 -2.05 34.43
N GLN A 286 -12.85 -2.21 35.44
CA GLN A 286 -14.27 -2.38 35.21
C GLN A 286 -14.88 -1.16 34.55
N ALA A 287 -14.41 0.04 34.92
CA ALA A 287 -14.86 1.26 34.25
C ALA A 287 -14.47 1.27 32.78
N GLY A 288 -13.24 0.86 32.47
CA GLY A 288 -12.81 0.71 31.09
C GLY A 288 -13.68 -0.26 30.30
N ILE A 289 -13.80 -1.48 30.84
CA ILE A 289 -14.60 -2.53 30.20
C ILE A 289 -16.01 -2.04 29.90
N GLN A 290 -16.70 -1.51 30.90
CA GLN A 290 -18.08 -1.10 30.67
C GLN A 290 -18.22 0.20 29.89
N LYS A 291 -17.20 1.06 29.88
CA LYS A 291 -17.16 2.16 28.92
C LYS A 291 -17.06 1.66 27.48
N VAL A 292 -16.28 0.60 27.26
CA VAL A 292 -16.29 -0.07 25.96
C VAL A 292 -17.67 -0.68 25.68
N LYS A 293 -18.30 -1.25 26.70
CA LYS A 293 -19.60 -1.89 26.51
C LYS A 293 -20.67 -0.87 26.14
N TYR A 294 -20.64 0.32 26.75
CA TYR A 294 -21.73 1.27 26.63
C TYR A 294 -21.39 2.46 25.74
N GLY A 295 -20.17 2.54 25.21
CA GLY A 295 -19.79 3.66 24.38
C GLY A 295 -18.71 3.27 23.40
N ASN A 296 -18.31 4.24 22.58
CA ASN A 296 -17.21 4.06 21.63
C ASN A 296 -15.89 4.21 22.37
N TYR A 297 -15.32 3.09 22.78
CA TYR A 297 -14.06 3.10 23.50
C TYR A 297 -13.38 1.76 23.34
N ALA A 298 -12.06 1.76 23.56
CA ALA A 298 -11.26 0.55 23.55
C ALA A 298 -10.38 0.52 24.79
N PHE A 299 -10.33 -0.62 25.47
CA PHE A 299 -9.61 -0.75 26.72
C PHE A 299 -8.40 -1.65 26.52
N VAL A 300 -7.23 -1.15 26.91
CA VAL A 300 -5.95 -1.82 26.69
C VAL A 300 -5.46 -2.36 28.03
N TRP A 301 -5.27 -3.67 28.12
CA TRP A 301 -4.95 -4.30 29.40
C TRP A 301 -4.30 -5.65 29.13
N ASP A 302 -4.07 -6.40 30.21
CA ASP A 302 -3.52 -7.75 30.13
C ASP A 302 -4.45 -8.68 29.36
N ALA A 303 -3.94 -9.23 28.25
CA ALA A 303 -4.76 -10.06 27.37
C ALA A 303 -5.32 -11.27 28.10
N ALA A 304 -4.58 -11.81 29.08
CA ALA A 304 -5.09 -12.89 29.90
C ALA A 304 -6.37 -12.51 30.64
N VAL A 305 -6.44 -11.28 31.15
CA VAL A 305 -7.65 -10.80 31.79
C VAL A 305 -8.75 -10.55 30.76
N LEU A 306 -8.41 -9.88 29.68
CA LEU A 306 -9.42 -9.47 28.70
C LEU A 306 -10.06 -10.66 27.99
N GLU A 307 -9.30 -11.73 27.74
CA GLU A 307 -9.89 -12.96 27.20
C GLU A 307 -10.88 -13.58 28.16
N TYR A 308 -10.57 -13.57 29.46
CA TYR A 308 -11.52 -14.07 30.46
C TYR A 308 -12.78 -13.21 30.50
N VAL A 309 -12.63 -11.89 30.40
CA VAL A 309 -13.78 -11.00 30.32
C VAL A 309 -14.63 -11.30 29.09
N ALA A 310 -13.99 -11.46 27.94
CA ALA A 310 -14.71 -11.79 26.71
C ALA A 310 -15.41 -13.14 26.80
N ILE A 311 -14.83 -14.11 27.49
CA ILE A 311 -15.47 -15.41 27.66
C ILE A 311 -16.67 -15.31 28.60
N ASN A 312 -16.52 -14.58 29.70
CA ASN A 312 -17.52 -14.61 30.76
C ASN A 312 -18.63 -13.58 30.58
N ASP A 313 -18.47 -12.62 29.67
CA ASP A 313 -19.55 -11.69 29.36
C ASP A 313 -20.78 -12.47 28.93
N PRO A 314 -21.88 -12.43 29.70
CA PRO A 314 -23.04 -13.27 29.37
C PRO A 314 -23.71 -12.91 28.07
N ASP A 315 -23.49 -11.70 27.56
CA ASP A 315 -24.03 -11.31 26.26
C ASP A 315 -23.12 -11.70 25.09
N CYS A 316 -21.88 -12.12 25.37
CA CYS A 316 -20.89 -12.39 24.33
C CYS A 316 -20.73 -11.20 23.39
N SER A 317 -20.88 -9.99 23.94
CA SER A 317 -20.87 -8.79 23.11
C SER A 317 -19.47 -8.37 22.69
N PHE A 318 -18.43 -8.79 23.41
CA PHE A 318 -17.08 -8.36 23.11
C PHE A 318 -16.39 -9.34 22.15
N TYR A 319 -15.27 -8.86 21.59
CA TYR A 319 -14.19 -9.71 21.12
C TYR A 319 -12.88 -9.04 21.53
N THR A 320 -11.79 -9.80 21.49
CA THR A 320 -10.52 -9.29 21.96
C THR A 320 -9.37 -9.72 21.05
N ILE A 321 -8.36 -8.87 20.98
CA ILE A 321 -7.19 -9.06 20.13
C ILE A 321 -5.95 -8.79 20.97
N GLY A 322 -4.88 -9.54 20.70
CA GLY A 322 -3.65 -9.38 21.45
C GLY A 322 -2.42 -9.75 20.66
N ASN A 323 -1.48 -8.80 20.56
CA ASN A 323 -0.27 -9.01 19.78
C ASN A 323 0.73 -9.87 20.56
N THR A 324 1.76 -10.31 19.86
CA THR A 324 2.79 -11.14 20.46
C THR A 324 3.73 -10.26 21.29
N VAL A 325 3.23 -9.69 22.37
CA VAL A 325 4.06 -8.89 23.27
C VAL A 325 4.76 -9.82 24.25
N ALA A 326 5.90 -10.37 23.81
CA ALA A 326 6.68 -11.30 24.59
C ALA A 326 7.69 -10.57 25.48
N ASP A 327 8.68 -11.31 25.98
CA ASP A 327 9.75 -10.81 26.85
C ASP A 327 9.25 -10.54 28.27
N ARG A 328 7.98 -10.78 28.53
CA ARG A 328 7.50 -10.82 29.90
C ARG A 328 6.65 -12.06 30.13
N GLY A 329 6.63 -12.52 31.38
CA GLY A 329 5.73 -13.59 31.76
C GLY A 329 5.51 -13.58 33.26
N TYR A 330 4.49 -14.32 33.67
CA TYR A 330 4.18 -14.45 35.08
C TYR A 330 5.09 -15.50 35.72
N GLY A 331 5.40 -15.29 36.99
CA GLY A 331 6.30 -16.19 37.69
C GLY A 331 5.97 -16.27 39.17
N ILE A 332 6.45 -17.33 39.78
CA ILE A 332 6.46 -17.46 41.23
C ILE A 332 7.78 -16.91 41.76
N ALA A 333 7.70 -16.05 42.77
CA ALA A 333 8.86 -15.36 43.32
C ALA A 333 9.16 -15.86 44.73
N LEU A 334 10.43 -15.79 45.10
CA LEU A 334 10.89 -16.31 46.38
C LEU A 334 11.96 -15.38 46.96
N GLN A 335 12.24 -15.58 48.24
CA GLN A 335 13.35 -14.88 48.90
C GLN A 335 14.69 -15.25 48.27
N HIS A 336 15.66 -14.36 48.42
CA HIS A 336 17.00 -14.57 47.91
C HIS A 336 17.56 -15.92 48.36
N GLY A 337 18.05 -16.70 47.39
CA GLY A 337 18.72 -17.94 47.70
C GLY A 337 17.84 -19.06 48.20
N SER A 338 16.53 -18.91 48.12
CA SER A 338 15.63 -19.97 48.56
C SER A 338 15.82 -21.21 47.70
N PRO A 339 16.13 -22.36 48.29
CA PRO A 339 16.41 -23.55 47.48
C PRO A 339 15.21 -24.06 46.70
N TYR A 340 13.99 -23.68 47.10
CA TYR A 340 12.79 -24.07 46.36
C TYR A 340 12.75 -23.48 44.96
N ARG A 341 13.52 -22.41 44.70
CA ARG A 341 13.50 -21.79 43.37
C ARG A 341 13.81 -22.79 42.27
N ASP A 342 14.88 -23.56 42.44
CA ASP A 342 15.30 -24.48 41.38
C ASP A 342 14.33 -25.65 41.25
N VAL A 343 13.88 -26.20 42.38
CA VAL A 343 12.91 -27.29 42.36
C VAL A 343 11.57 -26.84 41.78
N PHE A 344 11.15 -25.60 42.10
CA PHE A 344 9.94 -25.07 41.49
C PHE A 344 10.11 -24.89 39.98
N SER A 345 11.22 -24.30 39.54
CA SER A 345 11.43 -24.10 38.11
C SER A 345 11.45 -25.44 37.38
N GLN A 346 12.17 -26.42 37.95
CA GLN A 346 12.15 -27.80 37.48
C GLN A 346 10.74 -28.34 37.28
N ARG A 347 9.89 -28.23 38.31
CA ARG A 347 8.55 -28.80 38.17
C ARG A 347 7.66 -27.99 37.24
N ILE A 348 7.82 -26.66 37.20
CA ILE A 348 7.04 -25.85 36.27
C ILE A 348 7.37 -26.21 34.82
N LEU A 349 8.65 -26.39 34.53
CA LEU A 349 9.03 -26.90 33.22
C LEU A 349 8.49 -28.30 32.95
N GLU A 350 8.59 -29.20 33.93
CA GLU A 350 8.04 -30.54 33.71
C GLU A 350 6.53 -30.50 33.42
N LEU A 351 5.81 -29.60 34.10
CA LEU A 351 4.40 -29.39 33.81
C LEU A 351 4.14 -28.87 32.40
N GLN A 352 4.96 -27.93 31.94
CA GLN A 352 4.79 -27.43 30.58
C GLN A 352 5.20 -28.45 29.52
N GLN A 353 6.25 -29.23 29.79
CA GLN A 353 6.67 -30.27 28.85
C GLN A 353 5.59 -31.34 28.68
N ASN A 354 4.96 -31.76 29.78
CA ASN A 354 3.91 -32.77 29.70
C ASN A 354 2.66 -32.27 29.01
N GLY A 355 2.50 -30.96 28.87
CA GLY A 355 1.23 -30.39 28.48
C GLY A 355 0.23 -30.29 29.61
N ASP A 356 0.62 -30.66 30.82
CA ASP A 356 -0.25 -30.47 31.99
C ASP A 356 -0.63 -29.01 32.18
N MET A 357 0.29 -28.10 31.86
CA MET A 357 -0.02 -26.68 31.95
C MET A 357 -1.07 -26.25 30.93
N ASP A 358 -1.12 -26.91 29.77
CA ASP A 358 -2.21 -26.66 28.83
C ASP A 358 -3.55 -27.14 29.39
N ILE A 359 -3.56 -28.31 30.01
CA ILE A 359 -4.79 -28.85 30.60
C ILE A 359 -5.28 -27.96 31.73
N LEU A 360 -4.37 -27.51 32.60
CA LEU A 360 -4.73 -26.55 33.63
C LEU A 360 -5.24 -25.24 33.02
N LYS A 361 -4.55 -24.73 32.00
CA LYS A 361 -4.98 -23.48 31.37
C LYS A 361 -6.41 -23.60 30.83
N HIS A 362 -6.74 -24.77 30.25
CA HIS A 362 -8.05 -24.97 29.68
C HIS A 362 -9.17 -24.84 30.70
N LYS A 363 -8.86 -25.02 31.99
CA LYS A 363 -9.86 -24.83 33.04
C LYS A 363 -10.34 -23.39 33.14
N TRP A 364 -9.51 -22.42 32.79
CA TRP A 364 -9.86 -21.01 32.97
C TRP A 364 -9.99 -20.22 31.68
N TRP A 365 -9.30 -20.62 30.62
CA TRP A 365 -9.48 -20.06 29.28
C TRP A 365 -9.87 -21.21 28.35
N PRO A 366 -11.14 -21.61 28.35
CA PRO A 366 -11.55 -22.74 27.50
C PRO A 366 -11.39 -22.41 26.03
N LYS A 367 -10.68 -23.29 25.32
CA LYS A 367 -10.48 -23.09 23.89
C LYS A 367 -11.78 -23.27 23.12
N ASN A 368 -12.56 -24.30 23.46
CA ASN A 368 -13.90 -24.49 22.91
C ASN A 368 -14.93 -23.70 23.72
N GLY A 369 -14.79 -22.38 23.66
CA GLY A 369 -15.60 -21.51 24.48
C GLY A 369 -17.08 -21.58 24.15
N GLN A 370 -17.87 -21.00 25.05
CA GLN A 370 -19.32 -21.00 24.90
C GLN A 370 -19.80 -20.17 23.71
N CYS A 371 -18.99 -19.22 23.24
CA CYS A 371 -19.37 -18.40 22.10
C CYS A 371 -18.11 -17.88 21.43
N ASP A 372 -18.28 -17.36 20.22
CA ASP A 372 -17.17 -16.85 19.43
C ASP A 372 -16.47 -15.72 20.17
N LEU A 373 -15.14 -15.73 20.14
CA LEU A 373 -14.34 -14.76 20.86
C LEU A 373 -13.49 -13.86 19.99
N TYR A 374 -13.36 -14.17 18.69
CA TYR A 374 -12.33 -13.53 17.88
C TYR A 374 -12.80 -13.01 16.53
N SER A 375 -13.84 -13.58 15.92
CA SER A 375 -14.08 -13.36 14.50
C SER A 375 -15.57 -13.20 14.23
N SER A 376 -15.86 -12.64 13.07
CA SER A 376 -17.20 -12.48 12.53
C SER A 376 -17.17 -12.86 11.06
N VAL A 377 -16.62 -14.07 10.83
CA VAL A 377 -16.02 -14.63 9.61
C VAL A 377 -14.65 -13.99 9.42
N ASP A 378 -13.73 -14.73 8.80
CA ASP A 378 -12.34 -14.32 8.65
C ASP A 378 -12.18 -13.32 7.50
N THR A 379 -10.93 -13.15 7.05
CA THR A 379 -10.61 -12.32 5.88
C THR A 379 -11.33 -12.76 4.61
N LYS A 380 -12.07 -13.87 4.64
CA LYS A 380 -12.76 -14.38 3.46
C LYS A 380 -13.65 -13.31 2.83
N GLN A 381 -14.20 -12.40 3.64
CA GLN A 381 -14.99 -11.29 3.10
C GLN A 381 -14.15 -10.40 2.19
N LYS A 382 -12.85 -10.28 2.46
CA LYS A 382 -11.94 -9.53 1.61
C LYS A 382 -11.55 -10.36 0.40
N GLY A 383 -12.47 -11.21 -0.07
CA GLY A 383 -12.20 -12.13 -1.17
C GLY A 383 -13.41 -12.98 -1.47
N GLY A 384 -14.59 -12.51 -1.07
CA GLY A 384 -15.81 -13.28 -1.20
C GLY A 384 -16.60 -12.98 -2.46
N ALA A 385 -17.50 -13.89 -2.78
CA ALA A 385 -18.45 -13.75 -3.87
C ALA A 385 -19.72 -13.04 -3.41
N LEU A 386 -20.55 -12.69 -4.39
CA LEU A 386 -21.83 -12.03 -4.13
C LEU A 386 -22.84 -13.08 -3.66
N ASP A 387 -23.08 -13.12 -2.35
CA ASP A 387 -24.03 -14.04 -1.76
C ASP A 387 -25.47 -13.62 -2.08
N ILE A 388 -26.40 -14.54 -1.84
CA ILE A 388 -27.83 -14.25 -1.99
C ILE A 388 -28.25 -13.08 -1.12
N LYS A 389 -27.84 -13.10 0.15
CA LYS A 389 -28.28 -12.12 1.13
C LYS A 389 -27.66 -10.75 0.93
N SER A 390 -26.67 -10.63 0.04
CA SER A 390 -26.20 -9.33 -0.39
C SER A 390 -27.01 -8.75 -1.54
N PHE A 391 -27.60 -9.60 -2.37
CA PHE A 391 -28.30 -9.15 -3.56
C PHE A 391 -29.76 -8.85 -3.27
N ALA A 392 -30.21 -9.20 -2.07
CA ALA A 392 -31.64 -9.36 -1.76
C ALA A 392 -32.45 -8.09 -2.03
N GLY A 393 -31.82 -6.92 -1.96
CA GLY A 393 -32.52 -5.70 -2.34
C GLY A 393 -33.08 -5.74 -3.75
N VAL A 394 -32.30 -6.29 -4.69
CA VAL A 394 -32.75 -6.29 -6.08
C VAL A 394 -33.91 -7.26 -6.27
N PHE A 395 -33.90 -8.36 -5.53
CA PHE A 395 -35.06 -9.26 -5.51
C PHE A 395 -36.28 -8.62 -4.86
N CYS A 396 -36.08 -7.70 -3.91
CA CYS A 396 -37.21 -6.94 -3.39
C CYS A 396 -37.73 -5.93 -4.41
N ILE A 397 -36.85 -5.29 -5.18
CA ILE A 397 -37.31 -4.39 -6.24
C ILE A 397 -38.11 -5.16 -7.30
N LEU A 398 -37.64 -6.37 -7.63
CA LEU A 398 -38.42 -7.21 -8.53
C LEU A 398 -39.74 -7.65 -7.90
N ALA A 399 -39.71 -8.07 -6.64
CA ALA A 399 -40.94 -8.47 -5.97
C ALA A 399 -41.95 -7.33 -5.92
N ALA A 400 -41.46 -6.11 -5.69
CA ALA A 400 -42.34 -4.94 -5.70
C ALA A 400 -42.97 -4.72 -7.07
N GLY A 401 -42.20 -4.95 -8.14
CA GLY A 401 -42.77 -4.79 -9.47
C GLY A 401 -43.76 -5.90 -9.81
N ILE A 402 -43.46 -7.11 -9.38
CA ILE A 402 -44.40 -8.23 -9.47
C ILE A 402 -45.69 -7.89 -8.77
N VAL A 403 -45.61 -7.54 -7.48
CA VAL A 403 -46.80 -7.29 -6.67
C VAL A 403 -47.61 -6.13 -7.22
N LEU A 404 -46.94 -5.08 -7.71
CA LEU A 404 -47.66 -3.98 -8.35
C LEU A 404 -48.41 -4.42 -9.60
N SER A 405 -47.76 -5.20 -10.47
CA SER A 405 -48.45 -5.65 -11.68
C SER A 405 -49.50 -6.73 -11.42
N CYS A 406 -49.38 -7.50 -10.33
CA CYS A 406 -50.48 -8.34 -9.88
C CYS A 406 -51.63 -7.52 -9.30
N PHE A 407 -51.33 -6.49 -8.50
CA PHE A 407 -52.36 -5.57 -8.03
C PHE A 407 -53.00 -4.78 -9.17
N ILE A 408 -52.40 -4.77 -10.35
CA ILE A 408 -53.07 -4.19 -11.50
C ILE A 408 -54.34 -4.97 -11.87
N ALA A 409 -54.54 -6.15 -11.27
CA ALA A 409 -55.85 -6.80 -11.30
C ALA A 409 -56.92 -6.05 -10.54
N MET A 410 -56.56 -5.39 -9.43
CA MET A 410 -57.54 -4.65 -8.64
C MET A 410 -57.95 -3.33 -9.28
N LEU A 411 -57.12 -2.78 -10.17
CA LEU A 411 -57.61 -1.83 -11.15
C LEU A 411 -58.41 -2.50 -12.28
N GLU A 412 -57.74 -3.25 -13.16
CA GLU A 412 -58.29 -3.54 -14.47
C GLU A 412 -59.21 -4.75 -14.54
N THR A 413 -59.07 -5.74 -13.66
CA THR A 413 -60.02 -6.85 -13.66
C THR A 413 -61.35 -6.44 -13.03
N TRP A 414 -61.31 -5.69 -11.93
CA TRP A 414 -62.55 -5.07 -11.46
C TRP A 414 -63.14 -4.15 -12.52
N TRP A 415 -62.33 -3.23 -13.06
CA TRP A 415 -62.91 -2.24 -13.97
C TRP A 415 -63.53 -2.92 -15.19
N ASN A 416 -62.75 -3.74 -15.90
CA ASN A 416 -63.33 -4.52 -16.99
C ASN A 416 -64.29 -5.65 -16.53
N LYS A 417 -64.62 -5.83 -15.24
CA LYS A 417 -65.89 -6.42 -14.88
C LYS A 417 -67.04 -5.43 -15.05
N ARG A 418 -66.73 -4.17 -15.35
CA ARG A 418 -67.68 -3.08 -15.21
C ARG A 418 -67.64 -2.13 -16.41
N LYS A 419 -66.83 -2.44 -17.43
CA LYS A 419 -66.76 -1.66 -18.66
C LYS A 419 -67.70 -2.20 -19.73
N GLY A 420 -68.83 -2.77 -19.33
CA GLY A 420 -69.59 -3.64 -20.19
C GLY A 420 -69.28 -5.11 -19.93
N SER A 421 -68.08 -5.55 -20.30
CA SER A 421 -67.69 -6.94 -20.08
C SER A 421 -66.19 -7.13 -20.24
N ARG A 422 -65.75 -8.39 -20.32
CA ARG A 422 -64.35 -8.71 -20.58
C ARG A 422 -63.82 -8.00 -21.83
N VAL B 1 37.86 -10.31 35.53
CA VAL B 1 37.20 -11.61 35.54
C VAL B 1 37.45 -12.31 34.20
N VAL B 2 37.65 -13.63 34.25
CA VAL B 2 37.86 -14.44 33.05
C VAL B 2 36.90 -15.62 33.11
N LEU B 3 36.25 -15.90 31.99
CA LEU B 3 35.30 -17.00 31.90
C LEU B 3 35.58 -17.83 30.66
N ARG B 4 35.42 -19.14 30.78
CA ARG B 4 35.60 -20.08 29.68
C ARG B 4 34.24 -20.56 29.19
N VAL B 5 33.98 -20.41 27.90
CA VAL B 5 32.65 -20.62 27.33
C VAL B 5 32.72 -21.79 26.36
N VAL B 6 31.79 -22.73 26.50
CA VAL B 6 31.61 -23.82 25.55
C VAL B 6 30.44 -23.49 24.65
N THR B 7 30.56 -23.82 23.37
CA THR B 7 29.50 -23.55 22.40
C THR B 7 29.40 -24.72 21.43
N VAL B 8 28.32 -24.71 20.65
CA VAL B 8 28.11 -25.65 19.56
C VAL B 8 27.76 -24.85 18.32
N LEU B 9 28.34 -25.23 17.18
CA LEU B 9 28.13 -24.48 15.95
C LEU B 9 26.73 -24.74 15.41
N GLU B 10 25.99 -23.67 15.16
CA GLU B 10 24.69 -23.75 14.51
C GLU B 10 24.30 -22.37 14.00
N GLU B 11 23.89 -22.31 12.75
CA GLU B 11 23.51 -21.03 12.16
C GLU B 11 22.07 -20.68 12.56
N PRO B 12 21.78 -19.39 12.78
CA PRO B 12 22.70 -18.26 12.85
C PRO B 12 23.15 -17.97 14.28
N PHE B 13 22.96 -18.91 15.22
CA PHE B 13 23.27 -18.64 16.61
C PHE B 13 24.77 -18.53 16.84
N VAL B 14 25.55 -19.49 16.34
CA VAL B 14 26.99 -19.51 16.54
C VAL B 14 27.68 -20.01 15.28
N MET B 15 28.56 -19.20 14.70
CA MET B 15 29.39 -19.61 13.58
C MET B 15 30.81 -19.12 13.79
N VAL B 16 31.75 -19.79 13.13
CA VAL B 16 33.11 -19.30 13.00
C VAL B 16 33.20 -18.39 11.78
N SER B 17 33.97 -17.30 11.91
CA SER B 17 34.09 -16.35 10.81
C SER B 17 35.51 -15.84 10.60
N GLU B 18 36.48 -16.24 11.42
CA GLU B 18 37.89 -16.08 11.10
C GLU B 18 38.66 -17.28 11.64
N ASN B 19 39.66 -17.72 10.89
CA ASN B 19 40.48 -18.87 11.28
C ASN B 19 41.95 -18.50 11.18
N VAL B 20 42.72 -18.92 12.18
CA VAL B 20 44.17 -18.81 12.18
C VAL B 20 44.75 -20.14 12.61
N LEU B 21 45.73 -20.64 11.84
CA LEU B 21 46.32 -21.96 12.06
C LEU B 21 45.26 -23.06 12.12
N GLY B 22 44.16 -22.87 11.39
CA GLY B 22 43.08 -23.83 11.38
C GLY B 22 42.17 -23.79 12.59
N LYS B 23 42.29 -22.78 13.44
CA LYS B 23 41.50 -22.71 14.66
C LYS B 23 40.61 -21.47 14.67
N PRO B 24 39.44 -21.55 15.31
CA PRO B 24 38.51 -20.42 15.29
C PRO B 24 38.99 -19.22 16.09
N LYS B 25 39.30 -18.13 15.38
CA LYS B 25 39.73 -16.90 16.04
C LYS B 25 38.57 -15.99 16.41
N LYS B 26 37.49 -16.00 15.65
CA LYS B 26 36.32 -15.17 15.92
C LYS B 26 35.05 -16.00 15.79
N TYR B 27 34.09 -15.72 16.68
CA TYR B 27 32.74 -16.24 16.58
C TYR B 27 31.76 -15.09 16.39
N GLN B 28 30.65 -15.39 15.73
CA GLN B 28 29.58 -14.42 15.53
C GLN B 28 28.24 -15.13 15.50
N GLY B 29 27.19 -14.36 15.70
CA GLY B 29 25.84 -14.90 15.75
C GLY B 29 25.00 -14.25 16.82
N PHE B 30 23.71 -14.61 16.88
CA PHE B 30 22.82 -13.97 17.84
C PHE B 30 23.24 -14.29 19.27
N SER B 31 23.63 -15.55 19.53
CA SER B 31 24.07 -15.91 20.87
C SER B 31 25.42 -15.27 21.21
N ILE B 32 26.30 -15.14 20.21
CA ILE B 32 27.54 -14.41 20.41
C ILE B 32 27.28 -12.93 20.64
N ASP B 33 26.30 -12.36 19.94
CA ASP B 33 25.90 -10.98 20.21
C ASP B 33 25.36 -10.80 21.63
N VAL B 34 24.56 -11.75 22.11
CA VAL B 34 24.10 -11.73 23.50
C VAL B 34 25.26 -11.82 24.47
N LEU B 35 26.21 -12.73 24.22
CA LEU B 35 27.38 -12.85 25.08
C LEU B 35 28.20 -11.57 25.10
N ASP B 36 28.40 -10.96 23.93
CA ASP B 36 29.18 -9.73 23.87
C ASP B 36 28.47 -8.56 24.54
N ALA B 37 27.15 -8.46 24.35
CA ALA B 37 26.37 -7.42 25.04
C ALA B 37 26.38 -7.60 26.55
N LEU B 38 26.49 -8.84 27.02
CA LEU B 38 26.74 -9.09 28.44
C LEU B 38 28.15 -8.66 28.86
N SER B 39 29.16 -9.09 28.10
CA SER B 39 30.55 -8.78 28.41
C SER B 39 30.80 -7.27 28.47
N ASN B 40 30.28 -6.53 27.50
CA ASN B 40 30.48 -5.08 27.44
C ASN B 40 29.81 -4.33 28.59
N TYR B 41 28.88 -4.95 29.30
CA TYR B 41 28.31 -4.33 30.49
C TYR B 41 28.99 -4.82 31.77
N LEU B 42 29.13 -6.14 31.94
CA LEU B 42 29.63 -6.71 33.18
C LEU B 42 31.15 -6.76 33.23
N GLY B 43 31.83 -6.60 32.10
CA GLY B 43 33.27 -6.47 32.07
C GLY B 43 34.05 -7.77 32.13
N PHE B 44 33.39 -8.92 32.05
CA PHE B 44 34.08 -10.19 32.06
C PHE B 44 34.70 -10.47 30.69
N ASN B 45 35.90 -11.05 30.70
CA ASN B 45 36.50 -11.61 29.51
C ASN B 45 35.99 -13.03 29.30
N TYR B 46 35.88 -13.44 28.03
CA TYR B 46 35.39 -14.76 27.70
C TYR B 46 36.31 -15.45 26.70
N GLU B 47 36.53 -16.74 26.93
CA GLU B 47 37.23 -17.63 26.01
C GLU B 47 36.27 -18.71 25.54
N ILE B 48 36.06 -18.80 24.23
CA ILE B 48 35.08 -19.71 23.66
C ILE B 48 35.82 -20.86 22.97
N TYR B 49 35.38 -22.08 23.26
CA TYR B 49 35.84 -23.28 22.57
C TYR B 49 34.64 -24.14 22.23
N VAL B 50 34.82 -25.05 21.28
CA VAL B 50 33.73 -25.82 20.69
C VAL B 50 33.71 -27.22 21.29
N ALA B 51 32.51 -27.68 21.64
CA ALA B 51 32.37 -29.00 22.25
C ALA B 51 32.83 -30.07 21.26
N PRO B 52 33.50 -31.13 21.74
CA PRO B 52 34.19 -32.04 20.81
C PRO B 52 33.25 -32.88 19.97
N ASP B 53 32.13 -33.34 20.51
CA ASP B 53 31.20 -34.18 19.77
C ASP B 53 30.13 -33.39 19.03
N HIS B 54 30.11 -32.06 19.17
CA HIS B 54 29.11 -31.21 18.53
C HIS B 54 27.69 -31.62 18.88
N LYS B 55 27.49 -32.20 20.06
CA LYS B 55 26.16 -32.55 20.54
C LYS B 55 25.87 -31.81 21.83
N TYR B 56 24.59 -31.51 22.06
CA TYR B 56 24.19 -30.88 23.30
C TYR B 56 24.36 -31.81 24.49
N GLY B 57 24.10 -33.11 24.29
CA GLY B 57 24.34 -34.09 25.31
C GLY B 57 23.09 -34.80 25.80
N SER B 58 23.28 -35.95 26.42
CA SER B 58 22.19 -36.74 26.99
C SER B 58 22.69 -37.43 28.23
N PRO B 59 21.81 -37.80 29.16
CA PRO B 59 22.26 -38.49 30.38
C PRO B 59 22.78 -39.89 30.03
N GLN B 60 24.05 -40.12 30.33
CA GLN B 60 24.69 -41.37 29.96
C GLN B 60 24.20 -42.50 30.88
N GLU B 61 24.51 -43.73 30.46
CA GLU B 61 24.09 -44.90 31.23
C GLU B 61 24.73 -44.94 32.62
N ASP B 62 25.88 -44.30 32.78
CA ASP B 62 26.53 -44.19 34.07
C ASP B 62 26.07 -42.97 34.86
N GLY B 63 25.11 -42.21 34.33
CA GLY B 63 24.63 -41.01 34.99
C GLY B 63 25.40 -39.75 34.68
N THR B 64 26.48 -39.84 33.91
CA THR B 64 27.18 -38.66 33.44
C THR B 64 26.45 -38.07 32.23
N TRP B 65 27.01 -36.99 31.69
CA TRP B 65 26.49 -36.35 30.49
C TRP B 65 27.60 -36.18 29.47
N ASN B 66 27.28 -36.37 28.20
CA ASN B 66 28.18 -36.03 27.12
C ASN B 66 27.91 -34.61 26.63
N GLY B 67 28.68 -34.16 25.64
CA GLY B 67 28.43 -32.91 24.94
C GLY B 67 28.57 -31.69 25.83
N LEU B 68 27.92 -30.61 25.39
CA LEU B 68 28.03 -29.31 26.05
C LEU B 68 27.59 -29.38 27.51
N VAL B 69 26.45 -30.04 27.75
CA VAL B 69 26.01 -30.24 29.13
C VAL B 69 27.04 -31.06 29.90
N GLY B 70 27.61 -32.10 29.28
CA GLY B 70 28.71 -32.82 29.91
C GLY B 70 29.85 -31.92 30.32
N GLU B 71 30.26 -31.02 29.42
CA GLU B 71 31.31 -30.04 29.68
C GLU B 71 30.96 -29.08 30.80
N LEU B 72 29.67 -28.88 31.06
CA LEU B 72 29.28 -28.12 32.24
C LEU B 72 29.25 -28.99 33.50
N VAL B 73 28.76 -30.22 33.40
CA VAL B 73 28.69 -31.12 34.55
C VAL B 73 30.10 -31.45 35.05
N PHE B 74 31.04 -31.67 34.14
CA PHE B 74 32.43 -31.89 34.52
C PHE B 74 33.14 -30.59 34.88
N LYS B 75 32.45 -29.44 34.77
CA LYS B 75 33.01 -28.13 35.10
C LYS B 75 34.28 -27.85 34.29
N ARG B 76 34.35 -28.37 33.07
CA ARG B 76 35.49 -28.09 32.21
C ARG B 76 35.39 -26.69 31.60
N ALA B 77 34.16 -26.18 31.46
CA ALA B 77 33.92 -24.81 31.05
C ALA B 77 32.98 -24.15 32.05
N ASP B 78 33.04 -22.83 32.12
CA ASP B 78 32.25 -22.10 33.09
C ASP B 78 30.83 -21.82 32.63
N ILE B 79 30.64 -21.51 31.35
CA ILE B 79 29.35 -21.09 30.82
C ILE B 79 29.14 -21.77 29.47
N GLY B 80 27.92 -22.25 29.24
CA GLY B 80 27.55 -22.78 27.94
C GLY B 80 26.45 -21.98 27.27
N ILE B 81 26.70 -21.51 26.06
CA ILE B 81 25.71 -20.72 25.33
C ILE B 81 25.68 -21.18 23.88
N SER B 82 24.48 -21.50 23.39
CA SER B 82 24.25 -21.98 22.04
C SER B 82 22.75 -22.00 21.78
N ALA B 83 22.33 -22.66 20.70
CA ALA B 83 20.90 -22.87 20.49
C ALA B 83 20.39 -24.01 21.37
N LEU B 84 20.64 -23.92 22.69
CA LEU B 84 20.06 -24.85 23.63
C LEU B 84 18.56 -24.62 23.76
N THR B 85 17.86 -25.69 24.15
CA THR B 85 16.45 -25.61 24.52
C THR B 85 16.33 -25.84 26.02
N ILE B 86 15.73 -24.88 26.71
CA ILE B 86 15.53 -25.01 28.14
C ILE B 86 14.53 -26.13 28.41
N THR B 87 14.98 -27.18 29.08
CA THR B 87 14.18 -28.35 29.40
C THR B 87 14.55 -28.82 30.79
N PRO B 88 13.62 -29.47 31.50
CA PRO B 88 13.87 -29.77 32.92
C PRO B 88 14.84 -30.92 33.16
N ASP B 89 14.92 -31.85 32.20
CA ASP B 89 15.96 -32.88 32.26
C ASP B 89 17.36 -32.26 32.24
N ARG B 90 17.55 -31.20 31.46
CA ARG B 90 18.81 -30.47 31.50
C ARG B 90 18.96 -29.68 32.79
N GLU B 91 17.94 -28.92 33.18
CA GLU B 91 18.04 -28.11 34.39
C GLU B 91 18.22 -28.97 35.64
N ASN B 92 17.90 -30.26 35.57
CA ASN B 92 18.12 -31.14 36.71
C ASN B 92 19.59 -31.25 37.10
N VAL B 93 20.51 -30.86 36.22
CA VAL B 93 21.94 -30.96 36.51
C VAL B 93 22.69 -29.65 36.27
N VAL B 94 22.14 -28.69 35.53
CA VAL B 94 22.79 -27.41 35.31
C VAL B 94 21.77 -26.29 35.48
N ASP B 95 22.25 -25.10 35.81
CA ASP B 95 21.39 -23.94 35.94
C ASP B 95 21.16 -23.29 34.59
N PHE B 96 20.02 -22.61 34.46
CA PHE B 96 19.67 -21.86 33.26
C PHE B 96 19.25 -20.45 33.63
N THR B 97 19.68 -19.49 32.81
CA THR B 97 19.15 -18.13 32.89
C THR B 97 17.71 -18.09 32.39
N THR B 98 17.08 -16.93 32.59
CA THR B 98 15.81 -16.66 31.93
C THR B 98 15.98 -16.71 30.42
N ARG B 99 14.98 -17.25 29.73
CA ARG B 99 15.03 -17.36 28.28
C ARG B 99 15.13 -15.98 27.64
N TYR B 100 16.06 -15.84 26.68
CA TYR B 100 16.19 -14.59 25.95
C TYR B 100 15.41 -14.56 24.64
N MET B 101 15.05 -15.72 24.10
CA MET B 101 14.20 -15.75 22.91
C MET B 101 13.28 -16.96 22.98
N ASP B 102 12.04 -16.77 22.54
CA ASP B 102 11.06 -17.85 22.56
C ASP B 102 11.33 -18.85 21.45
N TYR B 103 11.31 -20.14 21.82
CA TYR B 103 11.43 -21.21 20.85
C TYR B 103 10.14 -21.36 20.05
N SER B 104 10.26 -21.96 18.87
CA SER B 104 9.07 -22.28 18.08
C SER B 104 9.40 -23.38 17.09
N VAL B 105 8.39 -24.16 16.74
CA VAL B 105 8.51 -25.19 15.71
C VAL B 105 7.91 -24.64 14.42
N GLY B 106 8.73 -24.54 13.38
CA GLY B 106 8.30 -24.05 12.09
C GLY B 106 8.45 -25.11 11.01
N VAL B 107 7.92 -24.79 9.83
CA VAL B 107 8.01 -25.65 8.65
C VAL B 107 8.49 -24.81 7.48
N LEU B 108 9.39 -25.36 6.67
CA LEU B 108 9.88 -24.72 5.47
C LEU B 108 9.21 -25.33 4.25
N LEU B 109 8.64 -24.49 3.39
CA LEU B 109 7.91 -24.94 2.21
C LEU B 109 8.40 -24.18 0.99
N ARG B 110 8.53 -24.90 -0.13
CA ARG B 110 8.90 -24.28 -1.39
C ARG B 110 7.74 -23.44 -1.93
N ARG B 111 8.07 -22.29 -2.51
CA ARG B 111 7.08 -21.50 -3.21
C ARG B 111 6.64 -22.20 -4.49
N ALA B 112 5.44 -21.84 -4.96
CA ALA B 112 4.90 -22.40 -6.19
C ALA B 112 4.14 -21.32 -6.96
N GLU B 113 4.02 -21.53 -8.26
CA GLU B 113 3.30 -20.60 -9.12
C GLU B 113 1.80 -20.67 -8.84
N LYS B 114 1.12 -19.57 -9.16
CA LYS B 114 -0.33 -19.50 -8.98
C LYS B 114 -1.04 -20.53 -9.85
N THR B 115 -2.01 -21.23 -9.26
CA THR B 115 -2.79 -22.21 -10.00
C THR B 115 -3.74 -21.54 -10.97
N VAL B 116 -4.07 -22.25 -12.05
CA VAL B 116 -5.05 -21.79 -13.04
C VAL B 116 -6.41 -22.32 -12.59
N ASP B 117 -7.17 -21.48 -11.90
CA ASP B 117 -8.53 -21.84 -11.52
C ASP B 117 -9.40 -21.99 -12.76
N MET B 118 -10.23 -23.03 -12.77
CA MET B 118 -10.98 -23.38 -13.98
C MET B 118 -12.26 -22.58 -14.15
N PHE B 119 -12.89 -22.15 -13.07
CA PHE B 119 -14.20 -21.53 -13.11
C PHE B 119 -14.17 -20.10 -12.60
N ALA B 120 -13.21 -19.32 -13.08
CA ALA B 120 -13.16 -17.90 -12.75
C ALA B 120 -14.45 -17.18 -13.14
N CYS B 121 -15.16 -17.68 -14.14
CA CYS B 121 -16.40 -17.03 -14.57
C CYS B 121 -17.49 -17.14 -13.52
N LEU B 122 -17.53 -18.24 -12.77
CA LEU B 122 -18.60 -18.42 -11.79
C LEU B 122 -18.37 -17.59 -10.53
N ALA B 123 -17.13 -17.16 -10.30
CA ALA B 123 -16.70 -16.52 -9.06
C ALA B 123 -17.52 -15.31 -8.62
N PRO B 124 -17.93 -14.40 -9.53
CA PRO B 124 -18.60 -13.18 -9.05
C PRO B 124 -19.87 -13.42 -8.25
N PHE B 125 -20.67 -14.41 -8.62
CA PHE B 125 -21.90 -14.75 -7.90
C PHE B 125 -21.69 -16.04 -7.12
N ASP B 126 -22.18 -16.07 -5.88
CA ASP B 126 -22.14 -17.29 -5.09
C ASP B 126 -22.89 -18.40 -5.80
N LEU B 127 -22.40 -19.62 -5.64
CA LEU B 127 -22.88 -20.76 -6.43
C LEU B 127 -24.34 -21.09 -6.19
N SER B 128 -24.94 -20.56 -5.11
CA SER B 128 -26.38 -20.66 -4.89
C SER B 128 -27.14 -19.51 -5.54
N LEU B 129 -26.48 -18.38 -5.75
CA LEU B 129 -27.18 -17.26 -6.37
C LEU B 129 -27.55 -17.57 -7.81
N TRP B 130 -26.74 -18.36 -8.51
CA TRP B 130 -27.09 -18.74 -9.88
C TRP B 130 -28.35 -19.60 -9.91
N ALA B 131 -28.55 -20.42 -8.88
CA ALA B 131 -29.78 -21.19 -8.72
C ALA B 131 -30.96 -20.27 -8.42
N CYS B 132 -30.74 -19.25 -7.60
CA CYS B 132 -31.77 -18.26 -7.34
C CYS B 132 -32.14 -17.48 -8.60
N ILE B 133 -31.15 -17.11 -9.41
CA ILE B 133 -31.43 -16.38 -10.64
C ILE B 133 -32.18 -17.27 -11.64
N ALA B 134 -31.73 -18.51 -11.84
CA ALA B 134 -32.43 -19.40 -12.77
C ALA B 134 -33.87 -19.65 -12.31
N GLY B 135 -34.08 -19.81 -11.00
CA GLY B 135 -35.42 -19.95 -10.49
C GLY B 135 -36.24 -18.70 -10.66
N THR B 136 -35.61 -17.53 -10.54
CA THR B 136 -36.33 -16.28 -10.75
C THR B 136 -36.72 -16.12 -12.21
N VAL B 137 -35.84 -16.48 -13.13
CA VAL B 137 -36.20 -16.47 -14.55
C VAL B 137 -37.41 -17.35 -14.81
N LEU B 138 -37.43 -18.55 -14.22
CA LEU B 138 -38.53 -19.48 -14.44
C LEU B 138 -39.83 -18.95 -13.83
N LEU B 139 -39.74 -18.42 -12.61
CA LEU B 139 -40.93 -17.91 -11.95
C LEU B 139 -41.47 -16.67 -12.65
N VAL B 140 -40.60 -15.80 -13.15
CA VAL B 140 -41.07 -14.62 -13.88
C VAL B 140 -41.73 -15.02 -15.19
N GLY B 141 -41.22 -16.06 -15.86
CA GLY B 141 -41.92 -16.57 -17.04
C GLY B 141 -43.28 -17.15 -16.73
N LEU B 142 -43.40 -17.81 -15.57
CA LEU B 142 -44.70 -18.33 -15.16
C LEU B 142 -45.65 -17.20 -14.77
N LEU B 143 -45.14 -16.19 -14.06
CA LEU B 143 -45.95 -15.04 -13.69
C LEU B 143 -46.42 -14.27 -14.93
N VAL B 144 -45.57 -14.13 -15.93
CA VAL B 144 -45.99 -13.55 -17.21
C VAL B 144 -47.09 -14.39 -17.86
N TYR B 145 -47.00 -15.71 -17.71
CA TYR B 145 -48.01 -16.51 -18.39
C TYR B 145 -49.36 -16.45 -17.67
N LEU B 146 -49.35 -16.48 -16.34
CA LEU B 146 -50.61 -16.34 -15.63
C LEU B 146 -51.16 -14.92 -15.75
N LEU B 147 -50.27 -13.91 -15.79
CA LEU B 147 -50.69 -12.54 -16.05
C LEU B 147 -51.47 -12.44 -17.36
N ASN B 148 -51.01 -13.13 -18.40
CA ASN B 148 -51.72 -12.99 -19.65
C ASN B 148 -53.06 -13.70 -19.68
N TRP B 149 -53.45 -14.36 -18.60
CA TRP B 149 -54.73 -15.06 -18.53
C TRP B 149 -55.66 -14.44 -17.51
N LEU B 150 -55.12 -13.97 -16.38
CA LEU B 150 -55.90 -13.16 -15.45
C LEU B 150 -56.42 -11.89 -16.14
N ASN B 151 -55.52 -11.17 -16.81
CA ASN B 151 -55.90 -9.99 -17.60
C ASN B 151 -55.37 -10.18 -19.01
N PRO B 152 -56.21 -10.56 -19.96
CA PRO B 152 -55.73 -10.85 -21.30
C PRO B 152 -55.64 -9.58 -22.14
N PRO B 153 -54.74 -9.56 -23.12
CA PRO B 153 -54.74 -8.46 -24.10
C PRO B 153 -55.87 -8.64 -25.11
N ARG B 154 -56.00 -7.63 -25.97
CA ARG B 154 -56.90 -7.69 -27.12
C ARG B 154 -56.07 -7.75 -28.38
N LEU B 155 -56.35 -8.74 -29.22
CA LEU B 155 -55.36 -9.21 -30.19
C LEU B 155 -56.03 -9.41 -31.55
N GLN B 156 -55.17 -9.54 -32.57
CA GLN B 156 -55.62 -10.01 -33.88
C GLN B 156 -56.25 -11.39 -33.76
N MET B 157 -57.36 -11.59 -34.47
CA MET B 157 -58.11 -12.84 -34.38
C MET B 157 -57.25 -14.01 -34.83
N GLY B 158 -57.17 -15.04 -33.97
CA GLY B 158 -56.40 -16.23 -34.28
C GLY B 158 -54.90 -16.04 -34.31
N SER B 159 -54.40 -14.91 -33.85
CA SER B 159 -52.97 -14.62 -33.91
C SER B 159 -52.22 -15.35 -32.80
N MET B 160 -50.98 -15.73 -33.10
CA MET B 160 -50.10 -16.32 -32.11
C MET B 160 -49.65 -15.32 -31.04
N THR B 161 -50.13 -14.07 -31.12
CA THR B 161 -49.91 -13.10 -30.05
C THR B 161 -50.63 -13.50 -28.76
N SER B 162 -51.54 -14.48 -28.82
CA SER B 162 -52.06 -15.12 -27.61
C SER B 162 -51.00 -16.07 -27.07
N THR B 163 -49.84 -15.51 -26.71
CA THR B 163 -48.60 -16.26 -26.59
C THR B 163 -48.74 -17.42 -25.62
N THR B 164 -48.56 -18.64 -26.14
CA THR B 164 -48.45 -19.84 -25.33
C THR B 164 -47.30 -19.71 -24.33
N LEU B 165 -47.25 -20.61 -23.35
CA LEU B 165 -46.20 -20.56 -22.34
C LEU B 165 -44.81 -20.52 -22.97
N TYR B 166 -44.59 -21.32 -24.01
CA TYR B 166 -43.27 -21.42 -24.62
C TYR B 166 -42.82 -20.07 -25.19
N ASN B 167 -43.69 -19.44 -25.97
CA ASN B 167 -43.35 -18.13 -26.52
C ASN B 167 -43.28 -17.07 -25.44
N SER B 168 -44.10 -17.17 -24.39
CA SER B 168 -44.02 -16.19 -23.32
C SER B 168 -42.68 -16.28 -22.58
N MET B 169 -42.24 -17.51 -22.29
CA MET B 169 -40.98 -17.67 -21.56
C MET B 169 -39.79 -17.30 -22.41
N TRP B 170 -39.93 -17.42 -23.74
CA TRP B 170 -38.83 -17.05 -24.61
C TRP B 170 -38.53 -15.56 -24.54
N PHE B 171 -39.57 -14.72 -24.47
CA PHE B 171 -39.34 -13.28 -24.33
C PHE B 171 -38.69 -12.95 -23.00
N VAL B 172 -39.07 -13.64 -21.92
CA VAL B 172 -38.50 -13.37 -20.62
C VAL B 172 -37.02 -13.74 -20.57
N TYR B 173 -36.65 -14.87 -21.17
CA TYR B 173 -35.24 -15.22 -21.23
C TYR B 173 -34.48 -14.28 -22.15
N GLY B 174 -34.97 -14.07 -23.37
CA GLY B 174 -34.24 -13.25 -24.32
C GLY B 174 -34.03 -11.83 -23.82
N SER B 175 -35.07 -11.24 -23.22
CA SER B 175 -34.94 -9.91 -22.64
C SER B 175 -33.99 -9.91 -21.45
N PHE B 176 -33.96 -10.99 -20.67
CA PHE B 176 -32.98 -11.05 -19.59
C PHE B 176 -31.55 -10.98 -20.12
N VAL B 177 -31.26 -11.70 -21.19
CA VAL B 177 -29.90 -11.77 -21.72
C VAL B 177 -29.66 -10.69 -22.76
N GLN B 178 -30.48 -9.64 -22.75
CA GLN B 178 -30.27 -8.44 -23.56
C GLN B 178 -30.35 -8.73 -25.05
N GLN B 179 -31.23 -9.66 -25.44
CA GLN B 179 -31.47 -9.98 -26.85
C GLN B 179 -32.95 -9.85 -27.13
N GLY B 180 -33.33 -10.04 -28.38
CA GLY B 180 -34.72 -10.03 -28.78
C GLY B 180 -35.27 -8.64 -28.99
N GLY B 181 -36.32 -8.56 -29.79
CA GLY B 181 -36.90 -7.31 -30.21
C GLY B 181 -37.95 -6.78 -29.26
N GLU B 182 -38.88 -6.00 -29.82
CA GLU B 182 -40.00 -5.46 -29.05
C GLU B 182 -40.79 -6.58 -28.38
N VAL B 183 -41.06 -6.40 -27.10
CA VAL B 183 -41.99 -7.29 -26.40
C VAL B 183 -43.41 -7.03 -26.91
N PRO B 184 -44.13 -8.03 -27.39
CA PRO B 184 -45.45 -7.78 -27.99
C PRO B 184 -46.52 -7.45 -26.97
N TYR B 185 -46.28 -7.64 -25.68
CA TYR B 185 -47.29 -7.42 -24.68
C TYR B 185 -47.51 -5.92 -24.49
N THR B 186 -48.76 -5.47 -24.73
CA THR B 186 -49.08 -4.06 -24.70
C THR B 186 -49.73 -3.60 -23.40
N THR B 187 -50.37 -4.51 -22.67
CA THR B 187 -51.22 -4.11 -21.55
C THR B 187 -50.39 -3.54 -20.41
N LEU B 188 -51.02 -2.69 -19.61
CA LEU B 188 -50.33 -2.00 -18.53
C LEU B 188 -49.80 -2.96 -17.48
N ALA B 189 -50.50 -4.07 -17.23
CA ALA B 189 -49.99 -5.11 -16.36
C ALA B 189 -48.70 -5.70 -16.90
N THR B 190 -48.73 -6.18 -18.14
CA THR B 190 -47.59 -6.91 -18.66
C THR B 190 -46.40 -5.97 -18.86
N ARG B 191 -46.64 -4.78 -19.37
CA ARG B 191 -45.57 -3.78 -19.46
C ARG B 191 -44.99 -3.48 -18.08
N MET B 192 -45.85 -3.27 -17.09
CA MET B 192 -45.36 -2.92 -15.76
C MET B 192 -44.53 -4.03 -15.16
N MET B 193 -44.85 -5.28 -15.50
CA MET B 193 -44.01 -6.41 -15.12
C MET B 193 -42.68 -6.41 -15.86
N MET B 194 -42.72 -6.31 -17.19
CA MET B 194 -41.52 -6.44 -18.00
C MET B 194 -40.53 -5.31 -17.78
N GLY B 195 -41.00 -4.09 -17.51
CA GLY B 195 -40.06 -3.02 -17.24
C GLY B 195 -39.29 -3.18 -15.94
N ALA B 196 -39.92 -3.75 -14.93
CA ALA B 196 -39.21 -4.07 -13.71
C ALA B 196 -38.32 -5.28 -13.89
N TRP B 197 -38.71 -6.19 -14.78
CA TRP B 197 -37.83 -7.30 -15.14
C TRP B 197 -36.58 -6.77 -15.83
N TRP B 198 -36.74 -5.84 -16.77
CA TRP B 198 -35.60 -5.23 -17.45
C TRP B 198 -34.68 -4.52 -16.47
N LEU B 199 -35.25 -3.81 -15.49
CA LEU B 199 -34.43 -3.16 -14.48
C LEU B 199 -33.68 -4.18 -13.62
N PHE B 200 -34.34 -5.27 -13.25
CA PHE B 200 -33.66 -6.34 -12.51
C PHE B 200 -32.51 -6.92 -13.34
N ALA B 201 -32.79 -7.24 -14.61
CA ALA B 201 -31.79 -7.91 -15.44
C ALA B 201 -30.57 -7.02 -15.63
N LEU B 202 -30.80 -5.74 -15.92
CA LEU B 202 -29.72 -4.79 -16.10
C LEU B 202 -28.91 -4.58 -14.82
N ILE B 203 -29.57 -4.61 -13.66
CA ILE B 203 -28.83 -4.51 -12.40
C ILE B 203 -28.01 -5.77 -12.13
N VAL B 204 -28.56 -6.94 -12.45
CA VAL B 204 -27.81 -8.19 -12.31
C VAL B 204 -26.57 -8.19 -13.20
N ILE B 205 -26.72 -7.81 -14.47
CA ILE B 205 -25.59 -7.88 -15.39
C ILE B 205 -24.55 -6.80 -15.08
N SER B 206 -24.98 -5.64 -14.59
CA SER B 206 -24.03 -4.67 -14.08
C SER B 206 -23.27 -5.23 -12.88
N SER B 207 -23.99 -5.91 -11.97
CA SER B 207 -23.31 -6.40 -10.77
C SER B 207 -22.34 -7.52 -11.10
N TYR B 208 -22.67 -8.35 -12.09
CA TYR B 208 -21.73 -9.36 -12.55
C TYR B 208 -20.45 -8.73 -13.10
N THR B 209 -20.59 -7.78 -14.03
CA THR B 209 -19.41 -7.10 -14.56
C THR B 209 -18.60 -6.45 -13.45
N ALA B 210 -19.29 -5.81 -12.50
CA ALA B 210 -18.63 -5.06 -11.44
C ALA B 210 -17.88 -5.98 -10.48
N ASN B 211 -18.41 -7.17 -10.22
CA ASN B 211 -17.73 -8.02 -9.26
C ASN B 211 -16.70 -8.94 -9.92
N LEU B 212 -16.83 -9.26 -11.20
CA LEU B 212 -15.73 -9.89 -11.92
C LEU B 212 -14.54 -8.94 -11.99
N ALA B 213 -14.83 -7.64 -12.16
CA ALA B 213 -13.80 -6.61 -12.10
C ALA B 213 -13.08 -6.60 -10.75
N ALA B 214 -13.64 -7.23 -9.73
CA ALA B 214 -13.03 -7.19 -8.42
C ALA B 214 -12.15 -8.41 -8.15
N PHE B 215 -12.51 -9.58 -8.66
CA PHE B 215 -11.60 -10.72 -8.57
C PHE B 215 -10.39 -10.52 -9.46
N LEU B 216 -10.58 -9.87 -10.61
CA LEU B 216 -9.49 -9.46 -11.48
C LEU B 216 -8.62 -8.34 -10.90
N THR B 217 -8.84 -7.92 -9.65
CA THR B 217 -7.94 -6.97 -9.03
C THR B 217 -7.50 -7.47 -7.66
N ILE B 218 -8.35 -8.24 -7.00
CA ILE B 218 -7.94 -8.88 -5.75
C ILE B 218 -6.86 -9.92 -6.00
N THR B 219 -6.94 -10.63 -7.13
CA THR B 219 -6.04 -11.77 -7.32
C THR B 219 -4.58 -11.31 -7.28
N ARG B 220 -3.93 -11.59 -6.14
CA ARG B 220 -2.62 -11.06 -5.81
C ARG B 220 -1.88 -12.08 -4.94
N ILE B 221 -0.89 -11.61 -4.18
CA ILE B 221 0.09 -12.44 -3.50
C ILE B 221 -0.46 -13.01 -2.20
N GLU B 222 -1.77 -12.93 -2.00
CA GLU B 222 -2.38 -13.29 -0.72
C GLU B 222 -2.53 -14.78 -0.49
N SER B 223 -2.53 -15.60 -1.55
CA SER B 223 -2.86 -17.02 -1.42
C SER B 223 -1.67 -17.80 -0.86
N SER B 224 -1.90 -18.56 0.20
CA SER B 224 -0.86 -19.36 0.84
C SER B 224 -1.51 -20.33 1.82
N ILE B 225 -0.70 -21.28 2.30
CA ILE B 225 -1.07 -22.16 3.41
C ILE B 225 -0.26 -21.72 4.62
N GLN B 226 -0.95 -21.43 5.73
CA GLN B 226 -0.37 -20.60 6.78
C GLN B 226 -0.50 -21.18 8.19
N SER B 227 -0.72 -22.49 8.36
CA SER B 227 -0.79 -23.01 9.72
C SER B 227 -0.39 -24.48 9.75
N LEU B 228 0.03 -24.92 10.94
CA LEU B 228 0.30 -26.33 11.18
C LEU B 228 -0.96 -27.18 11.03
N GLN B 229 -2.11 -26.63 11.40
CA GLN B 229 -3.38 -27.33 11.23
C GLN B 229 -3.63 -27.70 9.76
N ASP B 230 -3.46 -26.73 8.86
CA ASP B 230 -3.62 -27.00 7.43
C ASP B 230 -2.61 -28.04 6.95
N LEU B 231 -1.34 -27.89 7.32
CA LEU B 231 -0.34 -28.87 6.90
C LEU B 231 -0.67 -30.27 7.40
N SER B 232 -1.23 -30.37 8.60
CA SER B 232 -1.64 -31.66 9.15
C SER B 232 -2.92 -32.18 8.52
N LYS B 233 -3.73 -31.32 7.90
CA LYS B 233 -4.98 -31.75 7.29
C LYS B 233 -4.82 -32.14 5.83
N GLN B 234 -3.97 -31.43 5.09
CA GLN B 234 -3.70 -31.80 3.71
C GLN B 234 -2.87 -33.08 3.64
N THR B 235 -2.86 -33.68 2.46
CA THR B 235 -2.12 -34.91 2.22
C THR B 235 -1.28 -34.88 0.94
N GLU B 236 -1.39 -33.82 0.14
CA GLU B 236 -0.66 -33.77 -1.12
C GLU B 236 0.85 -33.60 -0.90
N ILE B 237 1.23 -32.90 0.15
CA ILE B 237 2.63 -32.58 0.42
C ILE B 237 3.09 -33.42 1.60
N PRO B 238 4.13 -34.26 1.44
CA PRO B 238 4.69 -34.97 2.59
C PRO B 238 5.57 -34.07 3.43
N TYR B 239 5.57 -34.33 4.73
CA TYR B 239 6.33 -33.52 5.68
C TYR B 239 6.97 -34.41 6.73
N GLY B 240 8.08 -33.93 7.27
CA GLY B 240 8.82 -34.69 8.26
C GLY B 240 9.92 -33.87 8.89
N THR B 241 10.82 -34.56 9.58
CA THR B 241 11.85 -33.90 10.38
C THR B 241 13.11 -34.75 10.37
N VAL B 242 14.11 -34.30 11.12
CA VAL B 242 15.34 -35.08 11.29
C VAL B 242 15.08 -36.23 12.26
N LEU B 243 15.49 -37.43 11.87
CA LEU B 243 15.28 -38.61 12.71
C LEU B 243 15.98 -38.44 14.06
N ASP B 244 15.32 -38.92 15.11
CA ASP B 244 15.81 -38.92 16.49
C ASP B 244 16.17 -37.53 17.00
N SER B 245 15.78 -36.47 16.31
CA SER B 245 16.04 -35.13 16.78
C SER B 245 15.08 -34.76 17.92
N ALA B 246 15.41 -33.67 18.62
CA ALA B 246 14.51 -33.17 19.65
C ALA B 246 13.15 -32.76 19.07
N VAL B 247 13.14 -32.33 17.81
CA VAL B 247 11.88 -32.03 17.14
C VAL B 247 11.07 -33.31 16.92
N TYR B 248 11.75 -34.35 16.43
CA TYR B 248 11.10 -35.66 16.26
C TYR B 248 10.52 -36.17 17.57
N GLU B 249 11.32 -36.17 18.64
CA GLU B 249 10.84 -36.66 19.92
C GLU B 249 9.72 -35.78 20.48
N HIS B 250 9.80 -34.46 20.26
CA HIS B 250 8.73 -33.57 20.68
C HIS B 250 7.42 -33.91 19.98
N VAL B 251 7.45 -33.97 18.65
CA VAL B 251 6.22 -34.24 17.90
C VAL B 251 5.67 -35.62 18.23
N ARG B 252 6.56 -36.61 18.39
CA ARG B 252 6.14 -37.94 18.82
C ARG B 252 5.43 -37.91 20.17
N MET B 253 6.06 -37.31 21.17
CA MET B 253 5.51 -37.35 22.53
C MET B 253 4.29 -36.45 22.71
N LYS B 254 4.12 -35.43 21.85
CA LYS B 254 2.82 -34.78 21.74
C LYS B 254 1.78 -35.70 21.10
N GLY B 255 2.10 -36.32 19.97
CA GLY B 255 1.08 -37.03 19.21
C GLY B 255 0.62 -38.33 19.85
N LEU B 256 1.52 -39.01 20.58
CA LEU B 256 1.19 -40.31 21.13
C LEU B 256 0.20 -40.23 22.28
N ASN B 257 0.08 -39.10 22.95
CA ASN B 257 -0.80 -39.00 24.10
C ASN B 257 -2.25 -38.99 23.64
N PRO B 258 -3.07 -39.98 24.05
CA PRO B 258 -4.48 -39.96 23.65
C PRO B 258 -5.34 -39.03 24.46
N PHE B 259 -4.84 -38.49 25.58
CA PHE B 259 -5.60 -37.52 26.34
C PHE B 259 -5.43 -36.10 25.81
N GLU B 260 -4.32 -35.82 25.14
CA GLU B 260 -4.25 -34.67 24.24
C GLU B 260 -5.10 -34.97 23.01
N ARG B 261 -5.97 -34.03 22.63
CA ARG B 261 -6.93 -34.29 21.58
C ARG B 261 -6.93 -33.25 20.48
N ASP B 262 -5.97 -32.33 20.46
CA ASP B 262 -5.73 -31.51 19.28
C ASP B 262 -5.11 -32.39 18.21
N SER B 263 -5.94 -32.88 17.28
CA SER B 263 -5.56 -33.97 16.40
C SER B 263 -4.44 -33.61 15.43
N MET B 264 -4.07 -32.33 15.33
CA MET B 264 -2.96 -31.93 14.46
C MET B 264 -1.68 -32.66 14.82
N TYR B 265 -1.40 -32.79 16.12
CA TYR B 265 -0.18 -33.47 16.57
C TYR B 265 -0.19 -34.96 16.22
N SER B 266 -1.32 -35.63 16.44
CA SER B 266 -1.40 -37.05 16.12
C SER B 266 -1.39 -37.30 14.62
N GLN B 267 -2.01 -36.43 13.83
CA GLN B 267 -1.89 -36.51 12.37
C GLN B 267 -0.46 -36.29 11.90
N MET B 268 0.28 -35.38 12.54
CA MET B 268 1.69 -35.22 12.22
C MET B 268 2.48 -36.48 12.54
N TRP B 269 2.31 -37.03 13.75
CA TRP B 269 3.01 -38.28 14.07
C TRP B 269 2.62 -39.40 13.12
N ARG B 270 1.33 -39.53 12.80
CA ARG B 270 0.84 -40.52 11.85
C ARG B 270 1.48 -40.38 10.48
N MET B 271 1.86 -39.16 10.10
CA MET B 271 2.65 -39.00 8.88
C MET B 271 4.12 -39.37 9.11
N ILE B 272 4.71 -38.90 10.21
CA ILE B 272 6.13 -39.05 10.42
C ILE B 272 6.50 -40.51 10.65
N ASN B 273 5.64 -41.26 11.35
CA ASN B 273 6.00 -42.60 11.80
C ASN B 273 6.10 -43.62 10.67
N ARG B 274 5.60 -43.28 9.48
CA ARG B 274 5.44 -44.29 8.43
C ARG B 274 6.77 -44.93 8.07
N SER B 275 6.75 -46.26 7.94
CA SER B 275 7.93 -47.07 7.64
C SER B 275 9.08 -46.77 8.60
N ASN B 276 8.76 -46.82 9.90
CA ASN B 276 9.71 -46.50 10.97
C ASN B 276 10.37 -45.13 10.75
N GLY B 277 9.59 -44.20 10.21
CA GLY B 277 10.06 -42.87 9.92
C GLY B 277 10.89 -42.73 8.67
N SER B 278 11.23 -43.82 7.99
CA SER B 278 12.09 -43.74 6.81
C SER B 278 11.37 -43.15 5.60
N GLU B 279 10.04 -43.07 5.62
CA GLU B 279 9.31 -42.56 4.46
C GLU B 279 9.54 -41.06 4.27
N ASN B 280 9.52 -40.28 5.35
CA ASN B 280 9.40 -38.84 5.25
C ASN B 280 10.52 -38.06 5.91
N ASN B 281 11.48 -38.72 6.56
CA ASN B 281 12.50 -38.04 7.34
C ASN B 281 13.83 -38.03 6.60
N VAL B 282 14.77 -37.23 7.11
CA VAL B 282 16.07 -37.03 6.50
C VAL B 282 17.14 -37.10 7.60
N LEU B 283 18.38 -37.33 7.16
CA LEU B 283 19.49 -37.46 8.09
C LEU B 283 20.01 -36.11 8.58
N GLU B 284 19.87 -35.06 7.80
CA GLU B 284 20.47 -33.77 8.14
C GLU B 284 19.54 -32.64 7.73
N SER B 285 19.66 -31.52 8.44
CA SER B 285 18.83 -30.35 8.16
C SER B 285 19.09 -29.80 6.76
N GLN B 286 20.35 -29.76 6.35
CA GLN B 286 20.68 -29.29 5.00
C GLN B 286 20.07 -30.20 3.94
N ALA B 287 20.09 -31.52 4.18
CA ALA B 287 19.46 -32.45 3.24
C ALA B 287 17.95 -32.24 3.15
N GLY B 288 17.30 -32.04 4.31
CA GLY B 288 15.88 -31.67 4.28
C GLY B 288 15.60 -30.40 3.51
N ILE B 289 16.37 -29.35 3.80
CA ILE B 289 16.22 -28.07 3.11
C ILE B 289 16.36 -28.24 1.59
N GLN B 290 17.40 -28.95 1.15
CA GLN B 290 17.56 -29.20 -0.28
C GLN B 290 16.45 -30.07 -0.86
N LYS B 291 15.97 -31.06 -0.11
CA LYS B 291 14.84 -31.85 -0.56
C LYS B 291 13.58 -31.01 -0.75
N VAL B 292 13.37 -30.03 0.13
CA VAL B 292 12.31 -29.05 -0.08
C VAL B 292 12.59 -28.21 -1.33
N LYS B 293 13.84 -27.76 -1.50
CA LYS B 293 14.16 -26.87 -2.61
C LYS B 293 14.01 -27.55 -3.97
N TYR B 294 14.24 -28.86 -4.03
CA TYR B 294 14.25 -29.57 -5.31
C TYR B 294 13.31 -30.77 -5.28
N GLY B 295 12.22 -30.68 -4.55
CA GLY B 295 11.25 -31.76 -4.53
C GLY B 295 9.99 -31.34 -3.80
N ASN B 296 8.99 -32.21 -3.87
CA ASN B 296 7.73 -32.02 -3.15
C ASN B 296 7.93 -32.51 -1.72
N TYR B 297 8.29 -31.58 -0.84
CA TYR B 297 8.55 -31.93 0.56
C TYR B 297 8.45 -30.68 1.41
N ALA B 298 8.23 -30.89 2.71
CA ALA B 298 8.26 -29.82 3.69
C ALA B 298 8.99 -30.30 4.93
N PHE B 299 9.83 -29.45 5.48
CA PHE B 299 10.76 -29.83 6.53
C PHE B 299 10.41 -29.12 7.84
N VAL B 300 10.30 -29.89 8.92
CA VAL B 300 9.85 -29.40 10.22
C VAL B 300 11.07 -29.27 11.12
N TRP B 301 11.32 -28.08 11.65
CA TRP B 301 12.56 -27.79 12.36
C TRP B 301 12.36 -26.55 13.23
N ASP B 302 13.45 -26.09 13.84
CA ASP B 302 13.44 -24.84 14.59
C ASP B 302 13.01 -23.69 13.71
N ALA B 303 11.91 -23.04 14.09
CA ALA B 303 11.36 -21.96 13.26
C ALA B 303 12.36 -20.84 13.05
N ALA B 304 13.13 -20.50 14.08
CA ALA B 304 14.16 -19.46 13.93
C ALA B 304 15.18 -19.80 12.86
N VAL B 305 15.64 -21.06 12.83
CA VAL B 305 16.58 -21.50 11.80
C VAL B 305 15.94 -21.43 10.42
N LEU B 306 14.72 -21.96 10.28
CA LEU B 306 14.11 -22.00 8.96
C LEU B 306 13.78 -20.61 8.44
N GLU B 307 13.36 -19.72 9.33
CA GLU B 307 13.17 -18.31 8.96
C GLU B 307 14.47 -17.65 8.54
N TYR B 308 15.57 -17.96 9.22
CA TYR B 308 16.87 -17.44 8.80
C TYR B 308 17.28 -17.95 7.43
N VAL B 309 17.04 -19.24 7.16
CA VAL B 309 17.34 -19.79 5.84
C VAL B 309 16.47 -19.16 4.77
N ALA B 310 15.18 -19.00 5.06
CA ALA B 310 14.26 -18.38 4.10
C ALA B 310 14.63 -16.93 3.83
N ILE B 311 15.13 -16.21 4.84
CA ILE B 311 15.55 -14.84 4.60
C ILE B 311 16.84 -14.80 3.78
N ASN B 312 17.73 -15.78 3.96
CA ASN B 312 19.05 -15.70 3.37
C ASN B 312 19.25 -16.66 2.20
N ASP B 313 18.21 -17.36 1.77
CA ASP B 313 18.24 -17.97 0.46
C ASP B 313 18.04 -16.89 -0.59
N PRO B 314 19.01 -16.62 -1.46
CA PRO B 314 18.91 -15.45 -2.34
C PRO B 314 17.81 -15.54 -3.39
N ASP B 315 17.31 -16.74 -3.68
CA ASP B 315 16.24 -16.89 -4.66
C ASP B 315 14.86 -16.53 -4.11
N CYS B 316 14.71 -16.42 -2.80
CA CYS B 316 13.40 -16.37 -2.15
C CYS B 316 12.55 -17.56 -2.58
N SER B 317 13.20 -18.71 -2.75
CA SER B 317 12.52 -19.91 -3.22
C SER B 317 11.72 -20.61 -2.12
N PHE B 318 12.01 -20.34 -0.85
CA PHE B 318 11.27 -20.90 0.25
C PHE B 318 10.23 -19.92 0.77
N TYR B 319 9.23 -20.46 1.48
CA TYR B 319 8.42 -19.70 2.41
C TYR B 319 8.22 -20.52 3.67
N THR B 320 7.78 -19.86 4.73
CA THR B 320 7.65 -20.52 6.02
C THR B 320 6.46 -19.96 6.79
N ILE B 321 5.91 -20.80 7.67
CA ILE B 321 4.79 -20.46 8.53
C ILE B 321 5.27 -20.44 9.98
N GLY B 322 4.81 -19.45 10.75
CA GLY B 322 5.16 -19.32 12.14
C GLY B 322 4.07 -19.81 13.07
N ASN B 323 4.45 -19.98 14.34
CA ASN B 323 3.55 -20.55 15.33
C ASN B 323 3.89 -19.99 16.70
N THR B 324 2.86 -19.83 17.54
CA THR B 324 3.05 -19.46 18.93
C THR B 324 3.38 -20.71 19.74
N VAL B 325 4.54 -20.73 20.39
CA VAL B 325 5.03 -21.93 21.06
C VAL B 325 5.53 -21.54 22.44
N ALA B 326 5.12 -22.32 23.44
CA ALA B 326 5.56 -22.20 24.82
C ALA B 326 6.37 -23.45 25.21
N ASP B 327 6.69 -23.57 26.50
CA ASP B 327 7.38 -24.71 27.09
C ASP B 327 8.86 -24.78 26.70
N ARG B 328 9.28 -23.95 25.75
CA ARG B 328 10.65 -23.99 25.27
C ARG B 328 11.15 -22.59 24.99
N GLY B 329 12.42 -22.35 25.32
CA GLY B 329 13.06 -21.09 25.02
C GLY B 329 14.55 -21.24 25.03
N TYR B 330 15.21 -20.46 24.18
CA TYR B 330 16.67 -20.44 24.18
C TYR B 330 17.18 -19.68 25.40
N GLY B 331 18.29 -20.16 25.97
CA GLY B 331 18.82 -19.54 27.16
C GLY B 331 20.28 -19.89 27.36
N ILE B 332 20.84 -19.34 28.43
CA ILE B 332 22.25 -19.53 28.77
C ILE B 332 22.33 -20.53 29.91
N ALA B 333 23.14 -21.57 29.72
CA ALA B 333 23.37 -22.57 30.75
C ALA B 333 24.62 -22.23 31.55
N LEU B 334 24.65 -22.72 32.80
CA LEU B 334 25.77 -22.48 33.70
C LEU B 334 26.01 -23.73 34.53
N GLN B 335 27.21 -23.80 35.11
CA GLN B 335 27.51 -24.83 36.09
C GLN B 335 26.55 -24.74 37.27
N HIS B 336 26.19 -25.89 37.82
CA HIS B 336 25.24 -25.94 38.93
C HIS B 336 25.78 -25.17 40.12
N GLY B 337 25.01 -24.21 40.61
CA GLY B 337 25.43 -23.37 41.70
C GLY B 337 26.25 -22.15 41.31
N SER B 338 26.44 -21.92 40.01
CA SER B 338 27.20 -20.75 39.57
C SER B 338 26.46 -19.47 39.94
N PRO B 339 27.17 -18.44 40.43
CA PRO B 339 26.50 -17.20 40.84
C PRO B 339 26.00 -16.36 39.68
N TYR B 340 26.59 -16.51 38.48
CA TYR B 340 26.28 -15.65 37.36
C TYR B 340 24.87 -15.85 36.81
N ARG B 341 24.19 -16.94 37.19
CA ARG B 341 22.75 -17.04 36.95
C ARG B 341 22.01 -15.83 37.52
N ASP B 342 22.43 -15.38 38.70
CA ASP B 342 21.85 -14.22 39.35
C ASP B 342 22.55 -12.92 38.97
N VAL B 343 23.27 -12.91 37.84
CA VAL B 343 23.92 -11.72 37.32
C VAL B 343 23.52 -11.51 35.87
N PHE B 344 23.56 -12.58 35.08
CA PHE B 344 23.14 -12.48 33.68
C PHE B 344 21.65 -12.20 33.56
N SER B 345 20.83 -12.86 34.37
CA SER B 345 19.38 -12.85 34.17
C SER B 345 18.79 -11.45 34.19
N GLN B 346 19.16 -10.65 35.19
CA GLN B 346 18.64 -9.27 35.26
C GLN B 346 19.10 -8.40 34.10
N ARG B 347 20.28 -8.67 33.54
CA ARG B 347 20.71 -7.92 32.36
C ARG B 347 19.98 -8.39 31.11
N ILE B 348 19.69 -9.68 31.01
CA ILE B 348 18.84 -10.19 29.94
C ILE B 348 17.45 -9.57 30.01
N LEU B 349 16.90 -9.46 31.21
CA LEU B 349 15.62 -8.76 31.41
C LEU B 349 15.71 -7.30 30.98
N GLU B 350 16.74 -6.58 31.41
CA GLU B 350 16.92 -5.20 30.98
C GLU B 350 16.98 -5.09 29.47
N LEU B 351 17.74 -5.97 28.82
CA LEU B 351 17.85 -5.97 27.36
C LEU B 351 16.48 -6.23 26.70
N GLN B 352 15.73 -7.20 27.20
CA GLN B 352 14.42 -7.49 26.64
C GLN B 352 13.44 -6.34 26.82
N GLN B 353 13.36 -5.79 28.04
CA GLN B 353 12.30 -4.85 28.35
C GLN B 353 12.63 -3.41 27.93
N ASN B 354 13.91 -3.09 27.77
CA ASN B 354 14.27 -1.81 27.16
C ASN B 354 14.07 -1.82 25.65
N GLY B 355 13.97 -3.00 25.04
CA GLY B 355 13.97 -3.13 23.60
C GLY B 355 15.36 -3.22 22.98
N ASP B 356 16.42 -3.14 23.80
CA ASP B 356 17.77 -3.25 23.25
C ASP B 356 18.00 -4.59 22.57
N MET B 357 17.42 -5.66 23.12
CA MET B 357 17.54 -6.98 22.50
C MET B 357 16.94 -6.99 21.10
N ASP B 358 15.95 -6.14 20.83
CA ASP B 358 15.31 -6.14 19.52
C ASP B 358 16.27 -5.70 18.42
N ILE B 359 17.25 -4.86 18.76
CA ILE B 359 18.32 -4.53 17.81
C ILE B 359 19.11 -5.78 17.44
N LEU B 360 19.57 -6.52 18.46
CA LEU B 360 20.37 -7.72 18.21
C LEU B 360 19.58 -8.77 17.45
N LYS B 361 18.28 -8.86 17.71
CA LYS B 361 17.44 -9.82 16.97
C LYS B 361 17.25 -9.38 15.52
N HIS B 362 16.89 -8.11 15.31
CA HIS B 362 16.72 -7.60 13.94
C HIS B 362 17.99 -7.75 13.14
N LYS B 363 19.16 -7.63 13.79
CA LYS B 363 20.43 -7.74 13.10
C LYS B 363 20.59 -9.08 12.38
N TRP B 364 19.90 -10.11 12.85
CA TRP B 364 19.95 -11.42 12.21
C TRP B 364 18.64 -11.85 11.58
N TRP B 365 17.50 -11.45 12.14
CA TRP B 365 16.18 -11.72 11.58
C TRP B 365 15.55 -10.39 11.18
N PRO B 366 15.90 -9.87 10.00
CA PRO B 366 15.37 -8.57 9.60
C PRO B 366 13.86 -8.61 9.39
N LYS B 367 13.20 -7.53 9.81
CA LYS B 367 11.74 -7.46 9.70
C LYS B 367 11.27 -7.35 8.25
N ASN B 368 12.11 -6.82 7.36
CA ASN B 368 11.78 -6.71 5.95
C ASN B 368 13.04 -6.96 5.13
N GLY B 369 12.84 -7.37 3.88
CA GLY B 369 13.96 -7.65 3.02
C GLY B 369 13.51 -8.14 1.66
N GLN B 370 14.44 -8.81 0.97
CA GLN B 370 14.15 -9.32 -0.36
C GLN B 370 13.00 -10.33 -0.36
N CYS B 371 12.96 -11.20 0.65
CA CYS B 371 12.05 -12.33 0.67
C CYS B 371 10.91 -12.06 1.64
N ASP B 372 9.69 -12.08 1.13
CA ASP B 372 8.49 -11.98 1.97
C ASP B 372 8.19 -13.37 2.51
N LEU B 373 8.51 -13.58 3.80
CA LEU B 373 8.50 -14.92 4.38
C LEU B 373 7.11 -15.56 4.34
N TYR B 374 6.05 -14.76 4.48
CA TYR B 374 4.70 -15.29 4.63
C TYR B 374 3.88 -15.23 3.34
N SER B 375 4.51 -14.95 2.20
CA SER B 375 3.82 -14.89 0.92
C SER B 375 4.48 -15.85 -0.05
N SER B 376 3.66 -16.50 -0.89
CA SER B 376 4.18 -17.52 -1.80
C SER B 376 3.34 -17.53 -3.07
N VAL B 377 3.75 -16.70 -4.04
CA VAL B 377 3.18 -16.67 -5.38
C VAL B 377 4.29 -16.33 -6.36
N ASP B 378 3.95 -16.34 -7.64
CA ASP B 378 4.77 -15.72 -8.67
C ASP B 378 4.59 -14.20 -8.56
N THR B 379 5.37 -13.59 -7.66
CA THR B 379 5.18 -12.19 -7.30
C THR B 379 5.44 -11.23 -8.46
N LYS B 380 6.08 -11.68 -9.53
CA LYS B 380 6.33 -10.82 -10.69
C LYS B 380 5.05 -10.46 -11.43
N GLN B 381 3.96 -11.21 -11.21
CA GLN B 381 2.72 -11.02 -11.96
C GLN B 381 1.95 -9.83 -11.40
N LYS B 382 2.08 -8.67 -12.05
CA LYS B 382 1.20 -7.56 -11.77
C LYS B 382 -0.23 -7.87 -12.23
N GLY B 383 -0.35 -8.41 -13.44
CA GLY B 383 -1.62 -8.78 -14.03
C GLY B 383 -1.34 -9.60 -15.27
N GLY B 384 -2.40 -9.94 -15.99
CA GLY B 384 -2.23 -10.76 -17.17
C GLY B 384 -3.49 -10.89 -17.98
N ALA B 385 -3.31 -11.30 -19.23
CA ALA B 385 -4.42 -11.61 -20.11
C ALA B 385 -5.07 -12.94 -19.72
N LEU B 386 -6.27 -13.16 -20.23
CA LEU B 386 -6.97 -14.41 -19.99
C LEU B 386 -6.46 -15.49 -20.94
N ASP B 387 -6.01 -16.60 -20.39
CA ASP B 387 -5.44 -17.70 -21.15
C ASP B 387 -6.51 -18.71 -21.50
N ILE B 388 -6.21 -19.57 -22.49
CA ILE B 388 -7.14 -20.61 -22.88
C ILE B 388 -7.40 -21.57 -21.72
N LYS B 389 -6.35 -21.90 -20.97
CA LYS B 389 -6.51 -22.72 -19.78
C LYS B 389 -7.43 -22.07 -18.76
N SER B 390 -7.52 -20.75 -18.76
CA SER B 390 -8.33 -20.05 -17.76
C SER B 390 -9.80 -19.97 -18.15
N PHE B 391 -10.09 -19.51 -19.35
CA PHE B 391 -11.45 -19.22 -19.76
C PHE B 391 -12.19 -20.48 -20.21
N ALA B 392 -11.53 -21.63 -20.14
CA ALA B 392 -12.06 -22.94 -20.47
C ALA B 392 -13.47 -23.21 -19.94
N GLY B 393 -13.75 -22.82 -18.69
CA GLY B 393 -15.07 -23.03 -18.13
C GLY B 393 -16.21 -22.46 -18.96
N VAL B 394 -15.97 -21.35 -19.66
CA VAL B 394 -17.05 -20.73 -20.42
C VAL B 394 -17.23 -21.45 -21.75
N PHE B 395 -16.13 -21.88 -22.36
CA PHE B 395 -16.24 -22.78 -23.51
C PHE B 395 -16.93 -24.07 -23.14
N CYS B 396 -16.77 -24.54 -21.90
CA CYS B 396 -17.50 -25.71 -21.44
C CYS B 396 -18.99 -25.43 -21.31
N ILE B 397 -19.36 -24.30 -20.71
CA ILE B 397 -20.78 -23.93 -20.60
C ILE B 397 -21.43 -23.84 -21.99
N LEU B 398 -20.71 -23.26 -22.95
CA LEU B 398 -21.18 -23.27 -24.32
C LEU B 398 -21.29 -24.70 -24.87
N ALA B 399 -20.24 -25.49 -24.74
CA ALA B 399 -20.25 -26.82 -25.33
C ALA B 399 -21.35 -27.69 -24.73
N ALA B 400 -21.67 -27.47 -23.46
CA ALA B 400 -22.82 -28.12 -22.84
C ALA B 400 -24.12 -27.70 -23.50
N GLY B 401 -24.30 -26.40 -23.74
CA GLY B 401 -25.49 -25.97 -24.48
C GLY B 401 -25.55 -26.53 -25.90
N ILE B 402 -24.40 -26.58 -26.56
CA ILE B 402 -24.31 -27.20 -27.89
C ILE B 402 -24.73 -28.66 -27.83
N VAL B 403 -24.16 -29.42 -26.90
CA VAL B 403 -24.53 -30.81 -26.70
C VAL B 403 -26.03 -30.96 -26.50
N LEU B 404 -26.64 -30.06 -25.71
CA LEU B 404 -28.08 -30.16 -25.49
C LEU B 404 -28.89 -29.81 -26.73
N SER B 405 -28.36 -28.95 -27.60
CA SER B 405 -29.03 -28.71 -28.88
C SER B 405 -28.88 -29.89 -29.84
N CYS B 406 -27.72 -30.55 -29.81
CA CYS B 406 -27.53 -31.75 -30.61
C CYS B 406 -28.41 -32.89 -30.12
N PHE B 407 -28.50 -33.06 -28.80
CA PHE B 407 -29.42 -34.01 -28.19
C PHE B 407 -30.87 -33.74 -28.60
N ILE B 408 -31.30 -32.47 -28.55
CA ILE B 408 -32.70 -32.21 -28.87
C ILE B 408 -32.97 -32.42 -30.35
N ALA B 409 -32.06 -31.98 -31.23
CA ALA B 409 -32.25 -32.20 -32.66
C ALA B 409 -32.23 -33.67 -33.03
N MET B 410 -31.38 -34.46 -32.38
CA MET B 410 -31.37 -35.91 -32.55
C MET B 410 -32.63 -36.59 -32.01
N LEU B 411 -33.11 -36.13 -30.85
CA LEU B 411 -34.30 -36.71 -30.24
C LEU B 411 -35.58 -36.39 -31.00
N GLU B 412 -35.71 -35.16 -31.53
CA GLU B 412 -36.93 -34.77 -32.20
C GLU B 412 -37.31 -35.70 -33.37
N THR B 413 -36.36 -36.50 -33.89
CA THR B 413 -36.66 -37.49 -34.91
C THR B 413 -36.86 -38.92 -34.38
N TRP B 414 -36.49 -39.18 -33.12
CA TRP B 414 -37.08 -40.29 -32.39
C TRP B 414 -38.51 -39.99 -31.96
N TRP B 415 -38.84 -38.71 -31.79
CA TRP B 415 -40.23 -38.29 -31.74
C TRP B 415 -40.89 -38.44 -33.12
N ASN B 416 -40.30 -37.85 -34.15
CA ASN B 416 -40.93 -37.90 -35.46
C ASN B 416 -41.17 -39.32 -35.94
N LYS B 417 -40.40 -40.30 -35.47
CA LYS B 417 -40.64 -41.70 -35.80
C LYS B 417 -41.42 -42.42 -34.71
N ARG B 418 -42.38 -41.73 -34.09
CA ARG B 418 -43.20 -42.34 -33.03
C ARG B 418 -44.29 -43.22 -33.59
N LYS B 419 -45.25 -42.61 -34.30
CA LYS B 419 -46.45 -43.32 -34.73
C LYS B 419 -46.88 -42.94 -36.14
N GLY B 420 -46.05 -42.20 -36.88
CA GLY B 420 -46.49 -41.63 -38.14
C GLY B 420 -47.26 -40.33 -38.02
N SER B 421 -47.34 -39.77 -36.81
CA SER B 421 -48.06 -38.52 -36.57
C SER B 421 -47.17 -37.34 -36.93
N ARG B 422 -46.99 -37.15 -38.24
CA ARG B 422 -46.26 -36.00 -38.76
C ARG B 422 -46.87 -34.68 -38.29
N VAL C 1 35.89 21.59 32.59
CA VAL C 1 35.63 22.73 31.71
C VAL C 1 34.23 23.26 31.97
N VAL C 2 34.08 24.58 31.96
CA VAL C 2 32.78 25.23 32.11
C VAL C 2 32.63 26.26 31.00
N LEU C 3 31.48 26.27 30.34
CA LEU C 3 31.20 27.18 29.24
C LEU C 3 29.82 27.80 29.43
N ARG C 4 29.70 29.07 29.10
CA ARG C 4 28.46 29.81 29.26
C ARG C 4 27.75 29.95 27.91
N VAL C 5 26.50 29.50 27.85
CA VAL C 5 25.75 29.40 26.61
C VAL C 5 24.64 30.45 26.63
N VAL C 6 24.58 31.25 25.56
CA VAL C 6 23.45 32.14 25.31
C VAL C 6 22.55 31.50 24.27
N THR C 7 21.23 31.64 24.46
CA THR C 7 20.26 31.08 23.53
C THR C 7 19.14 32.09 23.32
N VAL C 8 18.30 31.80 22.31
CA VAL C 8 17.07 32.53 22.06
C VAL C 8 15.94 31.52 21.95
N LEU C 9 14.82 31.80 22.60
CA LEU C 9 13.70 30.87 22.61
C LEU C 9 13.07 30.79 21.23
N GLU C 10 12.98 29.57 20.69
CA GLU C 10 12.29 29.33 19.44
C GLU C 10 11.97 27.86 19.33
N GLU C 11 10.72 27.56 18.98
CA GLU C 11 10.30 26.17 18.92
C GLU C 11 10.61 25.58 17.54
N PRO C 12 11.00 24.30 17.48
CA PRO C 12 11.36 23.41 18.60
C PRO C 12 12.84 23.43 18.93
N PHE C 13 13.58 24.40 18.38
CA PHE C 13 15.03 24.39 18.55
C PHE C 13 15.44 24.55 20.01
N VAL C 14 14.92 25.60 20.67
CA VAL C 14 15.19 25.84 22.08
C VAL C 14 13.91 26.30 22.76
N MET C 15 13.54 25.61 23.84
CA MET C 15 12.34 25.93 24.60
C MET C 15 12.64 25.76 26.09
N VAL C 16 11.83 26.44 26.90
CA VAL C 16 11.87 26.20 28.35
C VAL C 16 11.10 24.91 28.64
N SER C 17 11.54 24.20 29.68
CA SER C 17 10.83 23.02 30.15
C SER C 17 10.29 23.14 31.57
N GLU C 18 10.81 24.06 32.39
CA GLU C 18 10.20 24.36 33.68
C GLU C 18 10.62 25.74 34.13
N ASN C 19 9.65 26.54 34.58
CA ASN C 19 9.92 27.85 35.18
C ASN C 19 10.28 27.71 36.65
N VAL C 20 11.42 27.07 36.89
CA VAL C 20 11.88 26.84 38.26
C VAL C 20 12.05 28.16 38.99
N LEU C 21 11.35 28.31 40.12
CA LEU C 21 11.30 29.55 40.88
C LEU C 21 10.90 30.74 40.01
N GLY C 22 10.11 30.49 38.97
CA GLY C 22 9.72 31.54 38.05
C GLY C 22 10.76 31.94 37.04
N LYS C 23 11.84 31.17 36.90
CA LYS C 23 12.92 31.51 36.00
C LYS C 23 13.16 30.37 35.02
N PRO C 24 13.62 30.68 33.80
CA PRO C 24 13.90 29.63 32.80
C PRO C 24 15.21 28.90 33.11
N LYS C 25 15.14 27.99 34.09
CA LYS C 25 16.32 27.26 34.55
C LYS C 25 16.59 26.01 33.73
N LYS C 26 15.55 25.38 33.18
CA LYS C 26 15.68 24.12 32.45
C LYS C 26 15.25 24.33 31.01
N TYR C 27 15.97 23.71 30.08
CA TYR C 27 15.78 23.93 28.65
C TYR C 27 15.66 22.61 27.92
N GLN C 28 14.97 22.64 26.79
CA GLN C 28 14.76 21.45 25.96
C GLN C 28 14.67 21.88 24.50
N GLY C 29 14.92 20.91 23.61
CA GLY C 29 14.82 21.17 22.19
C GLY C 29 15.85 20.46 21.36
N PHE C 30 15.76 20.61 20.04
CA PHE C 30 16.70 19.96 19.13
C PHE C 30 18.12 20.48 19.33
N SER C 31 18.27 21.80 19.44
CA SER C 31 19.60 22.37 19.67
C SER C 31 20.11 22.06 21.07
N ILE C 32 19.20 21.90 22.03
CA ILE C 32 19.59 21.41 23.35
C ILE C 32 20.04 19.95 23.28
N ASP C 33 19.37 19.14 22.46
CA ASP C 33 19.84 17.77 22.23
C ASP C 33 21.22 17.74 21.58
N VAL C 34 21.48 18.63 20.62
CA VAL C 34 22.82 18.76 20.04
C VAL C 34 23.85 19.16 21.11
N LEU C 35 23.50 20.14 21.93
CA LEU C 35 24.40 20.60 22.98
C LEU C 35 24.71 19.50 23.99
N ASP C 36 23.70 18.70 24.36
CA ASP C 36 23.93 17.55 25.21
C ASP C 36 24.76 16.46 24.54
N ALA C 37 24.52 16.20 23.25
CA ALA C 37 25.33 15.21 22.53
C ALA C 37 26.78 15.63 22.44
N LEU C 38 27.04 16.94 22.32
CA LEU C 38 28.40 17.47 22.44
C LEU C 38 28.95 17.32 23.86
N SER C 39 28.21 17.76 24.87
CA SER C 39 28.68 17.74 26.24
C SER C 39 28.99 16.33 26.73
N ASN C 40 28.16 15.35 26.38
CA ASN C 40 28.38 13.98 26.82
C ASN C 40 29.65 13.37 26.21
N TYR C 41 29.97 13.71 24.96
CA TYR C 41 31.19 13.17 24.38
C TYR C 41 32.42 13.94 24.83
N LEU C 42 32.34 15.27 24.89
CA LEU C 42 33.51 16.10 25.18
C LEU C 42 33.70 16.37 26.66
N GLY C 43 32.66 16.17 27.47
CA GLY C 43 32.78 16.26 28.91
C GLY C 43 32.68 17.65 29.50
N PHE C 44 32.48 18.68 28.68
CA PHE C 44 32.37 20.04 29.22
C PHE C 44 31.01 20.25 29.89
N ASN C 45 31.03 20.95 31.02
CA ASN C 45 29.82 21.46 31.63
C ASN C 45 29.41 22.76 30.95
N TYR C 46 28.12 23.08 31.05
CA TYR C 46 27.61 24.31 30.45
C TYR C 46 26.55 24.95 31.33
N GLU C 47 26.34 26.24 31.09
CA GLU C 47 25.28 27.03 31.71
C GLU C 47 24.56 27.79 30.62
N ILE C 48 23.23 27.87 30.71
CA ILE C 48 22.40 28.50 29.69
C ILE C 48 21.73 29.72 30.30
N TYR C 49 21.68 30.80 29.52
CA TYR C 49 20.82 31.95 29.80
C TYR C 49 20.27 32.48 28.49
N VAL C 50 19.18 33.24 28.59
CA VAL C 50 18.46 33.77 27.43
C VAL C 50 18.90 35.20 27.16
N ALA C 51 19.08 35.52 25.89
CA ALA C 51 19.46 36.88 25.51
C ALA C 51 18.38 37.86 25.93
N PRO C 52 18.75 39.07 26.37
CA PRO C 52 17.77 39.93 27.03
C PRO C 52 16.69 40.47 26.10
N ASP C 53 17.04 40.79 24.85
CA ASP C 53 16.06 41.34 23.92
C ASP C 53 15.38 40.30 23.05
N HIS C 54 15.73 39.02 23.21
CA HIS C 54 15.15 37.92 22.43
C HIS C 54 15.31 38.15 20.92
N LYS C 55 16.37 38.84 20.52
CA LYS C 55 16.71 39.04 19.12
C LYS C 55 18.08 38.46 18.83
N TYR C 56 18.27 38.02 17.58
CA TYR C 56 19.58 37.54 17.16
C TYR C 56 20.59 38.68 17.11
N GLY C 57 20.17 39.85 16.67
CA GLY C 57 21.00 41.04 16.67
C GLY C 57 21.22 41.59 15.28
N SER C 58 21.73 42.81 15.26
CA SER C 58 22.07 43.52 14.04
C SER C 58 23.30 44.36 14.28
N PRO C 59 24.06 44.70 13.23
CA PRO C 59 25.18 45.63 13.41
C PRO C 59 24.69 47.04 13.70
N GLN C 60 25.00 47.54 14.89
CA GLN C 60 24.44 48.80 15.35
C GLN C 60 25.11 49.97 14.64
N GLU C 61 24.51 51.16 14.83
CA GLU C 61 25.04 52.37 14.19
C GLU C 61 26.45 52.70 14.68
N ASP C 62 26.80 52.26 15.88
CA ASP C 62 28.13 52.45 16.42
C ASP C 62 29.08 51.30 16.08
N GLY C 63 28.63 50.33 15.29
CA GLY C 63 29.44 49.18 14.93
C GLY C 63 29.43 48.05 15.93
N THR C 64 28.74 48.19 17.05
CA THR C 64 28.52 47.08 17.97
C THR C 64 27.37 46.21 17.48
N TRP C 65 27.04 45.19 18.26
CA TRP C 65 25.92 44.31 17.96
C TRP C 65 25.03 44.18 19.19
N ASN C 66 23.72 44.14 18.96
CA ASN C 66 22.78 43.77 20.00
C ASN C 66 22.50 42.27 19.93
N GLY C 67 21.60 41.80 20.80
CA GLY C 67 21.12 40.43 20.73
C GLY C 67 22.18 39.39 21.04
N LEU C 68 21.87 38.15 20.66
CA LEU C 68 22.76 37.01 20.91
C LEU C 68 24.15 37.23 20.32
N VAL C 69 24.21 37.74 19.10
CA VAL C 69 25.51 38.08 18.52
C VAL C 69 26.20 39.16 19.34
N GLY C 70 25.46 40.17 19.79
CA GLY C 70 26.03 41.14 20.71
C GLY C 70 26.62 40.52 21.97
N GLU C 71 25.91 39.55 22.55
CA GLU C 71 26.37 38.81 23.72
C GLU C 71 27.62 38.00 23.43
N LEU C 72 27.82 37.59 22.19
CA LEU C 72 29.11 37.03 21.82
C LEU C 72 30.18 38.09 21.60
N VAL C 73 29.84 39.21 20.95
CA VAL C 73 30.81 40.26 20.66
C VAL C 73 31.30 40.89 21.95
N PHE C 74 30.41 41.13 22.90
CA PHE C 74 30.83 41.63 24.21
C PHE C 74 31.46 40.55 25.08
N LYS C 75 31.62 39.33 24.55
CA LYS C 75 32.27 38.23 25.26
C LYS C 75 31.57 37.90 26.57
N ARG C 76 30.27 38.22 26.65
CA ARG C 76 29.51 37.92 27.87
C ARG C 76 29.17 36.44 27.97
N ALA C 77 29.09 35.74 26.84
CA ALA C 77 28.84 34.31 26.82
C ALA C 77 29.89 33.64 25.93
N ASP C 78 30.08 32.34 26.17
CA ASP C 78 31.07 31.58 25.42
C ASP C 78 30.49 30.92 24.17
N ILE C 79 29.24 30.47 24.22
CA ILE C 79 28.63 29.72 23.13
C ILE C 79 27.28 30.32 22.80
N GLY C 80 27.01 30.50 21.51
CA GLY C 80 25.68 30.87 21.07
C GLY C 80 25.05 29.79 20.21
N ILE C 81 23.92 29.25 20.64
CA ILE C 81 23.23 28.19 19.91
C ILE C 81 21.74 28.51 19.89
N SER C 82 21.13 28.41 18.71
CA SER C 82 19.73 28.76 18.50
C SER C 82 19.26 28.31 17.13
N ALA C 83 18.10 28.80 16.71
CA ALA C 83 17.66 28.66 15.33
C ALA C 83 18.35 29.71 14.45
N LEU C 84 19.51 30.19 14.90
CA LEU C 84 20.28 31.19 14.17
C LEU C 84 20.71 30.65 12.81
N THR C 85 20.59 31.49 11.78
CA THR C 85 20.94 31.12 10.43
C THR C 85 22.32 31.69 10.09
N ILE C 86 23.20 30.82 9.58
CA ILE C 86 24.55 31.24 9.26
C ILE C 86 24.53 32.20 8.07
N THR C 87 25.12 33.38 8.26
CA THR C 87 25.24 34.39 7.22
C THR C 87 26.61 35.04 7.35
N PRO C 88 27.17 35.55 6.24
CA PRO C 88 28.57 36.03 6.30
C PRO C 88 28.74 37.34 7.06
N ASP C 89 27.74 38.22 7.04
CA ASP C 89 27.79 39.41 7.89
C ASP C 89 27.82 39.05 9.37
N ARG C 90 27.12 37.99 9.75
CA ARG C 90 27.29 37.46 11.11
C ARG C 90 28.66 36.82 11.30
N GLU C 91 29.12 36.02 10.34
CA GLU C 91 30.45 35.43 10.46
C GLU C 91 31.56 36.47 10.48
N ASN C 92 31.28 37.68 10.02
CA ASN C 92 32.30 38.73 9.98
C ASN C 92 32.79 39.11 11.38
N VAL C 93 32.05 38.77 12.43
CA VAL C 93 32.44 39.17 13.78
C VAL C 93 32.55 37.96 14.70
N VAL C 94 31.83 36.89 14.40
CA VAL C 94 31.90 35.66 15.18
C VAL C 94 32.10 34.48 14.24
N ASP C 95 32.88 33.49 14.71
CA ASP C 95 33.09 32.30 13.93
C ASP C 95 31.92 31.33 14.09
N PHE C 96 31.73 30.49 13.07
CA PHE C 96 30.67 29.49 13.06
C PHE C 96 31.25 28.10 12.85
N THR C 97 30.61 27.11 13.47
CA THR C 97 30.90 25.72 13.17
C THR C 97 30.29 25.35 11.81
N THR C 98 30.61 24.13 11.35
CA THR C 98 29.88 23.55 10.24
C THR C 98 28.40 23.46 10.58
N ARG C 99 27.56 23.74 9.58
CA ARG C 99 26.12 23.76 9.82
C ARG C 99 25.59 22.33 9.99
N TYR C 100 24.89 22.09 11.09
CA TYR C 100 24.41 20.76 11.41
C TYR C 100 23.10 20.41 10.73
N MET C 101 22.35 21.40 10.23
CA MET C 101 21.15 21.12 9.47
C MET C 101 20.96 22.23 8.43
N ASP C 102 20.47 21.84 7.27
CA ASP C 102 20.26 22.79 6.18
C ASP C 102 18.99 23.60 6.39
N TYR C 103 19.07 24.89 6.10
CA TYR C 103 17.94 25.80 6.20
C TYR C 103 17.03 25.62 4.99
N SER C 104 15.77 26.02 5.16
CA SER C 104 14.83 26.01 4.04
C SER C 104 13.73 27.04 4.26
N VAL C 105 13.24 27.60 3.16
CA VAL C 105 12.09 28.49 3.17
C VAL C 105 10.88 27.70 2.67
N GLY C 106 9.85 27.61 3.51
CA GLY C 106 8.66 26.84 3.18
C GLY C 106 7.40 27.64 3.41
N VAL C 107 6.27 27.01 3.09
CA VAL C 107 4.96 27.65 3.14
C VAL C 107 4.01 26.72 3.89
N LEU C 108 3.18 27.30 4.74
CA LEU C 108 2.14 26.57 5.46
C LEU C 108 0.77 26.91 4.89
N LEU C 109 -0.01 25.87 4.59
CA LEU C 109 -1.35 26.04 4.05
C LEU C 109 -2.31 25.13 4.79
N ARG C 110 -3.56 25.60 4.93
CA ARG C 110 -4.65 24.73 5.33
C ARG C 110 -5.01 23.78 4.18
N ARG C 111 -5.53 22.61 4.55
CA ARG C 111 -6.02 21.66 3.56
C ARG C 111 -7.13 22.29 2.73
N ALA C 112 -7.13 21.97 1.43
CA ALA C 112 -7.91 22.72 0.45
C ALA C 112 -8.28 21.78 -0.69
N GLU C 113 -8.65 22.36 -1.83
CA GLU C 113 -8.91 21.64 -3.07
C GLU C 113 -10.05 20.62 -2.91
N LYS C 114 -11.25 21.18 -2.71
CA LYS C 114 -12.45 20.38 -2.58
C LYS C 114 -12.64 19.47 -3.80
N THR C 115 -13.03 18.23 -3.55
CA THR C 115 -13.07 17.16 -4.54
C THR C 115 -14.34 17.17 -5.39
N VAL C 116 -15.03 18.31 -5.51
CA VAL C 116 -16.28 18.39 -6.25
C VAL C 116 -16.01 19.04 -7.60
N ASP C 117 -16.32 18.32 -8.67
CA ASP C 117 -16.10 18.79 -10.04
C ASP C 117 -17.20 18.23 -10.92
N MET C 118 -17.48 18.93 -12.02
CA MET C 118 -18.74 18.74 -12.74
C MET C 118 -18.62 17.93 -14.01
N PHE C 119 -17.48 18.00 -14.71
CA PHE C 119 -17.27 17.24 -15.93
C PHE C 119 -16.66 15.88 -15.68
N ALA C 120 -16.89 15.31 -14.48
CA ALA C 120 -16.16 14.12 -14.05
C ALA C 120 -16.39 12.94 -14.99
N CYS C 121 -17.60 12.78 -15.50
CA CYS C 121 -17.90 11.63 -16.36
C CYS C 121 -17.37 11.78 -17.78
N LEU C 122 -16.95 12.98 -18.18
CA LEU C 122 -16.43 13.17 -19.53
C LEU C 122 -14.94 12.86 -19.63
N ALA C 123 -14.25 12.73 -18.51
CA ALA C 123 -12.81 12.57 -18.39
C ALA C 123 -12.18 11.27 -18.92
N PRO C 124 -12.90 10.14 -18.99
CA PRO C 124 -12.22 8.90 -19.43
C PRO C 124 -11.59 8.99 -20.82
N PHE C 125 -12.17 9.77 -21.73
CA PHE C 125 -11.58 9.99 -23.06
C PHE C 125 -11.02 11.40 -23.15
N ASP C 126 -9.87 11.52 -23.82
CA ASP C 126 -9.27 12.84 -24.04
C ASP C 126 -10.20 13.72 -24.86
N LEU C 127 -10.10 15.03 -24.63
CA LEU C 127 -11.00 15.99 -25.28
C LEU C 127 -10.98 15.87 -26.79
N SER C 128 -9.84 15.48 -27.36
CA SER C 128 -9.73 15.28 -28.81
C SER C 128 -10.28 13.93 -29.25
N LEU C 129 -10.29 12.96 -28.35
CA LEU C 129 -10.77 11.63 -28.75
C LEU C 129 -12.27 11.64 -29.02
N TRP C 130 -13.04 12.44 -28.29
CA TRP C 130 -14.47 12.54 -28.59
C TRP C 130 -14.71 13.16 -29.97
N ALA C 131 -13.83 14.08 -30.39
CA ALA C 131 -13.91 14.64 -31.74
C ALA C 131 -13.53 13.60 -32.78
N CYS C 132 -12.54 12.76 -32.47
CA CYS C 132 -12.21 11.63 -33.33
C CYS C 132 -13.36 10.65 -33.45
N ILE C 133 -14.03 10.34 -32.35
CA ILE C 133 -15.13 9.39 -32.39
C ILE C 133 -16.31 9.96 -33.16
N ALA C 134 -16.72 11.20 -32.89
CA ALA C 134 -17.81 11.79 -33.64
C ALA C 134 -17.48 11.94 -35.13
N GLY C 135 -16.23 12.21 -35.45
CA GLY C 135 -15.82 12.23 -36.84
C GLY C 135 -15.87 10.85 -37.46
N THR C 136 -15.45 9.83 -36.73
CA THR C 136 -15.50 8.47 -37.25
C THR C 136 -16.93 8.02 -37.47
N VAL C 137 -17.84 8.41 -36.57
CA VAL C 137 -19.27 8.14 -36.77
C VAL C 137 -19.75 8.76 -38.08
N LEU C 138 -19.38 10.02 -38.32
CA LEU C 138 -19.85 10.69 -39.53
C LEU C 138 -19.22 10.08 -40.78
N LEU C 139 -17.91 9.80 -40.73
CA LEU C 139 -17.23 9.20 -41.86
C LEU C 139 -17.76 7.81 -42.17
N VAL C 140 -18.08 7.02 -41.13
CA VAL C 140 -18.64 5.69 -41.36
C VAL C 140 -20.03 5.79 -41.97
N GLY C 141 -20.85 6.74 -41.53
CA GLY C 141 -22.14 6.93 -42.18
C GLY C 141 -22.03 7.34 -43.64
N LEU C 142 -21.06 8.20 -43.94
CA LEU C 142 -20.80 8.58 -45.33
C LEU C 142 -20.29 7.39 -46.14
N LEU C 143 -19.37 6.62 -45.59
CA LEU C 143 -18.83 5.45 -46.27
C LEU C 143 -19.91 4.41 -46.51
N VAL C 144 -20.84 4.25 -45.57
CA VAL C 144 -22.00 3.40 -45.79
C VAL C 144 -22.86 3.92 -46.93
N TYR C 145 -23.07 5.24 -46.99
CA TYR C 145 -23.94 5.75 -48.04
C TYR C 145 -23.29 5.60 -49.42
N LEU C 146 -21.99 5.84 -49.51
CA LEU C 146 -21.34 5.68 -50.81
C LEU C 146 -21.14 4.22 -51.17
N LEU C 147 -20.91 3.36 -50.19
CA LEU C 147 -20.92 1.92 -50.42
C LEU C 147 -22.23 1.46 -51.02
N ASN C 148 -23.34 1.98 -50.52
CA ASN C 148 -24.61 1.46 -51.01
C ASN C 148 -24.94 1.95 -52.41
N TRP C 149 -24.10 2.80 -53.02
CA TRP C 149 -24.35 3.23 -54.39
C TRP C 149 -23.66 2.34 -55.41
N LEU C 150 -22.53 1.75 -55.04
CA LEU C 150 -21.72 1.00 -56.00
C LEU C 150 -22.50 -0.20 -56.53
N ASN C 151 -23.18 -0.93 -55.65
CA ASN C 151 -24.15 -1.93 -56.01
C ASN C 151 -25.31 -1.85 -55.03
N PRO C 152 -26.55 -1.89 -55.52
CA PRO C 152 -27.70 -1.96 -54.62
C PRO C 152 -28.10 -3.41 -54.37
N PRO C 153 -28.87 -3.66 -53.31
CA PRO C 153 -29.41 -5.01 -53.09
C PRO C 153 -30.70 -5.25 -53.87
N ARG C 154 -31.33 -6.40 -53.63
CA ARG C 154 -32.66 -6.69 -54.16
C ARG C 154 -33.68 -5.96 -53.28
N LEU C 155 -33.82 -4.67 -53.55
CA LEU C 155 -34.71 -3.82 -52.79
C LEU C 155 -36.18 -4.11 -53.12
N GLN C 156 -37.06 -3.59 -52.27
CA GLN C 156 -38.48 -3.48 -52.55
C GLN C 156 -38.78 -2.04 -52.94
N MET C 157 -39.35 -1.86 -54.13
CA MET C 157 -39.51 -0.52 -54.70
C MET C 157 -40.43 0.34 -53.84
N GLY C 158 -39.92 1.49 -53.40
CA GLY C 158 -40.70 2.46 -52.67
C GLY C 158 -41.07 2.10 -51.25
N SER C 159 -40.53 0.99 -50.72
CA SER C 159 -40.88 0.57 -49.38
C SER C 159 -40.22 1.48 -48.34
N MET C 160 -40.83 1.57 -47.16
CA MET C 160 -40.31 2.40 -46.08
C MET C 160 -38.98 1.88 -45.54
N THR C 161 -38.60 0.65 -45.87
CA THR C 161 -37.31 0.09 -45.46
C THR C 161 -36.15 0.60 -46.30
N SER C 162 -36.42 1.35 -47.36
CA SER C 162 -35.35 1.81 -48.25
C SER C 162 -34.39 2.73 -47.50
N THR C 163 -33.13 2.69 -47.91
CA THR C 163 -32.03 3.32 -47.17
C THR C 163 -31.41 4.42 -48.02
N THR C 164 -32.02 5.61 -47.97
CA THR C 164 -31.37 6.83 -48.41
C THR C 164 -30.24 7.21 -47.45
N LEU C 165 -29.59 8.36 -47.69
CA LEU C 165 -28.53 8.81 -46.79
C LEU C 165 -29.04 8.96 -45.38
N TYR C 166 -30.25 9.49 -45.21
CA TYR C 166 -30.73 9.86 -43.89
C TYR C 166 -30.98 8.64 -43.01
N ASN C 167 -31.66 7.64 -43.57
CA ASN C 167 -31.81 6.36 -42.87
C ASN C 167 -30.47 5.67 -42.67
N SER C 168 -29.57 5.72 -43.67
CA SER C 168 -28.28 5.08 -43.48
C SER C 168 -27.55 5.67 -42.28
N MET C 169 -27.54 7.00 -42.18
CA MET C 169 -26.83 7.66 -41.09
C MET C 169 -27.50 7.35 -39.76
N TRP C 170 -28.82 7.20 -39.78
CA TRP C 170 -29.51 6.90 -38.53
C TRP C 170 -29.22 5.48 -38.08
N PHE C 171 -29.21 4.52 -39.02
CA PHE C 171 -28.81 3.16 -38.66
C PHE C 171 -27.40 3.11 -38.10
N VAL C 172 -26.49 3.89 -38.69
CA VAL C 172 -25.10 3.90 -38.22
C VAL C 172 -25.00 4.45 -36.80
N TYR C 173 -25.76 5.50 -36.49
CA TYR C 173 -25.73 6.04 -35.13
C TYR C 173 -26.43 5.12 -34.15
N GLY C 174 -27.63 4.67 -34.48
CA GLY C 174 -28.37 3.83 -33.56
C GLY C 174 -27.65 2.52 -33.28
N SER C 175 -26.98 1.96 -34.28
CA SER C 175 -26.18 0.77 -34.06
C SER C 175 -24.91 1.07 -33.28
N PHE C 176 -24.41 2.31 -33.32
CA PHE C 176 -23.26 2.62 -32.47
C PHE C 176 -23.66 2.67 -31.00
N VAL C 177 -24.76 3.35 -30.68
CA VAL C 177 -25.16 3.53 -29.29
C VAL C 177 -25.96 2.32 -28.79
N GLN C 178 -25.96 1.25 -29.56
CA GLN C 178 -26.60 -0.02 -29.18
C GLN C 178 -28.10 0.16 -28.96
N GLN C 179 -28.78 0.74 -29.95
CA GLN C 179 -30.23 0.89 -29.90
C GLN C 179 -30.87 0.54 -31.24
N GLY C 180 -30.11 -0.08 -32.14
CA GLY C 180 -30.58 -0.30 -33.49
C GLY C 180 -31.43 -1.56 -33.61
N GLY C 181 -32.39 -1.52 -34.52
CA GLY C 181 -33.13 -2.69 -34.92
C GLY C 181 -32.34 -3.54 -35.88
N GLU C 182 -33.07 -4.33 -36.67
CA GLU C 182 -32.45 -5.07 -37.76
C GLU C 182 -31.84 -4.12 -38.78
N VAL C 183 -30.58 -4.35 -39.10
CA VAL C 183 -29.96 -3.63 -40.22
C VAL C 183 -30.48 -4.21 -41.54
N PRO C 184 -31.05 -3.40 -42.44
CA PRO C 184 -31.62 -3.94 -43.67
C PRO C 184 -30.58 -4.32 -44.72
N TYR C 185 -29.30 -4.04 -44.49
CA TYR C 185 -28.27 -4.34 -45.48
C TYR C 185 -28.05 -5.84 -45.56
N THR C 186 -28.41 -6.43 -46.71
CA THR C 186 -28.17 -7.85 -46.95
C THR C 186 -26.85 -8.11 -47.66
N THR C 187 -26.31 -7.12 -48.36
CA THR C 187 -25.14 -7.34 -49.19
C THR C 187 -23.91 -7.65 -48.35
N LEU C 188 -23.04 -8.51 -48.89
CA LEU C 188 -21.88 -9.00 -48.14
C LEU C 188 -20.93 -7.86 -47.77
N ALA C 189 -20.76 -6.90 -48.68
CA ALA C 189 -19.93 -5.73 -48.39
C ALA C 189 -20.48 -4.94 -47.21
N THR C 190 -21.75 -4.52 -47.30
CA THR C 190 -22.27 -3.62 -46.28
C THR C 190 -22.50 -4.35 -44.96
N ARG C 191 -22.79 -5.65 -45.01
CA ARG C 191 -22.73 -6.45 -43.79
C ARG C 191 -21.34 -6.43 -43.17
N MET C 192 -20.30 -6.73 -43.96
CA MET C 192 -18.97 -6.77 -43.37
C MET C 192 -18.58 -5.43 -42.77
N MET C 193 -19.06 -4.35 -43.39
CA MET C 193 -18.86 -3.01 -42.86
C MET C 193 -19.57 -2.82 -41.53
N MET C 194 -20.87 -3.12 -41.47
CA MET C 194 -21.60 -2.90 -40.24
C MET C 194 -21.10 -3.80 -39.12
N GLY C 195 -20.67 -5.03 -39.44
CA GLY C 195 -20.13 -5.92 -38.43
C GLY C 195 -18.82 -5.45 -37.86
N ALA C 196 -17.98 -4.82 -38.68
CA ALA C 196 -16.76 -4.24 -38.11
C ALA C 196 -17.06 -2.97 -37.34
N TRP C 197 -18.08 -2.23 -37.77
CA TRP C 197 -18.54 -1.09 -36.98
C TRP C 197 -19.05 -1.54 -35.62
N TRP C 198 -19.83 -2.61 -35.58
CA TRP C 198 -20.31 -3.18 -34.32
C TRP C 198 -19.17 -3.60 -33.41
N LEU C 199 -18.11 -4.18 -33.98
CA LEU C 199 -16.96 -4.55 -33.15
C LEU C 199 -16.23 -3.32 -32.63
N PHE C 200 -16.12 -2.27 -33.44
CA PHE C 200 -15.56 -1.01 -32.96
C PHE C 200 -16.42 -0.43 -31.85
N ALA C 201 -17.75 -0.50 -32.01
CA ALA C 201 -18.66 0.10 -31.03
C ALA C 201 -18.55 -0.60 -29.69
N LEU C 202 -18.56 -1.93 -29.69
CA LEU C 202 -18.37 -2.69 -28.46
C LEU C 202 -17.04 -2.35 -27.80
N ILE C 203 -15.98 -2.19 -28.59
CA ILE C 203 -14.67 -1.93 -27.99
C ILE C 203 -14.59 -0.52 -27.42
N VAL C 204 -15.22 0.46 -28.08
CA VAL C 204 -15.32 1.81 -27.53
C VAL C 204 -16.10 1.83 -26.23
N ILE C 205 -17.25 1.18 -26.19
CA ILE C 205 -18.10 1.28 -25.00
C ILE C 205 -17.49 0.50 -23.84
N SER C 206 -16.85 -0.64 -24.12
CA SER C 206 -16.08 -1.33 -23.08
C SER C 206 -14.94 -0.48 -22.56
N SER C 207 -14.21 0.19 -23.45
CA SER C 207 -13.07 0.98 -22.99
C SER C 207 -13.52 2.17 -22.16
N TYR C 208 -14.65 2.78 -22.53
CA TYR C 208 -15.23 3.85 -21.71
C TYR C 208 -15.59 3.34 -20.32
N THR C 209 -16.31 2.23 -20.24
CA THR C 209 -16.67 1.67 -18.93
C THR C 209 -15.44 1.35 -18.11
N ALA C 210 -14.42 0.79 -18.74
CA ALA C 210 -13.22 0.37 -18.00
C ALA C 210 -12.42 1.56 -17.49
N ASN C 211 -12.27 2.60 -18.30
CA ASN C 211 -11.46 3.72 -17.84
C ASN C 211 -12.22 4.61 -16.89
N LEU C 212 -13.54 4.70 -17.02
CA LEU C 212 -14.33 5.38 -16.00
C LEU C 212 -14.24 4.64 -14.67
N ALA C 213 -14.31 3.31 -14.70
CA ALA C 213 -14.10 2.52 -13.49
C ALA C 213 -12.74 2.76 -12.88
N ALA C 214 -11.69 2.85 -13.71
CA ALA C 214 -10.36 3.11 -13.17
C ALA C 214 -10.25 4.50 -12.56
N PHE C 215 -10.93 5.48 -13.15
CA PHE C 215 -10.79 6.85 -12.67
C PHE C 215 -11.54 7.02 -11.35
N LEU C 216 -12.72 6.39 -11.25
CA LEU C 216 -13.44 6.36 -9.98
C LEU C 216 -12.64 5.60 -8.92
N THR C 217 -11.97 4.52 -9.32
CA THR C 217 -11.24 3.71 -8.37
C THR C 217 -10.06 4.47 -7.78
N ILE C 218 -9.34 5.23 -8.59
CA ILE C 218 -8.04 5.75 -8.15
C ILE C 218 -8.09 7.24 -7.77
N THR C 219 -9.08 8.00 -8.25
CA THR C 219 -9.23 9.41 -7.89
C THR C 219 -9.23 9.62 -6.37
N ARG C 220 -8.92 10.85 -5.93
CA ARG C 220 -8.91 11.38 -4.56
C ARG C 220 -7.64 11.01 -3.78
N ILE C 221 -6.76 10.21 -4.38
CA ILE C 221 -5.58 9.76 -3.64
C ILE C 221 -4.44 10.77 -3.75
N GLU C 222 -4.20 11.31 -4.95
CA GLU C 222 -2.92 11.92 -5.28
C GLU C 222 -2.78 13.37 -4.81
N SER C 223 -3.87 14.13 -4.77
CA SER C 223 -3.86 15.55 -4.40
C SER C 223 -3.07 16.39 -5.40
N SER C 224 -2.89 17.67 -5.11
CA SER C 224 -2.26 18.59 -6.05
C SER C 224 -1.71 19.81 -5.30
N ILE C 225 -0.97 20.64 -6.04
CA ILE C 225 -0.29 21.82 -5.52
C ILE C 225 0.72 21.45 -4.45
N GLN C 226 1.98 21.25 -4.84
CA GLN C 226 3.03 20.83 -3.93
C GLN C 226 4.36 21.50 -4.25
N SER C 227 4.32 22.71 -4.83
CA SER C 227 5.54 23.40 -5.23
C SER C 227 5.42 24.88 -4.88
N LEU C 228 6.51 25.44 -4.33
CA LEU C 228 6.52 26.85 -3.98
C LEU C 228 6.40 27.73 -5.22
N GLN C 229 7.03 27.33 -6.32
CA GLN C 229 6.95 28.13 -7.55
C GLN C 229 5.51 28.21 -8.05
N ASP C 230 4.85 27.06 -8.21
CA ASP C 230 3.49 27.11 -8.72
C ASP C 230 2.54 27.77 -7.73
N LEU C 231 2.79 27.60 -6.43
CA LEU C 231 2.02 28.35 -5.44
C LEU C 231 2.30 29.85 -5.53
N SER C 232 3.40 30.24 -6.16
CA SER C 232 3.68 31.65 -6.42
C SER C 232 3.17 32.11 -7.78
N LYS C 233 2.78 31.19 -8.65
CA LYS C 233 2.23 31.57 -9.94
C LYS C 233 0.78 32.04 -9.82
N GLN C 234 -0.04 31.32 -9.07
CA GLN C 234 -1.40 31.75 -8.80
C GLN C 234 -1.40 32.95 -7.86
N THR C 235 -2.56 33.60 -7.77
CA THR C 235 -2.76 34.71 -6.85
C THR C 235 -4.06 34.60 -6.07
N GLU C 236 -4.87 33.58 -6.29
CA GLU C 236 -6.16 33.47 -5.61
C GLU C 236 -5.99 33.25 -4.12
N ILE C 237 -4.96 32.50 -3.72
CA ILE C 237 -4.60 32.32 -2.31
C ILE C 237 -3.50 33.33 -1.99
N PRO C 238 -3.75 34.32 -1.14
CA PRO C 238 -2.70 35.28 -0.81
C PRO C 238 -1.66 34.65 0.12
N TYR C 239 -0.41 35.07 -0.07
CA TYR C 239 0.72 34.56 0.71
C TYR C 239 1.60 35.72 1.16
N GLY C 240 2.25 35.53 2.30
CA GLY C 240 3.09 36.55 2.86
C GLY C 240 3.97 36.01 3.96
N THR C 241 4.62 36.93 4.66
CA THR C 241 5.59 36.57 5.69
C THR C 241 5.52 37.60 6.81
N VAL C 242 6.40 37.43 7.80
CA VAL C 242 6.52 38.43 8.87
C VAL C 242 7.30 39.63 8.36
N LEU C 243 6.75 40.82 8.58
CA LEU C 243 7.40 42.04 8.13
C LEU C 243 8.80 42.19 8.71
N ASP C 244 9.72 42.68 7.89
CA ASP C 244 11.11 42.95 8.24
C ASP C 244 11.86 41.74 8.77
N SER C 245 11.30 40.54 8.60
CA SER C 245 12.00 39.33 9.01
C SER C 245 13.11 38.99 8.02
N ALA C 246 13.97 38.07 8.43
CA ALA C 246 15.01 37.58 7.52
C ALA C 246 14.41 36.92 6.29
N VAL C 247 13.24 36.28 6.44
CA VAL C 247 12.53 35.71 5.30
C VAL C 247 12.09 36.82 4.35
N TYR C 248 11.48 37.87 4.91
CA TYR C 248 11.08 39.03 4.11
C TYR C 248 12.26 39.63 3.34
N GLU C 249 13.35 39.92 4.04
CA GLU C 249 14.53 40.48 3.38
C GLU C 249 15.10 39.53 2.34
N HIS C 250 15.09 38.22 2.61
CA HIS C 250 15.60 37.25 1.66
C HIS C 250 14.77 37.23 0.38
N VAL C 251 13.45 37.19 0.51
CA VAL C 251 12.59 37.19 -0.66
C VAL C 251 12.69 38.51 -1.41
N ARG C 252 12.79 39.63 -0.68
CA ARG C 252 12.99 40.92 -1.34
C ARG C 252 14.28 40.95 -2.14
N MET C 253 15.38 40.53 -1.52
CA MET C 253 16.69 40.54 -2.18
C MET C 253 16.73 39.65 -3.40
N LYS C 254 16.12 38.46 -3.31
CA LYS C 254 15.98 37.63 -4.51
C LYS C 254 15.12 38.29 -5.57
N GLY C 255 13.95 38.81 -5.19
CA GLY C 255 13.00 39.28 -6.18
C GLY C 255 13.42 40.56 -6.88
N LEU C 256 14.15 41.42 -6.20
CA LEU C 256 14.52 42.72 -6.76
C LEU C 256 15.61 42.64 -7.82
N ASN C 257 16.20 41.48 -8.05
CA ASN C 257 17.26 41.35 -9.06
C ASN C 257 16.63 40.94 -10.37
N PRO C 258 16.62 41.81 -11.39
CA PRO C 258 16.06 41.40 -12.69
C PRO C 258 16.96 40.47 -13.47
N PHE C 259 18.24 40.36 -13.10
CA PHE C 259 19.18 39.47 -13.77
C PHE C 259 19.10 38.04 -13.26
N GLU C 260 18.24 37.77 -12.29
CA GLU C 260 18.02 36.39 -11.86
C GLU C 260 17.44 35.58 -13.00
N ARG C 261 17.87 34.32 -13.09
CA ARG C 261 17.44 33.46 -14.19
C ARG C 261 15.99 33.01 -14.08
N ASP C 262 15.32 33.29 -12.96
CA ASP C 262 13.93 32.93 -12.79
C ASP C 262 13.16 34.13 -12.26
N SER C 263 12.04 34.44 -12.91
CA SER C 263 11.16 35.53 -12.50
C SER C 263 10.35 35.19 -11.24
N MET C 264 10.32 33.92 -10.84
CA MET C 264 9.45 33.49 -9.75
C MET C 264 9.64 34.33 -8.49
N TYR C 265 10.89 34.64 -8.13
CA TYR C 265 11.10 35.45 -6.94
C TYR C 265 10.54 36.86 -7.09
N SER C 266 10.56 37.40 -8.31
CA SER C 266 9.88 38.66 -8.58
C SER C 266 8.37 38.52 -8.47
N GLN C 267 7.82 37.38 -8.87
CA GLN C 267 6.39 37.13 -8.71
C GLN C 267 6.00 36.98 -7.24
N MET C 268 6.91 36.49 -6.41
CA MET C 268 6.72 36.52 -4.96
C MET C 268 6.74 37.95 -4.43
N TRP C 269 7.79 38.70 -4.75
CA TRP C 269 7.92 40.05 -4.20
C TRP C 269 6.79 40.97 -4.64
N ARG C 270 6.38 40.90 -5.90
CA ARG C 270 5.26 41.67 -6.44
C ARG C 270 3.92 41.32 -5.78
N MET C 271 3.84 40.22 -5.05
CA MET C 271 2.73 40.00 -4.14
C MET C 271 3.01 40.53 -2.74
N ILE C 272 4.18 40.19 -2.18
CA ILE C 272 4.47 40.52 -0.79
C ILE C 272 4.50 42.03 -0.57
N ASN C 273 5.00 42.77 -1.56
CA ASN C 273 5.18 44.21 -1.41
C ASN C 273 3.88 45.01 -1.50
N ARG C 274 2.76 44.37 -1.83
CA ARG C 274 1.53 45.10 -2.08
C ARG C 274 1.09 45.88 -0.85
N SER C 275 0.62 47.11 -1.08
CA SER C 275 0.24 48.04 -0.03
C SER C 275 1.36 48.22 1.00
N ASN C 276 2.58 48.38 0.48
CA ASN C 276 3.79 48.49 1.31
C ASN C 276 3.89 47.32 2.29
N GLY C 277 3.49 46.14 1.84
CA GLY C 277 3.53 44.94 2.64
C GLY C 277 2.33 44.73 3.55
N SER C 278 1.53 45.76 3.78
CA SER C 278 0.38 45.63 4.69
C SER C 278 -0.74 44.79 4.11
N GLU C 279 -0.72 44.50 2.81
CA GLU C 279 -1.81 43.76 2.19
C GLU C 279 -1.83 42.30 2.61
N ASN C 280 -0.67 41.71 2.91
CA ASN C 280 -0.59 40.28 3.14
C ASN C 280 0.06 39.95 4.47
N ASN C 281 1.11 40.69 4.84
CA ASN C 281 2.01 40.28 5.90
C ASN C 281 1.35 40.42 7.27
N VAL C 282 2.02 39.84 8.27
CA VAL C 282 1.54 39.79 9.66
C VAL C 282 2.69 40.19 10.57
N LEU C 283 2.33 40.55 11.81
CA LEU C 283 3.32 40.98 12.78
C LEU C 283 4.01 39.84 13.51
N GLU C 284 3.37 38.67 13.59
CA GLU C 284 3.89 37.57 14.40
C GLU C 284 3.63 36.25 13.70
N SER C 285 4.52 35.28 13.96
CA SER C 285 4.39 33.96 13.35
C SER C 285 3.12 33.27 13.82
N GLN C 286 2.77 33.40 15.10
CA GLN C 286 1.54 32.82 15.60
C GLN C 286 0.32 33.45 14.95
N ALA C 287 0.36 34.77 14.73
CA ALA C 287 -0.72 35.45 14.01
C ALA C 287 -0.82 34.96 12.57
N GLY C 288 0.31 34.76 11.91
CA GLY C 288 0.29 34.15 10.58
C GLY C 288 -0.34 32.76 10.59
N ILE C 289 0.11 31.91 11.50
CA ILE C 289 -0.41 30.54 11.60
C ILE C 289 -1.90 30.54 11.83
N GLN C 290 -2.39 31.37 12.75
CA GLN C 290 -3.83 31.49 12.95
C GLN C 290 -4.57 32.05 11.73
N LYS C 291 -3.98 33.04 11.05
CA LYS C 291 -4.60 33.58 9.84
C LYS C 291 -4.71 32.52 8.75
N VAL C 292 -3.74 31.62 8.67
CA VAL C 292 -3.85 30.45 7.78
C VAL C 292 -4.94 29.51 8.26
N LYS C 293 -4.98 29.23 9.57
CA LYS C 293 -5.91 28.24 10.09
C LYS C 293 -7.37 28.69 9.95
N TYR C 294 -7.65 29.98 10.08
CA TYR C 294 -9.00 30.49 10.09
C TYR C 294 -9.25 31.49 8.96
N GLY C 295 -8.53 31.36 7.86
CA GLY C 295 -8.77 32.23 6.72
C GLY C 295 -8.07 31.71 5.50
N ASN C 296 -8.35 32.36 4.37
CA ASN C 296 -7.68 32.07 3.10
C ASN C 296 -6.33 32.82 3.10
N TYR C 297 -5.29 32.12 3.54
CA TYR C 297 -3.97 32.73 3.62
C TYR C 297 -2.92 31.64 3.68
N ALA C 298 -1.70 31.99 3.28
CA ALA C 298 -0.54 31.11 3.39
C ALA C 298 0.63 31.89 3.95
N PHE C 299 1.37 31.25 4.85
CA PHE C 299 2.44 31.90 5.60
C PHE C 299 3.78 31.33 5.18
N VAL C 300 4.71 32.22 4.80
CA VAL C 300 6.03 31.84 4.34
C VAL C 300 7.01 32.03 5.49
N TRP C 301 7.71 30.96 5.87
CA TRP C 301 8.52 30.98 7.08
C TRP C 301 9.55 29.85 7.01
N ASP C 302 10.34 29.73 8.07
CA ASP C 302 11.31 28.65 8.23
C ASP C 302 10.63 27.29 8.12
N ALA C 303 10.99 26.54 7.09
CA ALA C 303 10.25 25.32 6.75
C ALA C 303 10.24 24.33 7.90
N ALA C 304 11.36 24.18 8.61
CA ALA C 304 11.41 23.27 9.75
C ALA C 304 10.42 23.66 10.84
N VAL C 305 10.26 24.97 11.07
CA VAL C 305 9.28 25.44 12.05
C VAL C 305 7.86 25.14 11.59
N LEU C 306 7.55 25.46 10.34
CA LEU C 306 6.19 25.21 9.84
C LEU C 306 5.87 23.71 9.85
N GLU C 307 6.86 22.88 9.50
CA GLU C 307 6.68 21.43 9.60
C GLU C 307 6.43 20.98 11.02
N TYR C 308 7.14 21.56 12.00
CA TYR C 308 6.89 21.19 13.40
C TYR C 308 5.51 21.63 13.87
N VAL C 309 5.06 22.81 13.41
CA VAL C 309 3.69 23.25 13.70
C VAL C 309 2.67 22.32 13.08
N ALA C 310 2.87 21.92 11.83
CA ALA C 310 1.93 21.02 11.17
C ALA C 310 1.89 19.66 11.86
N ILE C 311 3.07 19.16 12.28
CA ILE C 311 3.12 17.89 12.98
C ILE C 311 2.39 17.98 14.33
N ASN C 312 2.52 19.11 15.01
CA ASN C 312 2.00 19.23 16.37
C ASN C 312 0.64 19.89 16.45
N ASP C 313 0.08 20.33 15.33
CA ASP C 313 -1.32 20.74 15.31
C ASP C 313 -2.20 19.50 15.51
N PRO C 314 -3.01 19.43 16.57
CA PRO C 314 -3.74 18.19 16.85
C PRO C 314 -4.76 17.84 15.78
N ASP C 315 -5.31 18.83 15.07
CA ASP C 315 -6.23 18.54 13.98
C ASP C 315 -5.51 18.03 12.73
N CYS C 316 -4.21 18.28 12.61
CA CYS C 316 -3.48 18.09 11.36
C CYS C 316 -4.18 18.78 10.20
N SER C 317 -4.66 20.00 10.46
CA SER C 317 -5.39 20.76 9.45
C SER C 317 -4.46 21.41 8.43
N PHE C 318 -3.19 21.60 8.76
CA PHE C 318 -2.25 22.19 7.84
C PHE C 318 -1.60 21.13 6.94
N TYR C 319 -1.04 21.61 5.83
CA TYR C 319 -0.05 20.87 5.06
C TYR C 319 1.03 21.85 4.62
N THR C 320 2.17 21.30 4.19
CA THR C 320 3.32 22.13 3.86
C THR C 320 4.15 21.44 2.79
N ILE C 321 5.07 22.21 2.21
CA ILE C 321 5.88 21.77 1.07
C ILE C 321 7.35 21.81 1.49
N GLY C 322 8.05 20.69 1.31
CA GLY C 322 9.46 20.59 1.65
C GLY C 322 10.39 21.10 0.57
N ASN C 323 10.38 22.41 0.33
CA ASN C 323 11.19 22.99 -0.74
C ASN C 323 12.67 22.71 -0.52
N THR C 324 13.36 22.35 -1.60
CA THR C 324 14.81 22.14 -1.55
C THR C 324 15.51 23.50 -1.56
N VAL C 325 16.30 23.77 -0.52
CA VAL C 325 16.94 25.05 -0.33
C VAL C 325 18.37 24.82 0.13
N ALA C 326 19.26 25.75 -0.23
CA ALA C 326 20.66 25.70 0.16
C ALA C 326 21.15 27.09 0.52
N ASP C 327 22.49 27.26 0.57
CA ASP C 327 23.15 28.53 0.83
C ASP C 327 22.95 29.00 2.27
N ARG C 328 22.16 28.26 3.05
CA ARG C 328 21.88 28.65 4.43
C ARG C 328 21.81 27.39 5.28
N GLY C 329 22.09 27.55 6.57
CA GLY C 329 21.97 26.45 7.50
C GLY C 329 22.14 26.92 8.93
N TYR C 330 21.63 26.11 9.85
CA TYR C 330 21.77 26.39 11.27
C TYR C 330 23.10 25.90 11.79
N GLY C 331 23.70 26.67 12.69
CA GLY C 331 25.01 26.31 13.22
C GLY C 331 25.20 26.87 14.60
N ILE C 332 26.38 26.60 15.15
CA ILE C 332 26.77 27.08 16.47
C ILE C 332 27.73 28.25 16.28
N ALA C 333 27.38 29.39 16.87
CA ALA C 333 28.25 30.56 16.84
C ALA C 333 29.13 30.59 18.09
N LEU C 334 30.34 31.13 17.91
CA LEU C 334 31.32 31.18 18.99
C LEU C 334 32.10 32.49 18.90
N GLN C 335 32.72 32.85 20.02
CA GLN C 335 33.63 33.99 20.04
C GLN C 335 34.79 33.75 19.07
N HIS C 336 35.22 34.82 18.42
CA HIS C 336 36.26 34.72 17.41
C HIS C 336 37.55 34.15 18.01
N GLY C 337 38.12 33.16 17.33
CA GLY C 337 39.33 32.51 17.80
C GLY C 337 39.13 31.45 18.86
N SER C 338 37.89 31.10 19.19
CA SER C 338 37.65 30.07 20.19
C SER C 338 38.14 28.72 19.68
N PRO C 339 38.84 27.94 20.50
CA PRO C 339 39.35 26.64 20.03
C PRO C 339 38.26 25.61 19.81
N TYR C 340 37.14 25.74 20.52
CA TYR C 340 36.05 24.77 20.42
C TYR C 340 35.41 24.73 19.02
N ARG C 341 35.66 25.74 18.20
CA ARG C 341 35.19 25.71 16.81
C ARG C 341 35.60 24.43 16.10
N ASP C 342 36.87 24.05 16.22
CA ASP C 342 37.34 22.84 15.56
C ASP C 342 36.78 21.59 16.24
N VAL C 343 36.77 21.56 17.57
CA VAL C 343 36.29 20.39 18.30
C VAL C 343 34.81 20.15 18.01
N PHE C 344 34.01 21.22 18.07
CA PHE C 344 32.59 21.11 17.76
C PHE C 344 32.37 20.73 16.30
N SER C 345 33.09 21.35 15.38
CA SER C 345 32.88 21.01 13.97
C SER C 345 33.24 19.55 13.70
N GLN C 346 34.34 19.07 14.28
CA GLN C 346 34.72 17.66 14.21
C GLN C 346 33.61 16.74 14.72
N ARG C 347 33.08 17.02 15.91
CA ARG C 347 32.05 16.15 16.46
C ARG C 347 30.73 16.25 15.69
N ILE C 348 30.40 17.43 15.17
CA ILE C 348 29.21 17.59 14.33
C ILE C 348 29.35 16.76 13.05
N LEU C 349 30.53 16.78 12.43
CA LEU C 349 30.75 15.95 11.25
C LEU C 349 30.69 14.46 11.58
N GLU C 350 31.21 14.06 12.75
CA GLU C 350 31.08 12.68 13.18
C GLU C 350 29.61 12.28 13.35
N LEU C 351 28.84 13.12 14.04
CA LEU C 351 27.43 12.84 14.25
C LEU C 351 26.64 12.79 12.94
N GLN C 352 26.94 13.69 12.00
CA GLN C 352 26.28 13.66 10.70
C GLN C 352 26.63 12.42 9.88
N GLN C 353 27.93 12.16 9.70
CA GLN C 353 28.31 11.04 8.84
C GLN C 353 27.93 9.69 9.45
N ASN C 354 27.99 9.56 10.78
CA ASN C 354 27.60 8.30 11.41
C ASN C 354 26.10 8.04 11.30
N GLY C 355 25.29 9.08 11.09
CA GLY C 355 23.86 8.95 11.17
C GLY C 355 23.28 9.13 12.57
N ASP C 356 24.13 9.32 13.58
CA ASP C 356 23.65 9.55 14.94
C ASP C 356 22.78 10.80 15.01
N MET C 357 23.11 11.82 14.22
CA MET C 357 22.31 13.04 14.21
C MET C 357 20.87 12.79 13.76
N ASP C 358 20.66 11.80 12.89
CA ASP C 358 19.30 11.52 12.43
C ASP C 358 18.42 11.00 13.57
N ILE C 359 19.02 10.30 14.55
CA ILE C 359 18.27 9.89 15.74
C ILE C 359 17.75 11.10 16.50
N LEU C 360 18.59 12.11 16.67
CA LEU C 360 18.17 13.34 17.33
C LEU C 360 17.17 14.12 16.50
N LYS C 361 17.31 14.08 15.18
CA LYS C 361 16.39 14.83 14.31
C LYS C 361 15.00 14.20 14.32
N HIS C 362 14.91 12.89 14.14
CA HIS C 362 13.61 12.23 14.09
C HIS C 362 12.87 12.33 15.42
N LYS C 363 13.60 12.56 16.52
CA LYS C 363 12.97 12.72 17.83
C LYS C 363 12.06 13.94 17.87
N TRP C 364 12.35 14.96 17.06
CA TRP C 364 11.54 16.18 17.02
C TRP C 364 10.76 16.33 15.73
N TRP C 365 11.32 15.94 14.59
CA TRP C 365 10.59 15.89 13.33
C TRP C 365 10.29 14.45 12.97
N PRO C 366 9.19 13.87 13.45
CA PRO C 366 8.89 12.47 13.13
C PRO C 366 8.65 12.30 11.64
N LYS C 367 9.35 11.32 11.05
CA LYS C 367 9.24 11.08 9.61
C LYS C 367 7.89 10.49 9.23
N ASN C 368 7.17 9.91 10.18
CA ASN C 368 5.85 9.36 9.92
C ASN C 368 4.98 9.59 11.14
N GLY C 369 3.67 9.59 10.92
CA GLY C 369 2.73 9.87 11.99
C GLY C 369 1.32 9.52 11.60
N GLN C 370 0.38 9.94 12.44
CA GLN C 370 -1.03 9.60 12.25
C GLN C 370 -1.65 10.32 11.05
N CYS C 371 -0.94 11.27 10.44
CA CYS C 371 -1.45 11.95 9.27
C CYS C 371 -0.30 12.26 8.33
N ASP C 372 -0.62 12.38 7.04
CA ASP C 372 0.37 12.76 6.04
C ASP C 372 0.55 14.27 6.02
N LEU C 373 1.80 14.72 6.09
CA LEU C 373 2.10 16.15 6.08
C LEU C 373 1.93 16.77 4.70
N TYR C 374 2.04 15.96 3.64
CA TYR C 374 2.08 16.49 2.28
C TYR C 374 0.76 16.34 1.54
N SER C 375 -0.12 15.45 1.97
CA SER C 375 -1.44 15.34 1.36
C SER C 375 -2.24 16.61 1.66
N SER C 376 -2.84 17.20 0.62
CA SER C 376 -3.43 18.52 0.72
C SER C 376 -4.95 18.53 0.62
N VAL C 377 -5.56 17.46 0.12
CA VAL C 377 -6.97 17.51 -0.26
C VAL C 377 -7.86 17.38 0.97
N ASP C 378 -8.95 18.15 0.97
CA ASP C 378 -10.11 17.86 1.79
C ASP C 378 -10.85 16.68 1.18
N THR C 379 -10.59 15.47 1.68
CA THR C 379 -11.05 14.26 1.00
C THR C 379 -12.57 14.25 0.83
N LYS C 380 -13.31 14.48 1.91
CA LYS C 380 -14.76 14.61 1.89
C LYS C 380 -15.46 13.34 1.38
N GLN C 381 -14.69 12.32 1.03
CA GLN C 381 -15.28 11.10 0.49
C GLN C 381 -15.10 9.94 1.46
N LYS C 382 -16.21 9.28 1.79
CA LYS C 382 -16.15 8.04 2.57
C LYS C 382 -17.00 6.95 1.91
N GLY C 383 -18.16 7.33 1.37
CA GLY C 383 -19.04 6.37 0.73
C GLY C 383 -18.82 6.18 -0.75
N GLY C 384 -18.31 7.22 -1.43
CA GLY C 384 -18.03 7.13 -2.84
C GLY C 384 -19.24 7.25 -3.75
N ALA C 385 -20.42 7.51 -3.21
CA ALA C 385 -21.61 7.61 -4.02
C ALA C 385 -21.59 8.87 -4.89
N LEU C 386 -22.19 8.76 -6.07
CA LEU C 386 -22.32 9.90 -6.97
C LEU C 386 -23.50 10.77 -6.57
N ASP C 387 -23.38 12.07 -6.82
CA ASP C 387 -24.36 13.05 -6.33
C ASP C 387 -24.74 14.01 -7.44
N ILE C 388 -25.74 14.85 -7.13
CA ILE C 388 -26.34 15.75 -8.11
C ILE C 388 -25.35 16.80 -8.57
N LYS C 389 -24.46 17.26 -7.68
CA LYS C 389 -23.39 18.16 -8.08
C LYS C 389 -22.44 17.52 -9.08
N SER C 390 -22.08 16.25 -8.89
CA SER C 390 -21.05 15.67 -9.74
C SER C 390 -21.61 15.28 -11.10
N PHE C 391 -22.73 14.58 -11.13
CA PHE C 391 -23.22 14.02 -12.39
C PHE C 391 -23.88 15.08 -13.26
N ALA C 392 -23.97 16.32 -12.77
CA ALA C 392 -24.54 17.46 -13.47
C ALA C 392 -24.19 17.56 -14.95
N GLY C 393 -22.93 17.35 -15.30
CA GLY C 393 -22.52 17.43 -16.69
C GLY C 393 -23.32 16.55 -17.64
N VAL C 394 -23.78 15.40 -17.17
CA VAL C 394 -24.49 14.51 -18.09
C VAL C 394 -25.94 14.95 -18.25
N PHE C 395 -26.55 15.45 -17.17
CA PHE C 395 -27.83 16.12 -17.32
C PHE C 395 -27.72 17.34 -18.21
N CYS C 396 -26.57 18.02 -18.22
CA CYS C 396 -26.36 19.13 -19.14
C CYS C 396 -26.28 18.65 -20.59
N ILE C 397 -25.59 17.55 -20.83
CA ILE C 397 -25.53 17.00 -22.19
C ILE C 397 -26.93 16.61 -22.68
N LEU C 398 -27.72 15.99 -21.80
CA LEU C 398 -29.11 15.72 -22.15
C LEU C 398 -29.89 17.00 -22.39
N ALA C 399 -29.73 18.00 -21.52
CA ALA C 399 -30.49 19.24 -21.66
C ALA C 399 -30.13 19.96 -22.96
N ALA C 400 -28.87 19.87 -23.39
CA ALA C 400 -28.46 20.40 -24.68
C ALA C 400 -29.16 19.67 -25.82
N GLY C 401 -29.24 18.35 -25.74
CA GLY C 401 -30.01 17.62 -26.75
C GLY C 401 -31.48 17.97 -26.75
N ILE C 402 -32.07 18.11 -25.56
CA ILE C 402 -33.45 18.57 -25.44
C ILE C 402 -33.63 19.94 -26.10
N VAL C 403 -32.74 20.89 -25.76
CA VAL C 403 -32.77 22.21 -26.35
C VAL C 403 -32.75 22.15 -27.87
N LEU C 404 -31.92 21.26 -28.42
CA LEU C 404 -31.85 21.17 -29.88
C LEU C 404 -33.08 20.50 -30.48
N SER C 405 -33.72 19.58 -29.75
CA SER C 405 -35.01 19.04 -30.21
C SER C 405 -36.10 20.11 -30.17
N CYS C 406 -36.05 20.98 -29.16
CA CYS C 406 -36.99 22.09 -29.06
C CYS C 406 -36.78 23.09 -30.19
N PHE C 407 -35.53 23.52 -30.39
CA PHE C 407 -35.19 24.40 -31.51
C PHE C 407 -35.58 23.79 -32.86
N ILE C 408 -35.43 22.48 -33.03
CA ILE C 408 -35.80 21.92 -34.32
C ILE C 408 -37.33 21.85 -34.49
N ALA C 409 -38.06 21.55 -33.41
CA ALA C 409 -39.52 21.61 -33.46
C ALA C 409 -40.02 23.02 -33.74
N MET C 410 -39.34 24.03 -33.18
CA MET C 410 -39.67 25.42 -33.49
C MET C 410 -39.29 25.79 -34.93
N LEU C 411 -38.09 25.39 -35.36
CA LEU C 411 -37.62 25.71 -36.70
C LEU C 411 -38.51 25.10 -37.77
N GLU C 412 -39.00 23.88 -37.56
CA GLU C 412 -40.04 23.39 -38.46
C GLU C 412 -41.36 24.13 -38.30
N THR C 413 -41.28 25.46 -38.10
CA THR C 413 -42.40 26.38 -38.22
C THR C 413 -42.04 27.61 -39.05
N TRP C 414 -40.75 27.79 -39.40
CA TRP C 414 -40.31 28.98 -40.14
C TRP C 414 -40.12 28.71 -41.63
N TRP C 415 -39.38 27.65 -41.99
CA TRP C 415 -39.39 27.16 -43.37
C TRP C 415 -40.81 26.94 -43.82
N ASN C 416 -41.66 26.44 -42.92
CA ASN C 416 -42.97 25.87 -43.17
C ASN C 416 -44.03 26.92 -43.45
N LYS C 417 -43.74 28.20 -43.22
CA LYS C 417 -44.52 29.29 -43.81
C LYS C 417 -44.28 29.42 -45.30
N ARG C 418 -43.19 28.87 -45.80
CA ARG C 418 -42.62 29.28 -47.08
C ARG C 418 -42.29 28.10 -47.98
N LYS C 419 -42.40 26.87 -47.49
CA LYS C 419 -42.10 25.64 -48.20
C LYS C 419 -42.86 25.49 -49.50
N GLY C 420 -43.92 26.27 -49.69
CA GLY C 420 -44.96 25.92 -50.63
C GLY C 420 -46.02 25.11 -49.93
N SER C 421 -45.61 24.03 -49.26
CA SER C 421 -46.55 23.16 -48.56
C SER C 421 -45.77 22.27 -47.60
N ARG C 422 -46.50 21.63 -46.70
CA ARG C 422 -45.91 20.66 -45.78
C ARG C 422 -46.40 19.25 -46.08
N VAL D 1 50.17 39.06 -3.90
CA VAL D 1 49.97 37.90 -3.05
C VAL D 1 49.90 36.64 -3.92
N VAL D 2 50.54 35.57 -3.45
CA VAL D 2 50.52 34.28 -4.15
C VAL D 2 50.25 33.19 -3.12
N LEU D 3 49.41 32.23 -3.50
CA LEU D 3 49.20 31.00 -2.72
C LEU D 3 49.28 29.81 -3.66
N ARG D 4 50.02 28.79 -3.24
CA ARG D 4 50.12 27.57 -4.03
C ARG D 4 48.86 26.72 -3.85
N VAL D 5 48.29 26.26 -4.98
CA VAL D 5 47.08 25.47 -4.97
C VAL D 5 47.42 24.07 -5.48
N VAL D 6 46.82 23.06 -4.86
CA VAL D 6 46.94 21.68 -5.31
C VAL D 6 45.54 21.12 -5.56
N THR D 7 45.43 20.25 -6.56
CA THR D 7 44.13 19.77 -6.98
C THR D 7 44.24 18.31 -7.44
N VAL D 8 43.09 17.69 -7.63
CA VAL D 8 42.98 16.39 -8.26
C VAL D 8 41.98 16.50 -9.41
N LEU D 9 42.33 15.98 -10.57
CA LEU D 9 41.47 16.08 -11.73
C LEU D 9 40.23 15.21 -11.55
N GLU D 10 39.06 15.81 -11.80
CA GLU D 10 37.79 15.10 -11.70
C GLU D 10 36.73 15.90 -12.44
N GLU D 11 36.15 15.32 -13.48
CA GLU D 11 35.16 16.04 -14.26
C GLU D 11 33.87 16.21 -13.45
N PRO D 12 33.20 17.36 -13.57
CA PRO D 12 33.62 18.58 -14.26
C PRO D 12 34.30 19.57 -13.34
N PHE D 13 34.75 19.14 -12.15
CA PHE D 13 35.30 20.09 -11.19
C PHE D 13 36.63 20.67 -11.66
N VAL D 14 37.55 19.82 -12.09
CA VAL D 14 38.86 20.27 -12.56
C VAL D 14 39.28 19.41 -13.74
N MET D 15 39.64 20.08 -14.85
CA MET D 15 40.26 19.40 -15.98
C MET D 15 41.38 20.28 -16.50
N VAL D 16 42.29 19.66 -17.28
CA VAL D 16 43.29 20.43 -18.00
C VAL D 16 42.62 21.17 -19.16
N SER D 17 43.19 22.33 -19.51
CA SER D 17 42.70 23.08 -20.66
C SER D 17 43.80 23.61 -21.57
N GLU D 18 45.04 23.76 -21.09
CA GLU D 18 46.16 24.10 -21.94
C GLU D 18 47.43 23.47 -21.40
N ASN D 19 48.33 23.10 -22.30
CA ASN D 19 49.62 22.52 -21.93
C ASN D 19 50.72 23.23 -22.69
N VAL D 20 51.84 23.48 -22.01
CA VAL D 20 53.03 24.07 -22.61
C VAL D 20 54.24 23.26 -22.17
N LEU D 21 55.09 22.91 -23.14
CA LEU D 21 56.28 22.08 -22.89
C LEU D 21 55.93 20.80 -22.15
N GLY D 22 54.76 20.23 -22.44
CA GLY D 22 54.34 19.00 -21.81
C GLY D 22 53.86 19.14 -20.39
N LYS D 23 53.72 20.36 -19.88
CA LYS D 23 53.28 20.58 -18.51
C LYS D 23 51.97 21.36 -18.49
N PRO D 24 51.10 21.10 -17.51
CA PRO D 24 49.79 21.79 -17.48
C PRO D 24 49.94 23.26 -17.16
N LYS D 25 49.50 24.11 -18.08
CA LYS D 25 49.55 25.55 -17.90
C LYS D 25 48.25 26.13 -17.36
N LYS D 26 47.11 25.60 -17.78
CA LYS D 26 45.82 26.11 -17.36
C LYS D 26 44.89 24.95 -17.01
N TYR D 27 43.89 25.26 -16.20
CA TYR D 27 42.86 24.30 -15.81
C TYR D 27 41.48 24.93 -15.96
N GLN D 28 40.47 24.07 -16.01
CA GLN D 28 39.09 24.50 -16.20
C GLN D 28 38.18 23.63 -15.34
N GLY D 29 36.99 24.15 -15.06
CA GLY D 29 36.00 23.45 -14.29
C GLY D 29 35.29 24.34 -13.29
N PHE D 30 34.23 23.78 -12.71
CA PHE D 30 33.40 24.55 -11.77
C PHE D 30 34.21 24.98 -10.56
N SER D 31 35.03 24.08 -10.02
CA SER D 31 35.88 24.47 -8.90
C SER D 31 36.91 25.49 -9.32
N ILE D 32 37.37 25.44 -10.58
CA ILE D 32 38.29 26.44 -11.10
C ILE D 32 37.60 27.79 -11.22
N ASP D 33 36.35 27.81 -11.70
CA ASP D 33 35.56 29.03 -11.70
C ASP D 33 35.32 29.60 -10.31
N VAL D 34 35.13 28.74 -9.31
CA VAL D 34 35.02 29.23 -7.94
C VAL D 34 36.34 29.80 -7.45
N LEU D 35 37.44 29.09 -7.71
CA LEU D 35 38.77 29.59 -7.35
C LEU D 35 39.06 30.94 -7.98
N ASP D 36 38.71 31.12 -9.26
CA ASP D 36 38.87 32.42 -9.91
C ASP D 36 37.94 33.48 -9.34
N ALA D 37 36.69 33.12 -9.04
CA ALA D 37 35.77 34.08 -8.42
C ALA D 37 36.26 34.53 -7.05
N LEU D 38 37.01 33.68 -6.34
CA LEU D 38 37.69 34.11 -5.12
C LEU D 38 38.92 34.96 -5.39
N SER D 39 39.82 34.46 -6.25
CA SER D 39 41.07 35.15 -6.54
C SER D 39 40.84 36.57 -7.08
N ASN D 40 39.87 36.74 -7.97
CA ASN D 40 39.58 38.06 -8.54
C ASN D 40 39.03 39.03 -7.51
N TYR D 41 38.54 38.54 -6.37
CA TYR D 41 38.19 39.46 -5.29
C TYR D 41 39.38 39.68 -4.36
N LEU D 42 40.04 38.61 -3.93
CA LEU D 42 41.10 38.72 -2.94
C LEU D 42 42.43 39.17 -3.54
N GLY D 43 42.59 39.06 -4.86
CA GLY D 43 43.75 39.57 -5.55
C GLY D 43 44.94 38.65 -5.58
N PHE D 44 44.90 37.51 -4.90
CA PHE D 44 46.02 36.58 -4.89
C PHE D 44 46.06 35.76 -6.17
N ASN D 45 47.27 35.58 -6.70
CA ASN D 45 47.51 34.65 -7.79
C ASN D 45 47.88 33.27 -7.24
N TYR D 46 47.92 32.28 -8.13
CA TYR D 46 48.16 30.91 -7.72
C TYR D 46 48.94 30.16 -8.78
N GLU D 47 49.59 29.07 -8.36
CA GLU D 47 50.04 28.00 -9.23
C GLU D 47 49.38 26.70 -8.82
N ILE D 48 48.78 26.00 -9.79
CA ILE D 48 48.09 24.74 -9.53
C ILE D 48 48.96 23.59 -10.06
N TYR D 49 49.20 22.60 -9.21
CA TYR D 49 49.78 21.34 -9.63
C TYR D 49 48.87 20.19 -9.20
N VAL D 50 48.90 19.12 -9.99
CA VAL D 50 48.15 17.91 -9.67
C VAL D 50 48.92 17.09 -8.64
N ALA D 51 48.20 16.60 -7.63
CA ALA D 51 48.82 15.78 -6.59
C ALA D 51 49.43 14.52 -7.21
N PRO D 52 50.60 14.08 -6.73
CA PRO D 52 51.34 13.04 -7.45
C PRO D 52 50.67 11.68 -7.46
N ASP D 53 49.75 11.40 -6.54
CA ASP D 53 49.07 10.11 -6.50
C ASP D 53 47.59 10.19 -6.84
N HIS D 54 47.10 11.38 -7.18
CA HIS D 54 45.82 11.57 -7.86
C HIS D 54 44.63 11.04 -7.07
N LYS D 55 44.74 10.95 -5.74
CA LYS D 55 43.65 10.44 -4.93
C LYS D 55 43.54 11.19 -3.62
N TYR D 56 42.35 11.14 -3.03
CA TYR D 56 42.05 11.69 -1.71
C TYR D 56 42.36 10.71 -0.59
N GLY D 57 43.31 9.79 -0.81
CA GLY D 57 43.34 8.57 -0.03
C GLY D 57 43.48 8.82 1.46
N SER D 58 42.96 7.86 2.24
CA SER D 58 43.07 7.87 3.68
C SER D 58 44.53 7.66 4.10
N PRO D 59 44.89 8.05 5.32
CA PRO D 59 46.31 8.05 5.70
C PRO D 59 46.87 6.64 5.78
N GLN D 60 48.20 6.57 5.68
CA GLN D 60 48.92 5.30 5.75
C GLN D 60 48.71 4.64 7.12
N GLU D 61 49.10 3.37 7.19
CA GLU D 61 49.01 2.62 8.43
C GLU D 61 49.92 3.19 9.52
N ASP D 62 50.93 3.96 9.14
CA ASP D 62 51.78 4.64 10.11
C ASP D 62 51.22 5.98 10.58
N GLY D 63 50.04 6.36 10.08
CA GLY D 63 49.40 7.60 10.46
C GLY D 63 49.75 8.80 9.61
N THR D 64 50.73 8.68 8.71
CA THR D 64 51.00 9.76 7.77
C THR D 64 49.93 9.78 6.69
N TRP D 65 49.65 10.98 6.18
CA TRP D 65 48.61 11.18 5.19
C TRP D 65 49.21 11.20 3.79
N ASN D 66 48.77 10.29 2.94
CA ASN D 66 49.07 10.32 1.52
C ASN D 66 48.09 11.26 0.81
N GLY D 67 48.13 11.26 -0.51
CA GLY D 67 47.08 11.88 -1.30
C GLY D 67 47.06 13.39 -1.26
N LEU D 68 45.93 13.93 -1.76
CA LEU D 68 45.72 15.37 -1.78
C LEU D 68 45.77 15.98 -0.39
N VAL D 69 45.35 15.24 0.63
CA VAL D 69 45.42 15.73 2.00
C VAL D 69 46.87 15.87 2.45
N GLY D 70 47.69 14.87 2.15
CA GLY D 70 49.09 14.91 2.58
C GLY D 70 49.83 16.14 2.12
N GLU D 71 49.53 16.62 0.92
CA GLU D 71 50.19 17.83 0.40
C GLU D 71 49.81 19.06 1.21
N LEU D 72 48.66 19.06 1.88
CA LEU D 72 48.33 20.11 2.83
C LEU D 72 48.94 19.85 4.21
N VAL D 73 48.87 18.60 4.69
CA VAL D 73 49.38 18.27 6.01
C VAL D 73 50.86 18.59 6.12
N PHE D 74 51.63 18.29 5.07
CA PHE D 74 53.05 18.60 5.05
C PHE D 74 53.35 20.01 4.57
N LYS D 75 52.33 20.86 4.44
CA LYS D 75 52.49 22.25 4.01
C LYS D 75 53.23 22.35 2.68
N ARG D 76 53.04 21.37 1.80
CA ARG D 76 53.63 21.43 0.47
C ARG D 76 52.86 22.41 -0.43
N ALA D 77 51.59 22.61 -0.16
CA ALA D 77 50.76 23.57 -0.87
C ALA D 77 49.98 24.40 0.13
N ASP D 78 49.47 25.54 -0.33
CA ASP D 78 48.76 26.46 0.55
C ASP D 78 47.25 26.21 0.56
N ILE D 79 46.66 25.89 -0.58
CA ILE D 79 45.23 25.63 -0.69
C ILE D 79 45.01 24.33 -1.42
N GLY D 80 44.08 23.51 -0.91
CA GLY D 80 43.55 22.36 -1.61
C GLY D 80 42.13 22.63 -2.06
N ILE D 81 41.89 22.45 -3.35
CA ILE D 81 40.54 22.55 -3.91
C ILE D 81 40.37 21.46 -4.96
N SER D 82 39.26 20.73 -4.86
CA SER D 82 38.96 19.61 -5.74
C SER D 82 37.52 19.17 -5.52
N ALA D 83 37.17 17.98 -6.00
CA ALA D 83 35.93 17.33 -5.60
C ALA D 83 36.08 16.76 -4.19
N LEU D 84 37.08 17.23 -3.45
CA LEU D 84 37.31 16.80 -2.08
C LEU D 84 36.08 17.04 -1.21
N THR D 85 35.63 15.99 -0.53
CA THR D 85 34.38 16.01 0.22
C THR D 85 34.69 16.11 1.71
N ILE D 86 34.04 17.05 2.38
CA ILE D 86 34.28 17.24 3.81
C ILE D 86 33.82 16.02 4.59
N THR D 87 34.73 15.45 5.36
CA THR D 87 34.46 14.28 6.20
C THR D 87 35.21 14.45 7.52
N PRO D 88 34.72 13.82 8.59
CA PRO D 88 35.36 14.03 9.91
C PRO D 88 36.76 13.47 10.04
N ASP D 89 37.18 12.58 9.13
CA ASP D 89 38.57 12.12 9.16
C ASP D 89 39.55 13.25 8.89
N ARG D 90 39.12 14.30 8.20
CA ARG D 90 40.03 15.26 7.57
C ARG D 90 40.09 16.60 8.29
N GLU D 91 38.97 17.12 8.80
CA GLU D 91 39.03 18.37 9.54
C GLU D 91 39.86 18.23 10.81
N ASN D 92 40.10 16.99 11.26
CA ASN D 92 41.00 16.76 12.39
C ASN D 92 42.44 17.14 12.08
N VAL D 93 42.81 17.30 10.80
CA VAL D 93 44.20 17.53 10.44
C VAL D 93 44.34 18.72 9.49
N VAL D 94 43.22 19.16 8.90
CA VAL D 94 43.20 20.34 8.04
C VAL D 94 41.96 21.16 8.37
N ASP D 95 41.97 22.42 7.94
CA ASP D 95 40.87 23.34 8.18
C ASP D 95 40.03 23.46 6.92
N PHE D 96 38.74 23.15 7.03
CA PHE D 96 37.81 23.30 5.93
C PHE D 96 37.08 24.63 5.99
N THR D 97 36.74 25.14 4.82
CA THR D 97 35.78 26.23 4.70
C THR D 97 34.35 25.67 4.64
N THR D 98 33.39 26.56 4.80
CA THR D 98 31.99 26.18 4.62
C THR D 98 31.78 25.62 3.22
N ARG D 99 31.01 24.54 3.14
CA ARG D 99 30.85 23.83 1.87
C ARG D 99 30.14 24.70 0.85
N TYR D 100 30.75 24.87 -0.32
CA TYR D 100 30.20 25.73 -1.36
C TYR D 100 29.14 25.04 -2.21
N MET D 101 29.11 23.72 -2.24
CA MET D 101 28.05 23.00 -2.92
C MET D 101 27.72 21.72 -2.17
N ASP D 102 26.43 21.41 -2.10
CA ASP D 102 25.97 20.22 -1.40
C ASP D 102 26.36 18.95 -2.14
N TYR D 103 26.77 17.94 -1.37
CA TYR D 103 27.04 16.62 -1.91
C TYR D 103 25.74 15.83 -2.06
N SER D 104 25.75 14.85 -2.97
CA SER D 104 24.59 13.99 -3.14
C SER D 104 24.99 12.71 -3.87
N VAL D 105 24.59 11.56 -3.32
CA VAL D 105 24.74 10.29 -4.02
C VAL D 105 23.61 10.14 -5.03
N GLY D 106 23.97 10.04 -6.31
CA GLY D 106 23.01 9.89 -7.39
C GLY D 106 23.22 8.62 -8.18
N VAL D 107 22.31 8.39 -9.13
CA VAL D 107 22.34 7.21 -9.99
C VAL D 107 22.13 7.66 -11.43
N LEU D 108 22.85 7.02 -12.35
CA LEU D 108 22.66 7.21 -13.78
C LEU D 108 21.93 6.01 -14.38
N LEU D 109 20.92 6.29 -15.20
CA LEU D 109 20.11 5.25 -15.83
C LEU D 109 19.89 5.60 -17.29
N ARG D 110 19.49 4.60 -18.07
CA ARG D 110 19.08 4.78 -19.46
C ARG D 110 17.56 4.72 -19.58
N ARG D 111 16.99 5.72 -20.25
CA ARG D 111 15.55 5.86 -20.37
C ARG D 111 14.98 4.96 -21.47
N ALA D 112 13.70 4.62 -21.32
CA ALA D 112 13.02 3.66 -22.20
C ALA D 112 12.58 4.31 -23.51
N GLU D 113 12.16 3.45 -24.44
CA GLU D 113 11.66 3.84 -25.76
C GLU D 113 10.25 4.42 -25.73
N LYS D 114 9.65 4.60 -24.55
CA LYS D 114 8.34 5.23 -24.39
C LYS D 114 7.22 4.41 -25.03
N THR D 115 7.45 3.10 -25.22
CA THR D 115 6.39 2.11 -25.43
C THR D 115 5.30 2.51 -26.42
N VAL D 116 5.63 2.62 -27.71
CA VAL D 116 4.61 2.87 -28.73
C VAL D 116 3.91 1.57 -29.06
N ASP D 117 2.86 1.24 -28.30
CA ASP D 117 2.17 -0.04 -28.37
C ASP D 117 0.72 0.17 -28.79
N MET D 118 0.28 -0.58 -29.82
CA MET D 118 -1.11 -0.51 -30.24
C MET D 118 -1.98 -1.57 -29.57
N PHE D 119 -1.40 -2.48 -28.80
CA PHE D 119 -2.13 -3.64 -28.29
C PHE D 119 -3.09 -3.31 -27.16
N ALA D 120 -3.38 -2.03 -26.91
CA ALA D 120 -4.01 -1.65 -25.65
C ALA D 120 -5.37 -2.32 -25.46
N CYS D 121 -6.07 -2.62 -26.55
CA CYS D 121 -7.31 -3.37 -26.47
C CYS D 121 -7.15 -4.87 -26.71
N LEU D 122 -5.99 -5.30 -27.20
CA LEU D 122 -5.71 -6.73 -27.31
C LEU D 122 -5.37 -7.33 -25.95
N ALA D 123 -4.87 -6.52 -25.02
CA ALA D 123 -4.38 -6.97 -23.73
C ALA D 123 -5.36 -7.82 -22.92
N PRO D 124 -6.67 -7.52 -22.90
CA PRO D 124 -7.56 -8.30 -22.00
C PRO D 124 -7.58 -9.79 -22.29
N PHE D 125 -7.47 -10.20 -23.54
CA PHE D 125 -7.49 -11.60 -23.92
C PHE D 125 -6.18 -12.00 -24.58
N ASP D 126 -5.73 -13.21 -24.30
CA ASP D 126 -4.49 -13.69 -24.90
C ASP D 126 -4.65 -13.81 -26.41
N LEU D 127 -3.54 -13.61 -27.12
CA LEU D 127 -3.57 -13.57 -28.58
C LEU D 127 -4.06 -14.87 -29.18
N SER D 128 -3.98 -15.98 -28.43
CA SER D 128 -4.56 -17.24 -28.88
C SER D 128 -6.02 -17.38 -28.50
N LEU D 129 -6.45 -16.67 -27.45
CA LEU D 129 -7.85 -16.74 -27.05
C LEU D 129 -8.74 -16.07 -28.08
N TRP D 130 -8.27 -14.97 -28.68
CA TRP D 130 -9.03 -14.34 -29.76
C TRP D 130 -9.23 -15.29 -30.93
N ALA D 131 -8.22 -16.10 -31.24
CA ALA D 131 -8.34 -17.13 -32.27
C ALA D 131 -9.32 -18.22 -31.87
N CYS D 132 -9.35 -18.56 -30.59
CA CYS D 132 -10.30 -19.56 -30.12
C CYS D 132 -11.72 -19.04 -30.17
N ILE D 133 -11.92 -17.77 -29.83
CA ILE D 133 -13.25 -17.18 -29.89
C ILE D 133 -13.71 -17.08 -31.34
N ALA D 134 -12.85 -16.60 -32.24
CA ALA D 134 -13.24 -16.54 -33.65
C ALA D 134 -13.60 -17.92 -34.19
N GLY D 135 -12.81 -18.94 -33.84
CA GLY D 135 -13.14 -20.28 -34.27
C GLY D 135 -14.46 -20.76 -33.67
N THR D 136 -14.75 -20.32 -32.45
CA THR D 136 -16.01 -20.72 -31.81
C THR D 136 -17.20 -20.07 -32.50
N VAL D 137 -17.04 -18.82 -32.93
CA VAL D 137 -18.07 -18.17 -33.73
C VAL D 137 -18.31 -18.95 -35.00
N LEU D 138 -17.23 -19.34 -35.68
CA LEU D 138 -17.37 -20.00 -36.98
C LEU D 138 -18.02 -21.38 -36.82
N LEU D 139 -17.69 -22.06 -35.72
CA LEU D 139 -18.32 -23.33 -35.41
C LEU D 139 -19.80 -23.15 -35.12
N VAL D 140 -20.16 -22.21 -34.26
CA VAL D 140 -21.58 -22.05 -33.93
C VAL D 140 -22.37 -21.67 -35.16
N GLY D 141 -21.78 -20.86 -36.05
CA GLY D 141 -22.43 -20.49 -37.30
C GLY D 141 -22.56 -21.63 -38.30
N LEU D 142 -21.71 -22.65 -38.20
CA LEU D 142 -21.83 -23.82 -39.07
C LEU D 142 -22.78 -24.85 -38.48
N LEU D 143 -22.66 -25.09 -37.18
CA LEU D 143 -23.57 -25.96 -36.45
C LEU D 143 -25.02 -25.51 -36.55
N VAL D 144 -25.29 -24.21 -36.39
CA VAL D 144 -26.66 -23.74 -36.59
C VAL D 144 -27.28 -24.20 -37.91
N TYR D 145 -26.47 -24.28 -38.97
CA TYR D 145 -27.01 -24.75 -40.25
C TYR D 145 -27.11 -26.27 -40.33
N LEU D 146 -26.12 -26.99 -39.80
CA LEU D 146 -26.25 -28.44 -39.79
C LEU D 146 -27.36 -28.92 -38.85
N LEU D 147 -27.66 -28.15 -37.81
CA LEU D 147 -28.87 -28.36 -37.03
C LEU D 147 -30.14 -28.07 -37.83
N ASN D 148 -30.20 -26.91 -38.49
CA ASN D 148 -31.41 -26.59 -39.23
C ASN D 148 -31.67 -27.54 -40.39
N TRP D 149 -30.65 -28.26 -40.87
CA TRP D 149 -30.92 -29.20 -41.95
C TRP D 149 -31.72 -30.41 -41.46
N LEU D 150 -31.49 -30.85 -40.23
CA LEU D 150 -32.22 -32.00 -39.69
C LEU D 150 -33.70 -31.70 -39.59
N ASN D 151 -34.08 -30.73 -38.77
CA ASN D 151 -35.48 -30.45 -38.47
C ASN D 151 -35.81 -29.02 -38.80
N PRO D 152 -36.58 -28.76 -39.84
CA PRO D 152 -37.06 -27.41 -40.11
C PRO D 152 -38.34 -27.12 -39.34
N PRO D 153 -38.74 -25.87 -39.25
CA PRO D 153 -40.10 -25.56 -38.78
C PRO D 153 -41.13 -26.00 -39.79
N ARG D 154 -42.35 -26.24 -39.31
CA ARG D 154 -43.42 -26.68 -40.20
C ARG D 154 -43.86 -25.53 -41.09
N LEU D 155 -43.00 -25.14 -42.03
CA LEU D 155 -43.23 -24.00 -42.89
C LEU D 155 -42.78 -24.35 -44.31
N GLN D 156 -43.08 -23.45 -45.24
CA GLN D 156 -42.75 -23.67 -46.64
C GLN D 156 -41.26 -23.92 -46.82
N MET D 157 -40.94 -24.98 -47.56
CA MET D 157 -39.56 -25.31 -47.88
C MET D 157 -39.09 -24.53 -49.10
N GLY D 158 -37.78 -24.30 -49.17
CA GLY D 158 -37.19 -23.61 -50.31
C GLY D 158 -37.28 -22.10 -50.25
N SER D 159 -37.59 -21.52 -49.10
CA SER D 159 -37.69 -20.08 -48.97
C SER D 159 -37.31 -19.70 -47.54
N MET D 160 -37.27 -18.38 -47.29
CA MET D 160 -36.82 -17.87 -46.00
C MET D 160 -37.71 -18.32 -44.83
N THR D 161 -38.82 -19.02 -45.11
CA THR D 161 -39.51 -19.76 -44.07
C THR D 161 -38.68 -20.91 -43.51
N SER D 162 -37.59 -21.26 -44.19
CA SER D 162 -36.59 -22.18 -43.68
C SER D 162 -35.23 -21.48 -43.66
N THR D 163 -34.37 -21.92 -42.76
CA THR D 163 -33.10 -21.23 -42.52
C THR D 163 -32.22 -21.27 -43.77
N THR D 164 -31.63 -20.13 -44.12
CA THR D 164 -30.72 -20.03 -45.24
C THR D 164 -29.29 -20.32 -44.81
N LEU D 165 -28.49 -20.79 -45.76
CA LEU D 165 -27.09 -21.13 -45.50
C LEU D 165 -26.30 -19.91 -45.03
N TYR D 166 -26.64 -18.74 -45.54
CA TYR D 166 -25.81 -17.54 -45.38
C TYR D 166 -26.17 -16.77 -44.11
N ASN D 167 -27.45 -16.45 -43.94
CA ASN D 167 -27.90 -15.64 -42.81
C ASN D 167 -27.61 -16.27 -41.46
N SER D 168 -27.39 -17.59 -41.40
CA SER D 168 -27.02 -18.23 -40.14
C SER D 168 -25.79 -17.57 -39.51
N MET D 169 -24.76 -17.31 -40.33
CA MET D 169 -23.59 -16.64 -39.79
C MET D 169 -23.96 -15.24 -39.33
N TRP D 170 -24.84 -14.58 -40.04
CA TRP D 170 -25.11 -13.18 -39.75
C TRP D 170 -25.89 -13.04 -38.44
N PHE D 171 -26.80 -13.97 -38.19
CA PHE D 171 -27.48 -14.03 -36.90
C PHE D 171 -26.53 -14.38 -35.76
N VAL D 172 -25.67 -15.38 -35.95
CA VAL D 172 -24.77 -15.76 -34.87
C VAL D 172 -23.77 -14.66 -34.54
N TYR D 173 -23.25 -13.97 -35.55
CA TYR D 173 -22.38 -12.82 -35.31
C TYR D 173 -23.14 -11.66 -34.69
N GLY D 174 -24.24 -11.22 -35.29
CA GLY D 174 -24.93 -10.05 -34.80
C GLY D 174 -25.48 -10.25 -33.40
N SER D 175 -25.88 -11.48 -33.06
CA SER D 175 -26.27 -11.79 -31.70
C SER D 175 -25.08 -11.78 -30.76
N PHE D 176 -23.90 -12.23 -31.24
CA PHE D 176 -22.73 -12.16 -30.39
C PHE D 176 -22.37 -10.71 -30.06
N VAL D 177 -22.45 -9.81 -31.03
CA VAL D 177 -22.06 -8.41 -30.81
C VAL D 177 -23.27 -7.57 -30.44
N GLN D 178 -24.34 -8.23 -29.97
CA GLN D 178 -25.48 -7.57 -29.33
C GLN D 178 -26.36 -6.80 -30.30
N GLN D 179 -25.94 -6.68 -31.55
CA GLN D 179 -26.73 -5.95 -32.56
C GLN D 179 -27.63 -6.86 -33.38
N GLY D 180 -28.11 -7.96 -32.79
CA GLY D 180 -28.67 -9.05 -33.56
C GLY D 180 -30.13 -8.93 -33.96
N GLY D 181 -30.83 -7.88 -33.54
CA GLY D 181 -32.24 -7.77 -33.91
C GLY D 181 -33.06 -8.89 -33.31
N GLU D 182 -33.86 -9.55 -34.15
CA GLU D 182 -34.68 -10.69 -33.75
C GLU D 182 -34.24 -11.93 -34.51
N VAL D 183 -33.83 -12.96 -33.78
CA VAL D 183 -33.46 -14.23 -34.40
C VAL D 183 -34.74 -14.94 -34.86
N PRO D 184 -34.82 -15.38 -36.12
CA PRO D 184 -36.08 -15.91 -36.65
C PRO D 184 -36.36 -17.36 -36.29
N TYR D 185 -35.45 -18.05 -35.62
CA TYR D 185 -35.63 -19.47 -35.34
C TYR D 185 -36.66 -19.67 -34.24
N THR D 186 -37.47 -20.72 -34.40
CA THR D 186 -38.57 -20.99 -33.46
C THR D 186 -38.64 -22.44 -32.99
N THR D 187 -37.89 -23.35 -33.58
CA THR D 187 -37.86 -24.72 -33.09
C THR D 187 -37.12 -24.79 -31.76
N LEU D 188 -37.32 -25.90 -31.05
CA LEU D 188 -36.76 -26.01 -29.70
C LEU D 188 -35.24 -26.03 -29.73
N ALA D 189 -34.66 -26.86 -30.61
CA ALA D 189 -33.21 -27.04 -30.59
C ALA D 189 -32.48 -25.73 -30.89
N THR D 190 -33.07 -24.89 -31.71
CA THR D 190 -32.41 -23.67 -32.18
C THR D 190 -32.58 -22.52 -31.20
N ARG D 191 -33.75 -22.39 -30.58
CA ARG D 191 -33.89 -21.48 -29.45
C ARG D 191 -33.01 -21.90 -28.28
N MET D 192 -32.82 -23.21 -28.08
CA MET D 192 -31.89 -23.68 -27.06
C MET D 192 -30.47 -23.25 -27.37
N MET D 193 -30.02 -23.49 -28.60
CA MET D 193 -28.64 -23.21 -28.93
C MET D 193 -28.38 -21.71 -28.93
N MET D 194 -29.28 -20.93 -29.52
CA MET D 194 -29.10 -19.49 -29.48
C MET D 194 -29.14 -18.94 -28.06
N GLY D 195 -29.97 -19.52 -27.18
CA GLY D 195 -29.96 -19.08 -25.79
C GLY D 195 -28.64 -19.33 -25.11
N ALA D 196 -28.04 -20.49 -25.37
CA ALA D 196 -26.73 -20.75 -24.79
C ALA D 196 -25.67 -19.86 -25.42
N TRP D 197 -25.85 -19.51 -26.68
CA TRP D 197 -24.91 -18.61 -27.33
C TRP D 197 -25.00 -17.21 -26.76
N TRP D 198 -26.21 -16.75 -26.46
CA TRP D 198 -26.41 -15.44 -25.83
C TRP D 198 -25.82 -15.40 -24.43
N LEU D 199 -25.91 -16.50 -23.69
CA LEU D 199 -25.21 -16.58 -22.40
C LEU D 199 -23.70 -16.53 -22.58
N PHE D 200 -23.17 -17.27 -23.55
CA PHE D 200 -21.74 -17.24 -23.81
C PHE D 200 -21.29 -15.84 -24.23
N ALA D 201 -22.08 -15.17 -25.05
CA ALA D 201 -21.76 -13.82 -25.50
C ALA D 201 -21.71 -12.85 -24.34
N LEU D 202 -22.72 -12.87 -23.47
CA LEU D 202 -22.72 -11.98 -22.32
C LEU D 202 -21.52 -12.25 -21.40
N ILE D 203 -21.19 -13.52 -21.19
CA ILE D 203 -20.08 -13.85 -20.31
C ILE D 203 -18.75 -13.37 -20.91
N VAL D 204 -18.57 -13.56 -22.22
CA VAL D 204 -17.36 -13.08 -22.89
C VAL D 204 -17.26 -11.56 -22.82
N ILE D 205 -18.34 -10.86 -23.18
CA ILE D 205 -18.28 -9.40 -23.21
C ILE D 205 -18.03 -8.85 -21.81
N SER D 206 -18.63 -9.46 -20.79
CA SER D 206 -18.39 -8.99 -19.44
C SER D 206 -16.95 -9.26 -19.01
N SER D 207 -16.41 -10.42 -19.38
CA SER D 207 -15.03 -10.70 -18.98
C SER D 207 -14.04 -9.80 -19.70
N TYR D 208 -14.34 -9.43 -20.95
CA TYR D 208 -13.52 -8.44 -21.65
C TYR D 208 -13.55 -7.09 -20.94
N THR D 209 -14.74 -6.58 -20.65
CA THR D 209 -14.86 -5.31 -19.95
C THR D 209 -14.15 -5.34 -18.61
N ALA D 210 -14.28 -6.45 -17.88
CA ALA D 210 -13.67 -6.56 -16.57
C ALA D 210 -12.15 -6.63 -16.64
N ASN D 211 -11.60 -7.41 -17.56
CA ASN D 211 -10.16 -7.54 -17.56
C ASN D 211 -9.45 -6.43 -18.31
N LEU D 212 -10.16 -5.69 -19.17
CA LEU D 212 -9.68 -4.38 -19.60
C LEU D 212 -9.63 -3.41 -18.42
N ALA D 213 -10.68 -3.42 -17.59
CA ALA D 213 -10.71 -2.51 -16.45
C ALA D 213 -9.60 -2.84 -15.45
N ALA D 214 -9.37 -4.13 -15.21
CA ALA D 214 -8.27 -4.55 -14.37
C ALA D 214 -6.91 -4.19 -14.96
N PHE D 215 -6.74 -4.33 -16.28
CA PHE D 215 -5.45 -3.97 -16.87
C PHE D 215 -5.21 -2.47 -16.77
N LEU D 216 -6.26 -1.66 -16.96
CA LEU D 216 -6.19 -0.21 -16.78
C LEU D 216 -5.95 0.20 -15.33
N THR D 217 -6.48 -0.55 -14.37
CA THR D 217 -6.36 -0.15 -12.97
C THR D 217 -5.14 -0.74 -12.29
N ILE D 218 -4.54 -1.78 -12.87
CA ILE D 218 -3.24 -2.24 -12.41
C ILE D 218 -2.14 -1.44 -13.08
N THR D 219 -2.36 -1.03 -14.33
CA THR D 219 -1.69 0.15 -14.85
C THR D 219 -2.20 1.37 -14.09
N ARG D 220 -1.61 2.53 -14.37
CA ARG D 220 -1.85 3.74 -13.58
C ARG D 220 -1.54 3.51 -12.10
N ILE D 221 -0.71 2.52 -11.79
CA ILE D 221 -0.02 2.50 -10.51
C ILE D 221 1.47 2.35 -10.75
N GLU D 222 1.87 1.22 -11.30
CA GLU D 222 3.23 0.71 -11.16
C GLU D 222 4.17 1.29 -12.23
N SER D 223 4.38 2.61 -12.11
CA SER D 223 5.44 3.28 -12.86
C SER D 223 5.95 4.41 -11.95
N SER D 224 7.01 4.12 -11.20
CA SER D 224 7.36 4.98 -10.07
C SER D 224 8.85 5.15 -9.85
N ILE D 225 9.72 4.73 -10.76
CA ILE D 225 11.16 4.75 -10.49
C ILE D 225 11.66 6.18 -10.65
N GLN D 226 11.64 6.94 -9.55
CA GLN D 226 12.02 8.35 -9.57
C GLN D 226 12.87 8.75 -8.36
N SER D 227 13.28 7.80 -7.52
CA SER D 227 14.07 8.12 -6.34
C SER D 227 14.85 6.88 -5.93
N LEU D 228 15.85 7.10 -5.06
CA LEU D 228 16.66 5.99 -4.57
C LEU D 228 15.84 5.00 -3.76
N GLN D 229 14.79 5.47 -3.08
CA GLN D 229 13.89 4.56 -2.37
C GLN D 229 13.17 3.63 -3.33
N ASP D 230 12.62 4.19 -4.41
CA ASP D 230 11.95 3.38 -5.42
C ASP D 230 12.92 2.44 -6.12
N LEU D 231 14.07 2.96 -6.55
CA LEU D 231 15.06 2.15 -7.25
C LEU D 231 15.64 1.05 -6.35
N SER D 232 15.69 1.27 -5.05
CA SER D 232 16.16 0.23 -4.14
C SER D 232 15.07 -0.75 -3.71
N LYS D 233 13.81 -0.32 -3.72
CA LYS D 233 12.72 -1.26 -3.43
C LYS D 233 12.52 -2.23 -4.57
N GLN D 234 12.68 -1.78 -5.81
CA GLN D 234 12.55 -2.68 -6.95
C GLN D 234 13.75 -3.62 -7.04
N THR D 235 13.56 -4.72 -7.77
CA THR D 235 14.61 -5.71 -7.96
C THR D 235 14.76 -6.13 -9.42
N GLU D 236 14.10 -5.44 -10.35
CA GLU D 236 14.14 -5.84 -11.75
C GLU D 236 15.35 -5.28 -12.49
N ILE D 237 15.88 -4.14 -12.05
CA ILE D 237 17.07 -3.53 -12.63
C ILE D 237 18.19 -3.60 -11.61
N PRO D 238 19.32 -4.24 -11.93
CA PRO D 238 20.44 -4.26 -10.98
C PRO D 238 21.23 -2.97 -11.00
N TYR D 239 21.87 -2.68 -9.87
CA TYR D 239 22.64 -1.46 -9.71
C TYR D 239 23.88 -1.73 -8.88
N GLY D 240 24.92 -0.93 -9.13
CA GLY D 240 26.18 -1.11 -8.45
C GLY D 240 27.01 0.16 -8.52
N THR D 241 28.18 0.11 -7.90
CA THR D 241 29.03 1.29 -7.77
C THR D 241 30.49 0.88 -7.95
N VAL D 242 31.37 1.88 -8.00
CA VAL D 242 32.80 1.63 -8.11
C VAL D 242 33.34 1.20 -6.74
N LEU D 243 34.08 0.09 -6.73
CA LEU D 243 34.74 -0.34 -5.51
C LEU D 243 35.83 0.63 -5.11
N ASP D 244 36.25 0.53 -3.85
CA ASP D 244 37.24 1.42 -3.24
C ASP D 244 36.85 2.88 -3.44
N SER D 245 35.65 3.21 -2.95
CA SER D 245 35.10 4.55 -3.10
C SER D 245 34.33 4.91 -1.83
N ALA D 246 34.29 6.22 -1.55
CA ALA D 246 33.48 6.71 -0.44
C ALA D 246 32.00 6.43 -0.63
N VAL D 247 31.55 6.24 -1.88
CA VAL D 247 30.15 5.89 -2.13
C VAL D 247 29.86 4.48 -1.64
N TYR D 248 30.72 3.52 -2.00
CA TYR D 248 30.60 2.16 -1.47
C TYR D 248 30.71 2.15 0.05
N GLU D 249 31.68 2.89 0.60
CA GLU D 249 31.82 2.94 2.06
C GLU D 249 30.57 3.53 2.72
N HIS D 250 29.96 4.53 2.09
CA HIS D 250 28.74 5.13 2.62
C HIS D 250 27.57 4.16 2.59
N VAL D 251 27.40 3.45 1.48
CA VAL D 251 26.37 2.42 1.42
C VAL D 251 26.62 1.33 2.45
N ARG D 252 27.88 0.94 2.64
CA ARG D 252 28.23 -0.03 3.68
C ARG D 252 27.84 0.47 5.07
N MET D 253 28.19 1.71 5.38
CA MET D 253 27.90 2.29 6.70
C MET D 253 26.40 2.39 6.95
N LYS D 254 25.66 3.00 6.04
CA LYS D 254 24.22 3.10 6.21
C LYS D 254 23.51 1.74 6.17
N GLY D 255 24.07 0.77 5.46
CA GLY D 255 23.47 -0.55 5.40
C GLY D 255 23.70 -1.42 6.63
N LEU D 256 24.88 -1.32 7.23
CA LEU D 256 25.21 -2.13 8.38
C LEU D 256 24.83 -1.50 9.71
N ASN D 257 24.78 -0.18 9.79
CA ASN D 257 24.43 0.48 11.05
C ASN D 257 22.97 0.18 11.37
N PRO D 258 22.66 -0.50 12.48
CA PRO D 258 21.27 -0.88 12.76
C PRO D 258 20.37 0.29 13.11
N PHE D 259 20.93 1.43 13.50
CA PHE D 259 20.11 2.59 13.83
C PHE D 259 19.58 3.31 12.60
N GLU D 260 20.06 2.97 11.40
CA GLU D 260 19.41 3.43 10.18
C GLU D 260 18.13 2.63 9.97
N ARG D 261 17.03 3.09 10.56
CA ARG D 261 15.77 2.37 10.54
C ARG D 261 15.02 2.49 9.22
N ASP D 262 15.66 2.99 8.16
CA ASP D 262 15.07 3.02 6.84
C ASP D 262 15.62 1.89 5.99
N SER D 263 14.73 1.15 5.33
CA SER D 263 15.12 -0.06 4.63
C SER D 263 15.92 0.22 3.36
N MET D 264 15.72 1.40 2.76
CA MET D 264 16.34 1.78 1.50
C MET D 264 17.83 1.39 1.42
N TYR D 265 18.62 1.90 2.38
CA TYR D 265 20.05 1.65 2.38
C TYR D 265 20.39 0.19 2.65
N SER D 266 19.61 -0.49 3.49
CA SER D 266 19.83 -1.92 3.71
C SER D 266 19.63 -2.72 2.44
N GLN D 267 18.59 -2.40 1.66
CA GLN D 267 18.36 -3.13 0.42
C GLN D 267 19.32 -2.71 -0.70
N MET D 268 19.80 -1.47 -0.65
CA MET D 268 20.94 -1.10 -1.48
C MET D 268 22.14 -1.98 -1.17
N TRP D 269 22.53 -2.07 0.10
CA TRP D 269 23.70 -2.86 0.46
C TRP D 269 23.50 -4.32 0.08
N ARG D 270 22.30 -4.86 0.32
CA ARG D 270 21.98 -6.24 -0.01
C ARG D 270 21.98 -6.52 -1.51
N MET D 271 21.77 -5.50 -2.34
CA MET D 271 21.99 -5.69 -3.78
C MET D 271 23.46 -5.52 -4.17
N ILE D 272 24.11 -4.44 -3.70
CA ILE D 272 25.46 -4.13 -4.14
C ILE D 272 26.46 -5.18 -3.65
N ASN D 273 26.23 -5.76 -2.47
CA ASN D 273 27.17 -6.70 -1.88
C ASN D 273 26.96 -8.13 -2.35
N ARG D 274 26.28 -8.33 -3.48
CA ARG D 274 26.18 -9.66 -4.06
C ARG D 274 27.58 -10.20 -4.37
N SER D 275 27.77 -11.50 -4.11
CA SER D 275 28.96 -12.23 -4.53
C SER D 275 30.24 -11.54 -4.06
N ASN D 276 30.30 -11.27 -2.75
CA ASN D 276 31.38 -10.48 -2.15
C ASN D 276 31.55 -9.11 -2.81
N GLY D 277 30.48 -8.58 -3.40
CA GLY D 277 30.56 -7.34 -4.14
C GLY D 277 31.20 -7.44 -5.51
N SER D 278 31.61 -8.63 -5.93
CA SER D 278 32.28 -8.78 -7.21
C SER D 278 31.31 -8.88 -8.39
N GLU D 279 30.02 -9.05 -8.13
CA GLU D 279 29.06 -9.31 -9.20
C GLU D 279 28.61 -8.01 -9.88
N ASN D 280 28.08 -7.07 -9.11
CA ASN D 280 27.44 -5.88 -9.67
C ASN D 280 28.39 -4.70 -9.83
N ASN D 281 29.54 -4.70 -9.16
CA ASN D 281 30.36 -3.51 -9.09
C ASN D 281 31.35 -3.44 -10.25
N VAL D 282 32.00 -2.28 -10.38
CA VAL D 282 32.95 -2.01 -11.44
C VAL D 282 34.16 -1.31 -10.85
N LEU D 283 35.25 -1.26 -11.63
CA LEU D 283 36.47 -0.59 -11.21
C LEU D 283 36.66 0.79 -11.81
N GLU D 284 35.82 1.18 -12.78
CA GLU D 284 35.97 2.47 -13.44
C GLU D 284 34.61 3.12 -13.62
N SER D 285 34.58 4.44 -13.44
CA SER D 285 33.35 5.21 -13.69
C SER D 285 32.95 5.15 -15.16
N GLN D 286 33.93 5.23 -16.05
CA GLN D 286 33.65 5.09 -17.48
C GLN D 286 33.07 3.72 -17.79
N ALA D 287 33.58 2.67 -17.13
CA ALA D 287 33.02 1.34 -17.30
C ALA D 287 31.59 1.27 -16.81
N GLY D 288 31.28 1.92 -15.69
CA GLY D 288 29.90 2.02 -15.23
C GLY D 288 28.99 2.70 -16.23
N ILE D 289 29.41 3.88 -16.70
CA ILE D 289 28.63 4.63 -17.67
C ILE D 289 28.36 3.81 -18.94
N GLN D 290 29.40 3.18 -19.48
CA GLN D 290 29.23 2.35 -20.66
C GLN D 290 28.36 1.13 -20.39
N LYS D 291 28.50 0.49 -19.23
CA LYS D 291 27.66 -0.64 -18.88
C LYS D 291 26.19 -0.25 -18.77
N VAL D 292 25.91 0.95 -18.27
CA VAL D 292 24.55 1.50 -18.34
C VAL D 292 24.13 1.73 -19.79
N LYS D 293 25.00 2.34 -20.59
CA LYS D 293 24.60 2.71 -21.96
C LYS D 293 24.36 1.48 -22.84
N TYR D 294 25.05 0.38 -22.58
CA TYR D 294 24.99 -0.79 -23.45
C TYR D 294 24.37 -2.02 -22.80
N GLY D 295 23.85 -1.90 -21.58
CA GLY D 295 23.27 -3.04 -20.90
C GLY D 295 22.25 -2.61 -19.87
N ASN D 296 21.62 -3.60 -19.24
CA ASN D 296 20.68 -3.37 -18.15
C ASN D 296 21.48 -3.16 -16.87
N TYR D 297 21.77 -1.90 -16.57
CA TYR D 297 22.60 -1.57 -15.42
C TYR D 297 22.29 -0.14 -14.98
N ALA D 298 22.55 0.14 -13.71
CA ALA D 298 22.46 1.49 -13.18
C ALA D 298 23.70 1.79 -12.34
N PHE D 299 24.25 2.99 -12.51
CA PHE D 299 25.54 3.35 -11.97
C PHE D 299 25.38 4.39 -10.87
N VAL D 300 25.92 4.11 -9.69
CA VAL D 300 25.73 4.94 -8.50
C VAL D 300 27.02 5.72 -8.27
N TRP D 301 26.91 7.05 -8.24
CA TRP D 301 28.09 7.89 -8.08
C TRP D 301 27.65 9.27 -7.59
N ASP D 302 28.57 10.23 -7.65
CA ASP D 302 28.26 11.62 -7.31
C ASP D 302 27.23 12.18 -8.28
N ALA D 303 26.11 12.65 -7.72
CA ALA D 303 25.02 13.17 -8.56
C ALA D 303 25.48 14.32 -9.45
N ALA D 304 26.39 15.16 -8.96
CA ALA D 304 26.96 16.21 -9.79
C ALA D 304 27.66 15.66 -11.02
N VAL D 305 28.49 14.62 -10.84
CA VAL D 305 29.20 14.01 -11.95
C VAL D 305 28.22 13.32 -12.90
N LEU D 306 27.30 12.54 -12.37
CA LEU D 306 26.39 11.80 -13.23
C LEU D 306 25.49 12.74 -14.00
N GLU D 307 25.01 13.80 -13.36
CA GLU D 307 24.19 14.78 -14.06
C GLU D 307 24.98 15.55 -15.11
N TYR D 308 26.27 15.82 -14.86
CA TYR D 308 27.12 16.40 -15.89
C TYR D 308 27.26 15.48 -17.09
N VAL D 309 27.42 14.18 -16.84
CA VAL D 309 27.44 13.19 -17.93
C VAL D 309 26.11 13.18 -18.68
N ALA D 310 25.00 13.17 -17.94
CA ALA D 310 23.68 13.13 -18.56
C ALA D 310 23.44 14.37 -19.43
N ILE D 311 23.88 15.54 -18.97
CA ILE D 311 23.74 16.75 -19.76
C ILE D 311 24.63 16.68 -21.00
N ASN D 312 25.84 16.16 -20.87
CA ASN D 312 26.78 16.20 -21.98
C ASN D 312 26.66 15.02 -22.93
N ASP D 313 25.91 13.98 -22.57
CA ASP D 313 25.65 12.87 -23.48
C ASP D 313 24.96 13.37 -24.74
N PRO D 314 25.62 13.31 -25.90
CA PRO D 314 25.03 13.89 -27.12
C PRO D 314 23.81 13.13 -27.61
N ASP D 315 23.61 11.89 -27.19
CA ASP D 315 22.48 11.09 -27.64
C ASP D 315 21.22 11.34 -26.83
N CYS D 316 21.29 12.06 -25.71
CA CYS D 316 20.19 12.19 -24.77
C CYS D 316 19.67 10.82 -24.34
N SER D 317 20.60 9.86 -24.22
CA SER D 317 20.22 8.48 -23.93
C SER D 317 20.01 8.23 -22.44
N PHE D 318 20.68 8.99 -21.58
CA PHE D 318 20.60 8.74 -20.14
C PHE D 318 19.48 9.55 -19.49
N TYR D 319 19.13 9.15 -18.28
CA TYR D 319 18.45 10.00 -17.31
C TYR D 319 19.04 9.74 -15.94
N THR D 320 18.79 10.65 -15.00
CA THR D 320 19.43 10.58 -13.70
C THR D 320 18.49 11.01 -12.58
N ILE D 321 18.71 10.43 -11.41
CA ILE D 321 17.92 10.65 -10.20
C ILE D 321 18.88 10.87 -9.05
N GLY D 322 18.46 11.71 -8.10
CA GLY D 322 19.30 11.99 -6.95
C GLY D 322 18.55 12.34 -5.68
N ASN D 323 19.02 11.78 -4.57
CA ASN D 323 18.36 11.94 -3.29
C ASN D 323 18.69 13.28 -2.64
N THR D 324 17.78 13.75 -1.79
CA THR D 324 18.03 14.91 -0.94
C THR D 324 19.05 14.51 0.12
N VAL D 325 20.29 14.94 -0.06
CA VAL D 325 21.42 14.41 0.71
C VAL D 325 22.11 15.55 1.43
N ALA D 326 22.56 15.27 2.65
CA ALA D 326 23.29 16.21 3.48
C ALA D 326 24.44 15.50 4.18
N ASP D 327 24.98 16.12 5.24
CA ASP D 327 26.06 15.57 6.05
C ASP D 327 27.38 15.54 5.31
N ARG D 328 27.37 15.92 4.03
CA ARG D 328 28.60 16.07 3.27
C ARG D 328 28.44 17.25 2.31
N GLY D 329 29.58 17.76 1.87
CA GLY D 329 29.59 18.75 0.81
C GLY D 329 31.01 19.01 0.35
N TYR D 330 31.12 19.48 -0.88
CA TYR D 330 32.42 19.85 -1.41
C TYR D 330 32.91 21.13 -0.75
N GLY D 331 34.22 21.20 -0.52
CA GLY D 331 34.80 22.31 0.22
C GLY D 331 36.20 22.62 -0.24
N ILE D 332 36.66 23.80 0.17
CA ILE D 332 38.03 24.23 -0.03
C ILE D 332 38.78 23.99 1.28
N ALA D 333 39.92 23.30 1.20
CA ALA D 333 40.70 22.92 2.36
C ALA D 333 42.04 23.64 2.36
N LEU D 334 42.55 23.89 3.56
CA LEU D 334 43.76 24.69 3.75
C LEU D 334 44.63 24.02 4.80
N GLN D 335 45.88 24.49 4.87
CA GLN D 335 46.79 24.06 5.93
C GLN D 335 46.19 24.35 7.30
N HIS D 336 46.42 23.43 8.24
CA HIS D 336 45.86 23.56 9.58
C HIS D 336 46.34 24.85 10.24
N GLY D 337 45.39 25.65 10.73
CA GLY D 337 45.69 26.93 11.34
C GLY D 337 45.89 28.07 10.39
N SER D 338 45.62 27.88 9.09
CA SER D 338 45.78 28.96 8.13
C SER D 338 44.79 30.08 8.42
N PRO D 339 45.23 31.34 8.40
CA PRO D 339 44.31 32.45 8.71
C PRO D 339 43.23 32.65 7.67
N TYR D 340 43.44 32.22 6.43
CA TYR D 340 42.51 32.51 5.34
C TYR D 340 41.19 31.77 5.48
N ARG D 341 41.15 30.74 6.32
CA ARG D 341 39.92 29.97 6.56
C ARG D 341 38.70 30.87 6.75
N ASP D 342 38.84 31.91 7.57
CA ASP D 342 37.71 32.78 7.85
C ASP D 342 37.34 33.64 6.64
N VAL D 343 38.34 34.26 6.01
CA VAL D 343 38.07 35.11 4.86
C VAL D 343 37.46 34.32 3.70
N PHE D 344 38.01 33.13 3.42
CA PHE D 344 37.40 32.26 2.42
C PHE D 344 35.98 31.86 2.79
N SER D 345 35.76 31.40 4.02
CA SER D 345 34.41 30.97 4.39
C SER D 345 33.42 32.10 4.26
N GLN D 346 33.80 33.30 4.72
CA GLN D 346 32.97 34.50 4.56
C GLN D 346 32.65 34.76 3.09
N ARG D 347 33.66 34.77 2.22
CA ARG D 347 33.40 35.09 0.82
C ARG D 347 32.57 34.02 0.14
N ILE D 348 32.78 32.75 0.51
CA ILE D 348 31.97 31.67 -0.04
C ILE D 348 30.50 31.80 0.35
N LEU D 349 30.24 32.14 1.62
CA LEU D 349 28.87 32.43 2.04
C LEU D 349 28.30 33.65 1.32
N GLU D 350 29.10 34.71 1.14
CA GLU D 350 28.64 35.86 0.38
C GLU D 350 28.23 35.46 -1.04
N LEU D 351 29.06 34.65 -1.70
CA LEU D 351 28.74 34.17 -3.04
C LEU D 351 27.47 33.34 -3.06
N GLN D 352 27.28 32.47 -2.07
CA GLN D 352 26.05 31.68 -2.00
C GLN D 352 24.82 32.55 -1.81
N GLN D 353 24.83 33.43 -0.80
CA GLN D 353 23.63 34.19 -0.48
C GLN D 353 23.39 35.34 -1.44
N ASN D 354 24.39 35.77 -2.22
CA ASN D 354 24.15 36.74 -3.28
C ASN D 354 23.48 36.13 -4.50
N GLY D 355 23.50 34.81 -4.63
CA GLY D 355 23.11 34.15 -5.85
C GLY D 355 24.17 34.13 -6.93
N ASP D 356 25.33 34.74 -6.67
CA ASP D 356 26.46 34.63 -7.59
C ASP D 356 26.88 33.18 -7.77
N MET D 357 26.78 32.37 -6.72
CA MET D 357 27.10 30.96 -6.83
C MET D 357 26.11 30.22 -7.73
N ASP D 358 24.86 30.65 -7.78
CA ASP D 358 23.92 30.07 -8.74
C ASP D 358 24.31 30.41 -10.18
N ILE D 359 24.73 31.65 -10.43
CA ILE D 359 25.17 32.06 -11.75
C ILE D 359 26.41 31.27 -12.17
N LEU D 360 27.39 31.17 -11.27
CA LEU D 360 28.56 30.36 -11.55
C LEU D 360 28.19 28.91 -11.83
N LYS D 361 27.35 28.31 -10.97
CA LYS D 361 27.01 26.90 -11.11
C LYS D 361 26.29 26.63 -12.42
N HIS D 362 25.47 27.58 -12.89
CA HIS D 362 24.78 27.42 -14.16
C HIS D 362 25.73 27.23 -15.33
N LYS D 363 26.99 27.67 -15.21
CA LYS D 363 27.96 27.50 -16.28
C LYS D 363 28.29 26.04 -16.56
N TRP D 364 28.05 25.13 -15.61
CA TRP D 364 28.41 23.74 -15.79
C TRP D 364 27.26 22.76 -15.65
N TRP D 365 26.17 23.15 -15.00
CA TRP D 365 24.93 22.36 -14.98
C TRP D 365 23.81 23.27 -15.44
N PRO D 366 23.70 23.53 -16.75
CA PRO D 366 22.65 24.40 -17.25
C PRO D 366 21.27 23.80 -17.05
N LYS D 367 20.30 24.66 -16.73
CA LYS D 367 18.94 24.19 -16.53
C LYS D 367 18.27 23.88 -17.86
N ASN D 368 18.50 24.73 -18.88
CA ASN D 368 17.93 24.53 -20.21
C ASN D 368 18.77 23.55 -21.02
N GLY D 369 18.88 22.34 -20.49
CA GLY D 369 19.68 21.31 -21.12
C GLY D 369 19.10 20.86 -22.45
N GLN D 370 19.94 20.15 -23.21
CA GLN D 370 19.54 19.64 -24.51
C GLN D 370 18.63 18.42 -24.41
N CYS D 371 18.43 17.86 -23.22
CA CYS D 371 17.76 16.58 -23.08
C CYS D 371 16.81 16.63 -21.88
N ASP D 372 15.83 15.74 -21.90
CA ASP D 372 14.97 15.50 -20.75
C ASP D 372 15.59 14.41 -19.90
N LEU D 373 16.00 14.77 -18.68
CA LEU D 373 16.83 13.91 -17.86
C LEU D 373 16.23 13.55 -16.51
N TYR D 374 14.99 13.97 -16.23
CA TYR D 374 14.51 14.03 -14.86
C TYR D 374 13.33 13.12 -14.56
N SER D 375 12.86 12.31 -15.51
CA SER D 375 11.75 11.42 -15.24
C SER D 375 11.85 10.18 -16.12
N SER D 376 11.47 9.04 -15.53
CA SER D 376 11.30 7.80 -16.27
C SER D 376 9.87 7.60 -16.77
N VAL D 377 8.93 8.45 -16.38
CA VAL D 377 7.53 8.30 -16.72
C VAL D 377 6.97 9.63 -17.20
N ASP D 378 5.80 9.56 -17.83
CA ASP D 378 5.21 10.72 -18.47
C ASP D 378 4.78 11.77 -17.44
N THR D 379 4.70 13.02 -17.90
CA THR D 379 4.28 14.13 -17.08
C THR D 379 2.77 14.36 -17.11
N LYS D 380 2.01 13.41 -17.67
CA LYS D 380 0.56 13.50 -17.69
C LYS D 380 -0.02 13.50 -16.27
N GLN D 381 -1.32 13.79 -16.20
CA GLN D 381 -2.00 13.99 -14.92
C GLN D 381 -1.98 12.72 -14.08
N LYS D 382 -2.28 12.89 -12.79
CA LYS D 382 -2.26 11.79 -11.85
C LYS D 382 -3.23 10.67 -12.20
N GLY D 383 -4.29 10.97 -12.94
CA GLY D 383 -5.22 9.93 -13.37
C GLY D 383 -4.95 9.40 -14.76
N GLY D 384 -4.87 10.30 -15.74
CA GLY D 384 -4.58 9.89 -17.11
C GLY D 384 -5.81 9.50 -17.87
N ALA D 385 -6.16 10.26 -18.90
CA ALA D 385 -7.28 9.91 -19.77
C ALA D 385 -6.81 9.05 -20.93
N LEU D 386 -7.74 8.29 -21.49
CA LEU D 386 -7.47 7.61 -22.73
C LEU D 386 -7.27 8.63 -23.85
N ASP D 387 -6.47 8.26 -24.85
CA ASP D 387 -5.99 9.22 -25.83
C ASP D 387 -6.06 8.61 -27.22
N ILE D 388 -5.85 9.47 -28.22
CA ILE D 388 -5.89 9.05 -29.62
C ILE D 388 -4.82 8.00 -29.89
N LYS D 389 -3.61 8.25 -29.41
CA LYS D 389 -2.48 7.37 -29.68
C LYS D 389 -2.59 6.03 -28.96
N SER D 390 -3.42 5.94 -27.92
CA SER D 390 -3.65 4.65 -27.29
C SER D 390 -4.76 3.88 -27.99
N PHE D 391 -5.80 4.56 -28.47
CA PHE D 391 -6.90 3.89 -29.13
C PHE D 391 -6.59 3.50 -30.57
N ALA D 392 -5.48 3.98 -31.13
CA ALA D 392 -5.21 3.87 -32.56
C ALA D 392 -5.37 2.45 -33.09
N GLY D 393 -5.14 1.45 -32.24
CA GLY D 393 -5.40 0.09 -32.64
C GLY D 393 -6.83 -0.16 -33.08
N VAL D 394 -7.80 0.39 -32.36
CA VAL D 394 -9.19 0.07 -32.71
C VAL D 394 -9.60 0.77 -33.98
N PHE D 395 -9.05 1.96 -34.23
CA PHE D 395 -9.24 2.61 -35.52
C PHE D 395 -8.56 1.85 -36.65
N CYS D 396 -7.46 1.14 -36.38
CA CYS D 396 -6.91 0.25 -37.39
C CYS D 396 -7.78 -0.98 -37.61
N ILE D 397 -8.33 -1.54 -36.54
CA ILE D 397 -9.29 -2.65 -36.67
C ILE D 397 -10.50 -2.23 -37.49
N LEU D 398 -10.98 -1.00 -37.28
CA LEU D 398 -12.07 -0.49 -38.11
C LEU D 398 -11.63 -0.26 -39.55
N ALA D 399 -10.45 0.32 -39.76
CA ALA D 399 -9.95 0.57 -41.10
C ALA D 399 -9.81 -0.70 -41.91
N ALA D 400 -9.40 -1.80 -41.27
CA ALA D 400 -9.31 -3.07 -41.99
C ALA D 400 -10.68 -3.52 -42.49
N GLY D 401 -11.73 -3.32 -41.69
CA GLY D 401 -13.07 -3.68 -42.14
C GLY D 401 -13.59 -2.75 -43.22
N ILE D 402 -13.25 -1.47 -43.12
CA ILE D 402 -13.56 -0.51 -44.18
C ILE D 402 -12.93 -0.96 -45.49
N VAL D 403 -11.62 -1.19 -45.47
CA VAL D 403 -10.89 -1.55 -46.69
C VAL D 403 -11.41 -2.86 -47.27
N LEU D 404 -11.71 -3.84 -46.41
CA LEU D 404 -12.25 -5.11 -46.87
C LEU D 404 -13.62 -4.95 -47.53
N SER D 405 -14.53 -4.19 -46.91
CA SER D 405 -15.84 -3.98 -47.53
C SER D 405 -15.77 -3.13 -48.79
N CYS D 406 -14.89 -2.12 -48.81
CA CYS D 406 -14.65 -1.34 -50.03
C CYS D 406 -14.07 -2.18 -51.16
N PHE D 407 -13.20 -3.15 -50.84
CA PHE D 407 -12.79 -4.15 -51.82
C PHE D 407 -13.97 -5.02 -52.27
N ILE D 408 -14.78 -5.49 -51.33
CA ILE D 408 -15.85 -6.40 -51.71
C ILE D 408 -16.83 -5.70 -52.64
N ALA D 409 -17.16 -4.44 -52.37
CA ALA D 409 -18.02 -3.65 -53.24
C ALA D 409 -17.47 -3.50 -54.66
N MET D 410 -16.17 -3.72 -54.84
CA MET D 410 -15.53 -3.60 -56.15
C MET D 410 -15.27 -4.95 -56.80
N LEU D 411 -15.31 -6.02 -56.02
CA LEU D 411 -15.52 -7.35 -56.59
C LEU D 411 -16.94 -7.52 -57.10
N GLU D 412 -17.93 -7.08 -56.33
CA GLU D 412 -19.32 -7.25 -56.74
C GLU D 412 -19.59 -6.68 -58.13
N THR D 413 -18.87 -5.62 -58.51
CA THR D 413 -19.11 -4.95 -59.79
C THR D 413 -18.61 -5.78 -60.96
N TRP D 414 -17.91 -6.88 -60.70
CA TRP D 414 -17.71 -7.93 -61.68
C TRP D 414 -18.91 -8.88 -61.75
N TRP D 415 -19.50 -9.22 -60.61
CA TRP D 415 -20.40 -10.37 -60.62
C TRP D 415 -21.72 -10.01 -61.30
N ASN D 416 -22.20 -8.79 -61.13
CA ASN D 416 -23.51 -8.43 -61.65
C ASN D 416 -23.45 -7.71 -62.99
N LYS D 417 -22.36 -7.02 -63.28
CA LYS D 417 -21.97 -6.68 -64.65
C LYS D 417 -21.56 -7.89 -65.47
N ARG D 418 -21.41 -9.06 -64.85
CA ARG D 418 -20.96 -10.24 -65.56
C ARG D 418 -22.05 -11.30 -65.71
N LYS D 419 -22.90 -11.48 -64.70
CA LYS D 419 -24.16 -12.19 -64.90
C LYS D 419 -25.13 -11.38 -65.75
N GLY D 420 -25.17 -10.07 -65.54
CA GLY D 420 -26.22 -9.23 -66.07
C GLY D 420 -27.44 -9.10 -65.19
N SER D 421 -27.36 -9.53 -63.93
CA SER D 421 -28.47 -9.43 -63.00
C SER D 421 -27.91 -9.41 -61.58
N ARG D 422 -28.76 -9.01 -60.64
CA ARG D 422 -28.39 -9.01 -59.23
C ARG D 422 -28.47 -10.42 -58.64
#